data_6ZZI
#
_entry.id   6ZZI
#
_cell.length_a   158.278
_cell.length_b   158.278
_cell.length_c   63.016
_cell.angle_alpha   90
_cell.angle_beta   90
_cell.angle_gamma   120
#
_symmetry.space_group_name_H-M   'P 3'
#
loop_
_entity.id
_entity.type
_entity.pdbx_description
1 polymer 'Dihydrolipoyllysine-residue acetyltransferase component of pyruvate dehydrogenase complex'
2 water water
#
_entity_poly.entity_id   1
_entity_poly.type   'polypeptide(L)'
_entity_poly.pdbx_seq_one_letter_code
;GSLRGTTQKVNRIREITAMKTVEALQISAQLTQLHEVDMTRVAELRKKNKPAFIEKHGVNLTYLPFFVKAVVEALVSHPN
VNASFNAKTKEMTYHSSVNLSIAVDTPAGLLTPVIHDAQDLSIPEIAKAIVDLADRSRNNKLKPNDLSGGTFTITNIGSE
GALSDTPILVPPQAGILGTGAIVKRPVVITEDGIDSIAIRQMVFLPLTYDHQVVDGADAGRFLTTIKDRLETANFEGDLQ
L
;
_entity_poly.pdbx_strand_id   A,B,C,D,E,F
#
# COMPACT_ATOMS: atom_id res chain seq x y z
N GLY A 1 27.69 13.28 7.99
CA GLY A 1 27.70 13.72 9.37
C GLY A 1 27.10 15.09 9.55
N SER A 2 27.07 15.58 10.81
CA SER A 2 26.54 16.88 11.21
C SER A 2 26.97 18.01 10.26
N LEU A 3 26.01 18.84 9.85
CA LEU A 3 26.31 19.89 8.89
C LEU A 3 26.89 21.14 9.56
N ARG A 4 26.30 21.56 10.69
CA ARG A 4 26.66 22.80 11.38
C ARG A 4 28.17 22.95 11.64
N GLY A 5 28.71 24.10 11.24
CA GLY A 5 30.12 24.39 11.45
C GLY A 5 31.05 23.71 10.47
N THR A 6 30.51 23.17 9.35
CA THR A 6 31.35 22.49 8.35
C THR A 6 31.15 23.07 6.95
N THR A 7 32.08 22.74 6.03
CA THR A 7 31.98 23.00 4.62
C THR A 7 32.03 21.64 3.93
N GLN A 8 30.99 21.30 3.15
CA GLN A 8 30.93 19.98 2.52
C GLN A 8 30.52 20.07 1.06
N LYS A 9 31.16 19.28 0.20
CA LYS A 9 30.79 19.28 -1.21
C LYS A 9 29.40 18.63 -1.35
N VAL A 10 28.51 19.24 -2.16
CA VAL A 10 27.15 18.69 -2.31
C VAL A 10 27.17 17.44 -3.23
N ASN A 11 26.13 16.61 -3.15
CA ASN A 11 26.06 15.40 -3.98
C ASN A 11 25.70 15.79 -5.45
N ARG A 12 25.72 14.83 -6.36
CA ARG A 12 25.48 15.05 -7.79
C ARG A 12 24.12 15.68 -8.07
N ILE A 13 23.05 15.21 -7.41
CA ILE A 13 21.71 15.76 -7.62
C ILE A 13 21.67 17.25 -7.22
N ARG A 14 22.22 17.59 -6.06
CA ARG A 14 22.23 18.98 -5.60
CA ARG A 14 22.24 18.97 -5.59
C ARG A 14 23.10 19.85 -6.52
N GLU A 15 24.24 19.31 -6.98
CA GLU A 15 25.13 20.07 -7.86
C GLU A 15 24.43 20.42 -9.20
N ILE A 16 23.78 19.43 -9.83
CA ILE A 16 23.06 19.64 -11.08
C ILE A 16 21.86 20.56 -10.84
N THR A 17 21.14 20.35 -9.72
CA THR A 17 19.98 21.19 -9.39
C THR A 17 20.40 22.65 -9.22
N ALA A 18 21.54 22.90 -8.57
CA ALA A 18 21.99 24.28 -8.35
C ALA A 18 22.29 24.95 -9.68
N MET A 19 22.99 24.25 -10.58
CA MET A 19 23.33 24.81 -11.88
C MET A 19 22.09 25.03 -12.74
N LYS A 20 21.21 24.02 -12.87
CA LYS A 20 20.05 24.09 -13.74
C LYS A 20 19.05 25.15 -13.30
N THR A 21 18.81 25.31 -11.98
CA THR A 21 17.82 26.28 -11.53
C THR A 21 18.32 27.71 -11.71
N VAL A 22 19.60 27.98 -11.45
CA VAL A 22 20.14 29.35 -11.64
C VAL A 22 20.05 29.72 -13.13
N GLU A 23 20.49 28.81 -13.98
CA GLU A 23 20.49 29.04 -15.41
C GLU A 23 19.06 29.11 -15.99
N ALA A 24 18.14 28.26 -15.52
CA ALA A 24 16.76 28.18 -16.05
C ALA A 24 16.09 29.54 -16.03
N LEU A 25 16.24 30.28 -14.93
CA LEU A 25 15.62 31.60 -14.78
C LEU A 25 16.20 32.64 -15.75
N GLN A 26 17.44 32.43 -16.23
CA GLN A 26 18.08 33.38 -17.15
C GLN A 26 17.88 33.02 -18.62
N ILE A 27 17.34 31.84 -18.95
CA ILE A 27 17.09 31.47 -20.35
C ILE A 27 15.57 31.31 -20.62
N SER A 28 14.73 31.87 -19.76
CA SER A 28 13.27 31.85 -19.86
C SER A 28 12.72 33.11 -19.18
N ALA A 29 11.40 33.33 -19.27
CA ALA A 29 10.77 34.48 -18.61
C ALA A 29 9.70 33.94 -17.71
N GLN A 30 10.09 33.51 -16.51
CA GLN A 30 9.15 32.85 -15.61
C GLN A 30 8.30 33.78 -14.78
N LEU A 31 7.04 33.39 -14.64
CA LEU A 31 6.07 34.04 -13.79
C LEU A 31 5.06 32.98 -13.31
N THR A 32 4.43 33.23 -12.16
CA THR A 32 3.54 32.22 -11.58
C THR A 32 2.14 32.73 -11.38
N GLN A 33 1.19 32.14 -12.10
CA GLN A 33 -0.21 32.53 -12.01
C GLN A 33 -0.90 31.59 -11.03
N LEU A 34 -1.80 32.11 -10.20
CA LEU A 34 -2.42 31.29 -9.18
C LEU A 34 -3.93 31.28 -9.29
N HIS A 35 -4.50 30.07 -9.25
CA HIS A 35 -5.94 29.86 -9.24
C HIS A 35 -6.33 29.02 -8.02
N GLU A 36 -7.58 29.14 -7.54
CA GLU A 36 -8.05 28.30 -6.43
C GLU A 36 -9.05 27.29 -7.01
N VAL A 37 -9.01 26.05 -6.52
CA VAL A 37 -9.87 24.99 -7.02
C VAL A 37 -10.57 24.30 -5.85
N ASP A 38 -11.87 24.06 -5.99
CA ASP A 38 -12.65 23.37 -4.98
C ASP A 38 -12.52 21.85 -5.21
N MET A 39 -11.76 21.16 -4.35
CA MET A 39 -11.48 19.73 -4.41
C MET A 39 -12.47 18.89 -3.61
N THR A 40 -13.56 19.48 -3.08
CA THR A 40 -14.50 18.72 -2.24
C THR A 40 -15.12 17.51 -2.95
N ARG A 41 -15.58 17.69 -4.19
CA ARG A 41 -16.19 16.56 -4.91
C ARG A 41 -15.17 15.48 -5.23
N VAL A 42 -13.91 15.84 -5.54
CA VAL A 42 -12.88 14.83 -5.76
C VAL A 42 -12.60 14.10 -4.44
N ALA A 43 -12.52 14.85 -3.33
CA ALA A 43 -12.28 14.26 -2.00
C ALA A 43 -13.38 13.25 -1.64
N GLU A 44 -14.66 13.58 -1.93
CA GLU A 44 -15.77 12.69 -1.64
C GLU A 44 -15.74 11.46 -2.55
N LEU A 45 -15.39 11.67 -3.82
CA LEU A 45 -15.33 10.56 -4.78
C LEU A 45 -14.21 9.59 -4.40
N ARG A 46 -13.07 10.15 -4.00
CA ARG A 46 -11.91 9.38 -3.59
C ARG A 46 -12.22 8.58 -2.32
N LYS A 47 -12.87 9.21 -1.33
CA LYS A 47 -13.23 8.53 -0.08
C LYS A 47 -14.22 7.38 -0.33
N LYS A 48 -15.17 7.60 -1.23
CA LYS A 48 -16.20 6.60 -1.55
C LYS A 48 -15.62 5.41 -2.32
N ASN A 49 -14.73 5.67 -3.28
CA ASN A 49 -14.24 4.62 -4.17
C ASN A 49 -12.87 4.06 -3.84
N LYS A 50 -12.17 4.59 -2.83
CA LYS A 50 -10.85 4.11 -2.46
C LYS A 50 -10.80 2.59 -2.20
N PRO A 51 -11.69 1.99 -1.35
CA PRO A 51 -11.61 0.54 -1.14
C PRO A 51 -11.77 -0.28 -2.42
N ALA A 52 -12.75 0.05 -3.28
CA ALA A 52 -12.94 -0.70 -4.53
C ALA A 52 -11.78 -0.49 -5.51
N PHE A 53 -11.15 0.69 -5.48
CA PHE A 53 -10.04 0.99 -6.37
C PHE A 53 -8.81 0.14 -6.00
N ILE A 54 -8.41 0.12 -4.71
CA ILE A 54 -7.25 -0.68 -4.32
C ILE A 54 -7.55 -2.18 -4.49
N GLU A 55 -8.81 -2.63 -4.29
CA GLU A 55 -9.17 -4.03 -4.47
C GLU A 55 -9.04 -4.45 -5.95
N LYS A 56 -9.46 -3.59 -6.89
CA LYS A 56 -9.39 -3.95 -8.30
C LYS A 56 -8.01 -3.71 -8.94
N HIS A 57 -7.40 -2.56 -8.66
CA HIS A 57 -6.15 -2.17 -9.33
C HIS A 57 -4.87 -2.46 -8.51
N GLY A 58 -5.01 -2.81 -7.24
CA GLY A 58 -3.87 -3.17 -6.42
C GLY A 58 -3.05 -2.02 -5.87
N VAL A 59 -3.40 -0.76 -6.21
CA VAL A 59 -2.67 0.40 -5.71
C VAL A 59 -3.63 1.39 -5.04
N ASN A 60 -3.12 2.19 -4.12
CA ASN A 60 -3.90 3.15 -3.38
C ASN A 60 -4.33 4.32 -4.28
N LEU A 61 -5.51 4.89 -4.03
CA LEU A 61 -6.01 6.01 -4.78
C LEU A 61 -5.75 7.31 -4.02
N THR A 62 -4.79 8.12 -4.48
CA THR A 62 -4.46 9.40 -3.86
C THR A 62 -5.07 10.56 -4.73
N TYR A 63 -4.80 11.84 -4.40
CA TYR A 63 -5.26 12.95 -5.24
C TYR A 63 -4.45 13.06 -6.53
N LEU A 64 -3.17 12.64 -6.50
CA LEU A 64 -2.27 12.83 -7.63
C LEU A 64 -2.82 12.30 -8.96
N PRO A 65 -3.39 11.07 -9.11
CA PRO A 65 -3.91 10.67 -10.43
C PRO A 65 -5.01 11.61 -10.95
N PHE A 66 -5.78 12.25 -10.06
CA PHE A 66 -6.83 13.19 -10.50
C PHE A 66 -6.19 14.45 -11.07
N PHE A 67 -5.16 15.00 -10.38
CA PHE A 67 -4.44 16.15 -10.89
C PHE A 67 -3.76 15.80 -12.23
N VAL A 68 -3.11 14.63 -12.30
CA VAL A 68 -2.42 14.19 -13.51
C VAL A 68 -3.42 14.04 -14.66
N LYS A 69 -4.55 13.36 -14.44
CA LYS A 69 -5.54 13.16 -15.51
C LYS A 69 -6.05 14.51 -16.06
N ALA A 70 -6.37 15.45 -15.16
CA ALA A 70 -6.87 16.76 -15.57
C ALA A 70 -5.80 17.56 -16.32
N VAL A 71 -4.57 17.54 -15.81
CA VAL A 71 -3.48 18.29 -16.41
C VAL A 71 -3.14 17.73 -17.79
N VAL A 72 -3.07 16.40 -17.92
CA VAL A 72 -2.74 15.78 -19.19
C VAL A 72 -3.84 16.06 -20.24
N GLU A 73 -5.12 15.98 -19.85
CA GLU A 73 -6.21 16.32 -20.79
C GLU A 73 -6.09 17.80 -21.23
N ALA A 74 -5.74 18.70 -20.30
CA ALA A 74 -5.60 20.11 -20.62
C ALA A 74 -4.38 20.36 -21.50
N LEU A 75 -3.31 19.56 -21.36
CA LEU A 75 -2.13 19.68 -22.22
C LEU A 75 -2.45 19.23 -23.65
N VAL A 76 -3.39 18.28 -23.82
CA VAL A 76 -3.85 17.87 -25.14
C VAL A 76 -4.76 18.98 -25.71
N SER A 77 -5.71 19.51 -24.93
CA SER A 77 -6.64 20.53 -25.46
C SER A 77 -6.00 21.95 -25.56
N HIS A 78 -4.86 22.17 -24.90
CA HIS A 78 -4.09 23.43 -25.00
C HIS A 78 -2.70 23.03 -25.49
N PRO A 79 -2.57 22.65 -26.78
CA PRO A 79 -1.26 22.20 -27.27
C PRO A 79 -0.18 23.28 -27.19
N ASN A 80 -0.58 24.56 -27.15
CA ASN A 80 0.33 25.71 -27.01
C ASN A 80 1.08 25.69 -25.66
N VAL A 81 0.56 24.99 -24.63
CA VAL A 81 1.23 24.86 -23.33
C VAL A 81 2.19 23.65 -23.33
N ASN A 82 1.86 22.58 -24.09
CA ASN A 82 2.73 21.40 -24.20
C ASN A 82 3.68 21.68 -25.35
N ALA A 83 4.56 22.67 -25.16
CA ALA A 83 5.36 23.18 -26.25
C ALA A 83 6.73 23.72 -25.77
N SER A 84 7.64 23.97 -26.72
CA SER A 84 8.96 24.51 -26.44
C SER A 84 9.29 25.61 -27.44
N PHE A 85 9.98 26.66 -27.00
CA PHE A 85 10.38 27.74 -27.88
C PHE A 85 11.87 27.70 -28.16
N ASN A 86 12.25 27.86 -29.43
CA ASN A 86 13.66 27.92 -29.80
C ASN A 86 13.96 29.39 -30.04
N ALA A 87 14.64 30.05 -29.10
CA ALA A 87 14.93 31.47 -29.19
C ALA A 87 15.92 31.81 -30.32
N LYS A 88 16.68 30.84 -30.84
CA LYS A 88 17.59 31.12 -31.96
C LYS A 88 16.82 31.18 -33.28
N THR A 89 15.94 30.19 -33.55
CA THR A 89 15.20 30.17 -34.81
C THR A 89 13.82 30.88 -34.73
N LYS A 90 13.37 31.26 -33.53
CA LYS A 90 12.07 31.87 -33.24
C LYS A 90 10.92 30.91 -33.63
N GLU A 91 11.15 29.60 -33.48
CA GLU A 91 10.14 28.61 -33.81
C GLU A 91 9.57 27.96 -32.56
N MET A 92 8.26 27.71 -32.56
CA MET A 92 7.60 27.00 -31.46
C MET A 92 7.39 25.56 -31.88
N THR A 93 7.72 24.60 -31.01
CA THR A 93 7.49 23.19 -31.31
C THR A 93 6.39 22.72 -30.41
N TYR A 94 5.29 22.20 -30.98
CA TYR A 94 4.15 21.73 -30.21
C TYR A 94 4.24 20.22 -30.14
N HIS A 95 4.58 19.70 -28.97
CA HIS A 95 4.84 18.28 -28.82
C HIS A 95 3.57 17.42 -28.93
N SER A 96 3.62 16.35 -29.72
CA SER A 96 2.47 15.43 -29.85
C SER A 96 2.37 14.53 -28.60
N SER A 97 3.48 14.22 -27.95
CA SER A 97 3.46 13.44 -26.72
C SER A 97 3.34 14.33 -25.50
N VAL A 98 2.60 13.88 -24.50
CA VAL A 98 2.55 14.55 -23.21
C VAL A 98 3.43 13.72 -22.30
N ASN A 99 4.66 14.16 -22.06
CA ASN A 99 5.58 13.40 -21.22
C ASN A 99 5.60 14.11 -19.87
N LEU A 100 4.81 13.62 -18.93
CA LEU A 100 4.62 14.32 -17.68
C LEU A 100 5.64 14.00 -16.64
N SER A 101 6.48 14.98 -16.26
CA SER A 101 7.43 14.82 -15.16
C SER A 101 6.70 15.02 -13.83
N ILE A 102 7.06 14.24 -12.82
CA ILE A 102 6.48 14.38 -11.51
C ILE A 102 7.61 14.48 -10.48
N ALA A 103 7.58 15.49 -9.61
CA ALA A 103 8.61 15.63 -8.57
C ALA A 103 8.48 14.50 -7.54
N VAL A 104 9.61 13.86 -7.25
CA VAL A 104 9.66 12.75 -6.30
C VAL A 104 10.77 12.98 -5.30
N ASP A 105 10.52 12.61 -4.03
CA ASP A 105 11.52 12.70 -2.98
C ASP A 105 12.37 11.44 -2.93
N THR A 106 13.68 11.61 -2.79
CA THR A 106 14.63 10.50 -2.64
C THR A 106 15.58 10.84 -1.47
N PRO A 107 16.30 9.86 -0.90
CA PRO A 107 17.28 10.19 0.16
C PRO A 107 18.36 11.16 -0.36
N ALA A 108 18.73 11.08 -1.64
CA ALA A 108 19.77 11.94 -2.22
C ALA A 108 19.24 13.32 -2.73
N GLY A 109 17.92 13.53 -2.69
CA GLY A 109 17.34 14.78 -3.17
C GLY A 109 16.15 14.58 -4.10
N LEU A 110 15.59 15.68 -4.60
CA LEU A 110 14.42 15.62 -5.45
C LEU A 110 14.80 15.30 -6.90
N LEU A 111 14.02 14.41 -7.51
CA LEU A 111 14.17 14.05 -8.90
C LEU A 111 12.85 14.31 -9.64
N THR A 112 12.89 14.37 -10.98
CA THR A 112 11.66 14.56 -11.74
C THR A 112 11.52 13.47 -12.79
N PRO A 113 11.20 12.23 -12.39
CA PRO A 113 10.98 11.18 -13.38
C PRO A 113 9.76 11.48 -14.25
N VAL A 114 9.70 10.88 -15.43
CA VAL A 114 8.73 11.18 -16.47
C VAL A 114 7.81 10.02 -16.83
N ILE A 115 6.51 10.30 -16.92
CA ILE A 115 5.51 9.38 -17.43
C ILE A 115 5.38 9.68 -18.92
N HIS A 116 6.04 8.89 -19.77
CA HIS A 116 6.01 9.12 -21.22
C HIS A 116 4.65 8.78 -21.81
N ASP A 117 4.20 9.58 -22.79
CA ASP A 117 2.92 9.40 -23.47
C ASP A 117 1.76 9.23 -22.49
N ALA A 118 1.75 10.11 -21.47
CA ALA A 118 0.73 10.11 -20.43
C ALA A 118 -0.67 10.34 -21.01
N GLN A 119 -0.79 10.92 -22.22
CA GLN A 119 -2.09 11.17 -22.87
C GLN A 119 -2.84 9.87 -23.19
N ASP A 120 -2.14 8.74 -23.27
CA ASP A 120 -2.78 7.45 -23.54
C ASP A 120 -3.20 6.70 -22.28
N LEU A 121 -2.90 7.23 -21.08
CA LEU A 121 -3.14 6.50 -19.85
C LEU A 121 -4.46 6.82 -19.13
N SER A 122 -5.03 5.78 -18.55
CA SER A 122 -6.20 5.91 -17.69
C SER A 122 -5.77 6.27 -16.25
N ILE A 123 -6.72 6.64 -15.37
CA ILE A 123 -6.39 6.92 -13.96
C ILE A 123 -5.74 5.65 -13.30
N PRO A 124 -6.25 4.42 -13.48
CA PRO A 124 -5.56 3.26 -12.89
C PRO A 124 -4.12 3.11 -13.41
N GLU A 125 -3.88 3.32 -14.72
CA GLU A 125 -2.53 3.24 -15.28
C GLU A 125 -1.62 4.34 -14.72
N ILE A 126 -2.15 5.56 -14.53
CA ILE A 126 -1.40 6.66 -13.95
C ILE A 126 -1.02 6.31 -12.51
N ALA A 127 -1.98 5.76 -11.74
CA ALA A 127 -1.74 5.41 -10.33
C ALA A 127 -0.65 4.38 -10.22
N LYS A 128 -0.64 3.38 -11.14
CA LYS A 128 0.38 2.33 -11.13
C LYS A 128 1.74 2.91 -11.52
N ALA A 129 1.77 3.83 -12.50
CA ALA A 129 3.02 4.43 -12.96
C ALA A 129 3.65 5.31 -11.88
N ILE A 130 2.82 6.03 -11.09
CA ILE A 130 3.33 6.89 -10.03
C ILE A 130 4.03 6.02 -8.96
N VAL A 131 3.39 4.92 -8.56
CA VAL A 131 3.94 4.01 -7.54
C VAL A 131 5.28 3.44 -8.03
N ASP A 132 5.32 2.99 -9.28
CA ASP A 132 6.54 2.45 -9.87
C ASP A 132 7.68 3.50 -9.91
N LEU A 133 7.40 4.71 -10.42
CA LEU A 133 8.44 5.74 -10.52
C LEU A 133 8.91 6.22 -9.17
N ALA A 134 8.01 6.38 -8.19
CA ALA A 134 8.40 6.83 -6.87
C ALA A 134 9.29 5.79 -6.20
N ASP A 135 8.95 4.50 -6.35
CA ASP A 135 9.75 3.41 -5.80
C ASP A 135 11.13 3.31 -6.43
N ARG A 136 11.20 3.34 -7.77
CA ARG A 136 12.48 3.23 -8.45
C ARG A 136 13.35 4.49 -8.25
N SER A 137 12.74 5.65 -7.98
CA SER A 137 13.51 6.86 -7.68
C SER A 137 14.20 6.74 -6.33
N ARG A 138 13.46 6.29 -5.31
CA ARG A 138 13.98 6.15 -3.95
C ARG A 138 14.97 4.99 -3.82
N ASN A 139 14.84 3.95 -4.66
CA ASN A 139 15.71 2.78 -4.54
C ASN A 139 16.78 2.70 -5.64
N ASN A 140 17.07 3.83 -6.32
CA ASN A 140 18.10 3.95 -7.36
C ASN A 140 17.95 2.90 -8.49
N LYS A 141 16.71 2.65 -8.95
CA LYS A 141 16.45 1.72 -10.03
C LYS A 141 15.91 2.44 -11.28
N LEU A 142 16.19 3.74 -11.42
CA LEU A 142 15.77 4.51 -12.57
C LEU A 142 16.74 4.32 -13.71
N LYS A 143 16.21 4.21 -14.91
CA LYS A 143 17.05 4.14 -16.11
C LYS A 143 17.05 5.54 -16.76
N PRO A 144 18.09 5.94 -17.51
CA PRO A 144 18.11 7.29 -18.09
C PRO A 144 16.83 7.72 -18.81
N ASN A 145 16.14 6.80 -19.50
CA ASN A 145 14.88 7.11 -20.19
C ASN A 145 13.80 7.63 -19.23
N ASP A 146 13.80 7.17 -17.97
CA ASP A 146 12.83 7.65 -16.99
C ASP A 146 13.01 9.11 -16.62
N LEU A 147 14.14 9.76 -16.94
CA LEU A 147 14.37 11.15 -16.55
C LEU A 147 14.38 12.15 -17.71
N SER A 148 14.30 11.68 -18.95
CA SER A 148 14.38 12.56 -20.11
C SER A 148 13.06 12.69 -20.89
N GLY A 149 12.98 13.71 -21.74
CA GLY A 149 11.84 13.94 -22.63
C GLY A 149 10.63 14.64 -22.04
N GLY A 150 10.75 15.13 -20.81
CA GLY A 150 9.63 15.81 -20.16
C GLY A 150 9.10 17.01 -20.94
N THR A 151 7.78 17.13 -21.05
CA THR A 151 7.17 18.27 -21.75
C THR A 151 6.42 19.21 -20.78
N PHE A 152 6.17 18.76 -19.55
CA PHE A 152 5.49 19.52 -18.49
C PHE A 152 5.77 18.84 -17.17
N THR A 153 5.74 19.58 -16.05
CA THR A 153 5.99 18.98 -14.73
C THR A 153 4.90 19.30 -13.73
N ILE A 154 4.61 18.37 -12.82
CA ILE A 154 3.72 18.58 -11.67
C ILE A 154 4.57 18.36 -10.40
N THR A 155 4.50 19.27 -9.42
CA THR A 155 5.25 19.14 -8.18
C THR A 155 4.27 19.33 -7.01
N ASN A 156 4.25 18.39 -6.06
CA ASN A 156 3.33 18.47 -4.94
C ASN A 156 3.91 19.30 -3.81
N ILE A 157 3.97 20.62 -3.99
CA ILE A 157 4.51 21.51 -2.94
C ILE A 157 3.70 21.45 -1.63
N GLY A 158 2.44 21.00 -1.68
CA GLY A 158 1.62 20.86 -0.49
C GLY A 158 2.02 19.71 0.43
N SER A 159 2.87 18.77 -0.05
CA SER A 159 3.28 17.64 0.78
C SER A 159 4.05 18.08 2.03
N GLU A 160 4.70 19.27 2.01
CA GLU A 160 5.38 19.75 3.21
C GLU A 160 4.66 20.99 3.81
N GLY A 161 3.38 21.15 3.52
CA GLY A 161 2.56 22.17 4.16
C GLY A 161 2.27 23.46 3.41
N ALA A 162 2.99 23.73 2.31
CA ALA A 162 2.83 25.01 1.61
C ALA A 162 1.47 25.19 0.96
N LEU A 163 0.93 26.41 1.03
CA LEU A 163 -0.27 26.73 0.27
C LEU A 163 0.09 26.93 -1.20
N SER A 164 1.24 27.58 -1.46
CA SER A 164 1.68 27.93 -2.80
C SER A 164 3.19 28.18 -2.82
N ASP A 165 3.75 28.36 -4.02
CA ASP A 165 5.17 28.60 -4.27
C ASP A 165 5.28 29.15 -5.69
N THR A 166 6.50 29.51 -6.13
CA THR A 166 6.72 29.95 -7.52
C THR A 166 7.75 28.96 -8.07
N PRO A 167 7.33 27.70 -8.30
CA PRO A 167 8.30 26.65 -8.68
C PRO A 167 9.09 27.01 -9.93
N ILE A 168 10.36 26.60 -9.96
CA ILE A 168 11.21 26.92 -11.08
C ILE A 168 10.99 25.93 -12.21
N LEU A 169 10.69 26.48 -13.35
CA LEU A 169 10.50 25.76 -14.57
C LEU A 169 11.87 25.43 -15.20
N VAL A 170 12.02 24.25 -15.79
CA VAL A 170 13.26 23.91 -16.46
C VAL A 170 13.06 23.79 -17.96
N PRO A 171 13.57 24.78 -18.72
CA PRO A 171 13.51 24.68 -20.20
C PRO A 171 14.16 23.39 -20.70
N PRO A 172 13.65 22.74 -21.76
CA PRO A 172 12.69 23.27 -22.76
C PRO A 172 11.21 23.22 -22.36
N GLN A 173 10.88 22.80 -21.13
CA GLN A 173 9.48 22.81 -20.71
C GLN A 173 8.97 24.25 -20.60
N ALA A 174 7.66 24.45 -20.80
CA ALA A 174 7.06 25.79 -20.72
C ALA A 174 6.22 26.01 -19.48
N GLY A 175 5.90 24.95 -18.74
CA GLY A 175 5.13 25.10 -17.52
C GLY A 175 5.42 24.06 -16.47
N ILE A 176 5.23 24.44 -15.21
CA ILE A 176 5.36 23.57 -14.06
C ILE A 176 4.23 23.93 -13.12
N LEU A 177 3.40 22.94 -12.77
CA LEU A 177 2.26 23.17 -11.92
C LEU A 177 2.52 22.64 -10.53
N GLY A 178 2.29 23.47 -9.54
CA GLY A 178 2.41 23.06 -8.16
C GLY A 178 1.03 22.75 -7.60
N THR A 179 0.91 21.70 -6.79
CA THR A 179 -0.36 21.40 -6.15
C THR A 179 -0.16 21.77 -4.69
N GLY A 180 -0.75 22.88 -4.26
CA GLY A 180 -0.62 23.32 -2.87
C GLY A 180 -1.35 22.41 -1.90
N ALA A 181 -1.28 22.74 -0.60
CA ALA A 181 -1.97 21.93 0.40
C ALA A 181 -3.49 22.05 0.20
N ILE A 182 -4.23 20.96 0.37
CA ILE A 182 -5.69 20.97 0.27
C ILE A 182 -6.20 21.27 1.66
N VAL A 183 -6.88 22.41 1.83
CA VAL A 183 -7.29 22.90 3.14
C VAL A 183 -8.77 23.16 3.22
N LYS A 184 -9.42 22.79 4.34
CA LYS A 184 -10.82 23.11 4.57
C LYS A 184 -10.95 24.61 4.82
N ARG A 185 -11.83 25.29 4.09
CA ARG A 185 -12.02 26.73 4.22
C ARG A 185 -13.47 27.10 4.13
N PRO A 186 -13.89 28.15 4.85
CA PRO A 186 -15.26 28.64 4.65
C PRO A 186 -15.29 29.41 3.33
N VAL A 187 -16.19 29.04 2.43
CA VAL A 187 -16.30 29.70 1.12
C VAL A 187 -17.75 30.07 0.83
N VAL A 188 -17.97 30.93 -0.17
CA VAL A 188 -19.33 31.31 -0.56
C VAL A 188 -19.82 30.34 -1.63
N ILE A 189 -21.03 29.82 -1.43
CA ILE A 189 -21.74 28.93 -2.34
C ILE A 189 -23.00 29.65 -2.83
N THR A 190 -23.32 29.57 -4.13
CA THR A 190 -24.52 30.23 -4.66
C THR A 190 -25.49 29.19 -5.22
N GLU A 191 -26.72 29.15 -4.70
CA GLU A 191 -27.74 28.22 -5.15
C GLU A 191 -29.06 28.95 -5.33
N ASP A 192 -29.57 29.00 -6.58
CA ASP A 192 -30.81 29.68 -6.94
C ASP A 192 -30.72 31.17 -6.59
N GLY A 193 -29.57 31.78 -6.87
CA GLY A 193 -29.33 33.18 -6.59
C GLY A 193 -29.12 33.54 -5.13
N ILE A 194 -29.09 32.54 -4.25
CA ILE A 194 -28.90 32.78 -2.82
C ILE A 194 -27.48 32.40 -2.41
N ASP A 195 -26.77 33.33 -1.75
CA ASP A 195 -25.41 33.07 -1.28
C ASP A 195 -25.44 32.49 0.13
N SER A 196 -24.57 31.53 0.40
CA SER A 196 -24.43 30.96 1.73
C SER A 196 -22.95 30.61 1.99
N ILE A 197 -22.58 30.38 3.24
CA ILE A 197 -21.21 30.03 3.58
C ILE A 197 -21.15 28.54 3.88
N ALA A 198 -20.21 27.83 3.24
CA ALA A 198 -20.06 26.40 3.46
C ALA A 198 -18.59 26.03 3.60
N ILE A 199 -18.30 24.88 4.21
CA ILE A 199 -16.93 24.41 4.36
C ILE A 199 -16.58 23.58 3.14
N ARG A 200 -15.50 23.94 2.45
CA ARG A 200 -15.06 23.21 1.26
C ARG A 200 -13.57 22.95 1.31
N GLN A 201 -13.10 21.87 0.68
CA GLN A 201 -11.67 21.55 0.57
C GLN A 201 -11.09 22.38 -0.58
N MET A 202 -10.32 23.39 -0.29
CA MET A 202 -9.77 24.27 -1.33
C MET A 202 -8.29 24.04 -1.53
N VAL A 203 -7.82 24.17 -2.78
CA VAL A 203 -6.42 24.05 -3.10
C VAL A 203 -6.00 25.19 -4.01
N PHE A 204 -4.76 25.66 -3.84
CA PHE A 204 -4.19 26.63 -4.77
C PHE A 204 -3.36 25.88 -5.78
N LEU A 205 -3.50 26.24 -7.03
CA LEU A 205 -2.70 25.66 -8.10
C LEU A 205 -1.83 26.75 -8.73
N PRO A 206 -0.62 26.97 -8.20
CA PRO A 206 0.28 27.92 -8.84
C PRO A 206 0.92 27.28 -10.08
N LEU A 207 0.78 27.96 -11.22
CA LEU A 207 1.42 27.51 -12.45
C LEU A 207 2.55 28.45 -12.78
N THR A 208 3.80 27.94 -12.78
CA THR A 208 4.89 28.76 -13.30
C THR A 208 4.93 28.50 -14.79
N TYR A 209 4.94 29.56 -15.59
CA TYR A 209 4.96 29.40 -17.04
C TYR A 209 6.01 30.34 -17.66
N ASP A 210 6.49 29.98 -18.84
CA ASP A 210 7.51 30.74 -19.53
C ASP A 210 6.81 31.69 -20.49
N HIS A 211 6.97 33.00 -20.30
CA HIS A 211 6.33 33.99 -21.16
C HIS A 211 6.85 33.95 -22.62
N GLN A 212 7.93 33.20 -22.90
CA GLN A 212 8.34 32.97 -24.28
C GLN A 212 7.29 32.11 -25.00
N VAL A 213 6.57 31.25 -24.26
CA VAL A 213 5.67 30.25 -24.84
C VAL A 213 4.21 30.53 -24.53
N VAL A 214 3.92 30.98 -23.30
CA VAL A 214 2.57 31.15 -22.78
C VAL A 214 2.38 32.54 -22.23
N ASP A 215 1.28 33.22 -22.58
CA ASP A 215 1.02 34.52 -21.95
C ASP A 215 0.01 34.33 -20.79
N GLY A 216 -0.28 35.39 -20.04
CA GLY A 216 -1.19 35.35 -18.91
C GLY A 216 -2.58 34.84 -19.23
N ALA A 217 -3.10 35.19 -20.41
CA ALA A 217 -4.43 34.74 -20.84
C ALA A 217 -4.39 33.25 -21.19
N ASP A 218 -3.34 32.80 -21.90
CA ASP A 218 -3.15 31.38 -22.25
C ASP A 218 -3.06 30.54 -20.96
N ALA A 219 -2.29 31.02 -19.97
CA ALA A 219 -2.14 30.32 -18.70
C ALA A 219 -3.50 30.21 -18.00
N GLY A 220 -4.28 31.31 -18.01
CA GLY A 220 -5.59 31.33 -17.38
C GLY A 220 -6.58 30.37 -18.02
N ARG A 221 -6.54 30.28 -19.37
CA ARG A 221 -7.46 29.36 -20.07
C ARG A 221 -7.11 27.93 -19.76
N PHE A 222 -5.82 27.62 -19.73
CA PHE A 222 -5.32 26.27 -19.42
C PHE A 222 -5.71 25.88 -17.98
N LEU A 223 -5.48 26.78 -17.00
CA LEU A 223 -5.83 26.50 -15.61
C LEU A 223 -7.35 26.42 -15.42
N THR A 224 -8.15 27.15 -16.20
CA THR A 224 -9.62 27.08 -16.11
C THR A 224 -10.11 25.70 -16.58
N THR A 225 -9.51 25.15 -17.65
CA THR A 225 -9.86 23.80 -18.11
C THR A 225 -9.61 22.77 -16.99
N ILE A 226 -8.45 22.88 -16.33
CA ILE A 226 -8.08 21.99 -15.22
C ILE A 226 -9.05 22.17 -14.04
N LYS A 227 -9.28 23.41 -13.62
CA LYS A 227 -10.16 23.75 -12.51
C LYS A 227 -11.58 23.20 -12.74
N ASP A 228 -12.15 23.42 -13.93
CA ASP A 228 -13.52 22.99 -14.22
C ASP A 228 -13.62 21.45 -14.23
N ARG A 229 -12.58 20.77 -14.74
CA ARG A 229 -12.55 19.32 -14.76
C ARG A 229 -12.55 18.77 -13.31
N LEU A 230 -11.69 19.34 -12.45
CA LEU A 230 -11.59 18.91 -11.06
C LEU A 230 -12.83 19.26 -10.23
N GLU A 231 -13.39 20.47 -10.42
CA GLU A 231 -14.57 20.89 -9.66
C GLU A 231 -15.82 20.10 -10.07
N THR A 232 -15.97 19.77 -11.36
CA THR A 232 -17.10 18.92 -11.79
C THR A 232 -16.92 17.49 -11.21
N ALA A 233 -15.66 17.02 -11.15
CA ALA A 233 -15.24 15.73 -10.59
C ALA A 233 -16.00 14.55 -11.19
N ASN A 234 -16.24 14.57 -12.51
CA ASN A 234 -16.90 13.45 -13.17
C ASN A 234 -15.83 12.41 -13.51
N PHE A 235 -15.33 11.71 -12.48
CA PHE A 235 -14.26 10.73 -12.64
C PHE A 235 -14.65 9.30 -12.32
N GLU A 236 -15.91 9.01 -11.96
CA GLU A 236 -16.29 7.64 -11.58
C GLU A 236 -16.01 6.63 -12.72
N GLY A 237 -16.39 6.99 -13.94
CA GLY A 237 -16.12 6.12 -15.10
C GLY A 237 -14.63 5.97 -15.34
N ASP A 238 -13.87 7.05 -15.13
CA ASP A 238 -12.42 7.07 -15.28
C ASP A 238 -11.70 6.14 -14.30
N LEU A 239 -12.32 5.85 -13.15
CA LEU A 239 -11.71 4.95 -12.15
C LEU A 239 -11.75 3.46 -12.57
N GLN A 240 -12.59 3.11 -13.56
CA GLN A 240 -12.73 1.77 -14.12
C GLN A 240 -12.91 0.71 -13.02
N LEU A 241 -13.95 0.87 -12.21
CA LEU A 241 -14.23 -0.06 -11.11
C LEU A 241 -15.15 -1.21 -11.55
N LEU B 3 -1.98 22.62 -34.31
CA LEU B 3 -0.64 22.97 -33.84
C LEU B 3 0.14 21.71 -33.42
N ARG B 4 -0.52 20.79 -32.71
CA ARG B 4 0.08 19.57 -32.16
C ARG B 4 0.88 18.77 -33.18
N GLY B 5 2.12 18.45 -32.82
CA GLY B 5 3.00 17.69 -33.69
C GLY B 5 3.66 18.52 -34.79
N THR B 6 3.62 19.85 -34.69
CA THR B 6 4.25 20.72 -35.70
C THR B 6 5.25 21.71 -35.07
N THR B 7 6.11 22.29 -35.91
CA THR B 7 7.05 23.35 -35.56
C THR B 7 6.68 24.54 -36.43
N GLN B 8 6.36 25.69 -35.83
CA GLN B 8 5.92 26.87 -36.58
C GLN B 8 6.63 28.15 -36.12
N LYS B 9 7.05 29.00 -37.07
CA LYS B 9 7.69 30.26 -36.70
C LYS B 9 6.64 31.20 -36.10
N VAL B 10 6.97 31.90 -35.01
CA VAL B 10 6.05 32.84 -34.38
C VAL B 10 6.02 34.19 -35.14
N ASN B 11 4.94 34.98 -34.95
CA ASN B 11 4.85 36.27 -35.63
C ASN B 11 5.76 37.32 -34.92
N ARG B 12 5.88 38.55 -35.50
CA ARG B 12 6.71 39.63 -34.96
CA ARG B 12 6.72 39.62 -34.95
C ARG B 12 6.32 40.01 -33.53
N ILE B 13 5.02 40.15 -33.24
CA ILE B 13 4.56 40.50 -31.89
C ILE B 13 5.03 39.45 -30.85
N ARG B 14 4.90 38.16 -31.16
CA ARG B 14 5.28 37.09 -30.24
C ARG B 14 6.81 36.97 -30.12
N GLU B 15 7.52 37.21 -31.20
CA GLU B 15 8.99 37.19 -31.19
C GLU B 15 9.51 38.29 -30.24
N ILE B 16 8.95 39.50 -30.35
CA ILE B 16 9.36 40.63 -29.52
C ILE B 16 9.00 40.35 -28.07
N THR B 17 7.81 39.80 -27.81
CA THR B 17 7.40 39.51 -26.44
C THR B 17 8.36 38.52 -25.77
N ALA B 18 8.75 37.46 -26.51
CA ALA B 18 9.66 36.45 -25.95
C ALA B 18 11.01 37.08 -25.60
N MET B 19 11.57 37.91 -26.51
CA MET B 19 12.85 38.54 -26.30
C MET B 19 12.80 39.56 -25.16
N LYS B 20 11.82 40.46 -25.17
CA LYS B 20 11.71 41.52 -24.17
C LYS B 20 11.43 41.01 -22.77
N THR B 21 10.62 39.94 -22.60
CA THR B 21 10.32 39.45 -21.25
C THR B 21 11.54 38.75 -20.66
N VAL B 22 12.31 38.00 -21.47
CA VAL B 22 13.52 37.31 -20.96
C VAL B 22 14.53 38.38 -20.52
N GLU B 23 14.74 39.38 -21.36
CA GLU B 23 15.68 40.45 -21.08
C GLU B 23 15.24 41.32 -19.90
N ALA B 24 13.94 41.65 -19.81
CA ALA B 24 13.40 42.54 -18.78
C ALA B 24 13.78 42.07 -17.37
N LEU B 25 13.69 40.76 -17.11
CA LEU B 25 14.01 40.21 -15.80
C LEU B 25 15.49 40.34 -15.45
N GLN B 26 16.37 40.44 -16.46
CA GLN B 26 17.81 40.55 -16.24
C GLN B 26 18.31 42.00 -16.16
N ILE B 27 17.47 42.99 -16.50
CA ILE B 27 17.88 44.40 -16.41
C ILE B 27 17.00 45.15 -15.38
N SER B 28 16.41 44.43 -14.44
CA SER B 28 15.60 44.97 -13.35
C SER B 28 15.66 43.96 -12.17
N ALA B 29 15.08 44.31 -11.04
CA ALA B 29 15.03 43.44 -9.87
C ALA B 29 13.59 43.30 -9.49
N GLN B 30 12.88 42.40 -10.16
CA GLN B 30 11.44 42.29 -9.99
C GLN B 30 11.03 41.41 -8.83
N LEU B 31 9.99 41.88 -8.17
CA LEU B 31 9.34 41.18 -7.06
C LEU B 31 7.87 41.62 -7.02
N THR B 32 6.98 40.77 -6.50
CA THR B 32 5.54 41.05 -6.56
C THR B 32 4.91 41.07 -5.20
N GLN B 33 4.44 42.24 -4.79
CA GLN B 33 3.79 42.42 -3.48
C GLN B 33 2.28 42.30 -3.65
N LEU B 34 1.61 41.67 -2.72
CA LEU B 34 0.19 41.42 -2.85
C LEU B 34 -0.63 41.96 -1.70
N HIS B 35 -1.69 42.68 -2.06
CA HIS B 35 -2.65 43.23 -1.11
C HIS B 35 -4.05 42.74 -1.49
N GLU B 36 -4.96 42.64 -0.52
CA GLU B 36 -6.35 42.28 -0.80
C GLU B 36 -7.20 43.54 -0.61
N VAL B 37 -8.20 43.72 -1.48
CA VAL B 37 -9.03 44.92 -1.47
C VAL B 37 -10.51 44.52 -1.49
N ASP B 38 -11.31 45.15 -0.66
CA ASP B 38 -12.74 44.91 -0.60
C ASP B 38 -13.42 45.81 -1.64
N MET B 39 -13.91 45.22 -2.72
CA MET B 39 -14.57 45.88 -3.85
C MET B 39 -16.08 45.96 -3.70
N THR B 40 -16.65 45.56 -2.55
CA THR B 40 -18.11 45.54 -2.38
C THR B 40 -18.77 46.90 -2.60
N ARG B 41 -18.21 47.97 -2.03
CA ARG B 41 -18.82 49.28 -2.17
C ARG B 41 -18.72 49.78 -3.61
N VAL B 42 -17.62 49.47 -4.33
CA VAL B 42 -17.52 49.83 -5.75
C VAL B 42 -18.56 49.03 -6.54
N ALA B 43 -18.71 47.73 -6.23
CA ALA B 43 -19.70 46.87 -6.90
C ALA B 43 -21.13 47.43 -6.69
N GLU B 44 -21.46 47.89 -5.48
CA GLU B 44 -22.78 48.44 -5.21
C GLU B 44 -22.97 49.77 -5.92
N LEU B 45 -21.93 50.61 -5.96
CA LEU B 45 -21.99 51.91 -6.63
C LEU B 45 -22.18 51.73 -8.13
N ARG B 46 -21.45 50.79 -8.71
CA ARG B 46 -21.50 50.45 -10.11
C ARG B 46 -22.89 49.91 -10.47
N LYS B 47 -23.45 49.02 -9.64
CA LYS B 47 -24.77 48.46 -9.90
C LYS B 47 -25.87 49.53 -9.83
N LYS B 48 -25.76 50.46 -8.89
CA LYS B 48 -26.73 51.52 -8.71
C LYS B 48 -26.67 52.55 -9.86
N ASN B 49 -25.46 52.92 -10.31
CA ASN B 49 -25.30 53.99 -11.27
C ASN B 49 -25.05 53.55 -12.72
N LYS B 50 -24.91 52.25 -12.98
CA LYS B 50 -24.65 51.76 -14.34
C LYS B 50 -25.69 52.26 -15.37
N PRO B 51 -27.03 52.13 -15.15
CA PRO B 51 -27.97 52.63 -16.17
C PRO B 51 -27.80 54.13 -16.49
N ALA B 52 -27.68 54.99 -15.45
CA ALA B 52 -27.52 56.42 -15.70
C ALA B 52 -26.17 56.76 -16.35
N PHE B 53 -25.13 55.97 -16.05
CA PHE B 53 -23.80 56.18 -16.63
C PHE B 53 -23.84 55.89 -18.13
N ILE B 54 -24.41 54.75 -18.52
CA ILE B 54 -24.49 54.37 -19.92
C ILE B 54 -25.36 55.37 -20.71
N GLU B 55 -26.44 55.84 -20.09
CA GLU B 55 -27.35 56.79 -20.71
C GLU B 55 -26.67 58.13 -20.97
N LYS B 56 -25.87 58.61 -20.01
CA LYS B 56 -25.22 59.91 -20.15
C LYS B 56 -23.92 59.87 -20.97
N HIS B 57 -23.05 58.89 -20.73
CA HIS B 57 -21.75 58.84 -21.37
C HIS B 57 -21.64 57.89 -22.58
N GLY B 58 -22.66 57.09 -22.82
CA GLY B 58 -22.70 56.23 -23.99
C GLY B 58 -21.82 55.00 -23.98
N VAL B 59 -21.17 54.72 -22.85
CA VAL B 59 -20.34 53.51 -22.72
C VAL B 59 -20.71 52.78 -21.44
N ASN B 60 -20.43 51.48 -21.39
CA ASN B 60 -20.70 50.65 -20.23
C ASN B 60 -19.76 50.98 -19.07
N LEU B 61 -20.24 50.85 -17.84
CA LEU B 61 -19.42 51.10 -16.66
C LEU B 61 -18.95 49.76 -16.10
N THR B 62 -17.67 49.42 -16.28
CA THR B 62 -17.09 48.19 -15.75
C THR B 62 -16.24 48.54 -14.48
N TYR B 63 -15.52 47.55 -13.89
CA TYR B 63 -14.64 47.83 -12.76
C TYR B 63 -13.37 48.55 -13.21
N LEU B 64 -12.92 48.33 -14.46
CA LEU B 64 -11.65 48.87 -14.95
C LEU B 64 -11.50 50.39 -14.74
N PRO B 65 -12.46 51.29 -15.08
CA PRO B 65 -12.22 52.72 -14.83
C PRO B 65 -11.98 53.04 -13.35
N PHE B 66 -12.54 52.24 -12.41
CA PHE B 66 -12.32 52.48 -11.00
C PHE B 66 -10.89 52.13 -10.65
N PHE B 67 -10.38 50.97 -11.15
CA PHE B 67 -8.98 50.59 -10.92
C PHE B 67 -8.05 51.63 -11.53
N VAL B 68 -8.33 52.04 -12.78
CA VAL B 68 -7.50 53.02 -13.48
C VAL B 68 -7.48 54.35 -12.73
N LYS B 69 -8.64 54.87 -12.30
CA LYS B 69 -8.71 56.14 -11.58
C LYS B 69 -7.87 56.10 -10.31
N ALA B 70 -8.03 55.01 -9.54
CA ALA B 70 -7.28 54.87 -8.29
C ALA B 70 -5.77 54.74 -8.55
N VAL B 71 -5.38 53.92 -9.53
CA VAL B 71 -3.96 53.73 -9.85
C VAL B 71 -3.31 55.03 -10.33
N VAL B 72 -3.98 55.74 -11.24
CA VAL B 72 -3.44 56.99 -11.77
C VAL B 72 -3.31 58.05 -10.65
N GLU B 73 -4.33 58.18 -9.77
CA GLU B 73 -4.22 59.10 -8.62
C GLU B 73 -3.03 58.72 -7.72
N ALA B 74 -2.84 57.41 -7.50
CA ALA B 74 -1.73 56.95 -6.65
C ALA B 74 -0.38 57.21 -7.34
N LEU B 75 -0.31 57.14 -8.68
CA LEU B 75 0.93 57.44 -9.41
C LEU B 75 1.27 58.94 -9.33
N VAL B 76 0.25 59.80 -9.19
CA VAL B 76 0.48 61.23 -9.01
C VAL B 76 0.94 61.48 -7.55
N SER B 77 0.29 60.83 -6.57
CA SER B 77 0.61 60.96 -5.14
C SER B 77 1.93 60.30 -4.75
N HIS B 78 2.36 59.28 -5.51
CA HIS B 78 3.61 58.56 -5.28
C HIS B 78 4.48 58.71 -6.53
N PRO B 79 5.01 59.92 -6.80
CA PRO B 79 5.78 60.13 -8.05
C PRO B 79 7.03 59.23 -8.16
N ASN B 80 7.52 58.72 -7.02
CA ASN B 80 8.65 57.79 -6.96
C ASN B 80 8.32 56.45 -7.67
N VAL B 81 7.02 56.10 -7.82
CA VAL B 81 6.61 54.87 -8.53
C VAL B 81 6.46 55.15 -10.05
N ASN B 82 6.03 56.36 -10.42
CA ASN B 82 5.90 56.75 -11.84
C ASN B 82 7.27 57.28 -12.30
N ALA B 83 8.26 56.39 -12.34
CA ALA B 83 9.64 56.78 -12.51
C ALA B 83 10.46 55.70 -13.25
N SER B 84 11.67 56.07 -13.70
CA SER B 84 12.58 55.16 -14.38
C SER B 84 13.99 55.33 -13.85
N PHE B 85 14.74 54.24 -13.72
CA PHE B 85 16.12 54.28 -13.25
C PHE B 85 17.10 54.02 -14.39
N ASN B 86 18.15 54.81 -14.49
CA ASN B 86 19.21 54.58 -15.46
C ASN B 86 20.37 53.99 -14.69
N ALA B 87 20.61 52.69 -14.81
CA ALA B 87 21.64 51.99 -14.06
C ALA B 87 23.07 52.40 -14.44
N LYS B 88 23.27 53.01 -15.62
CA LYS B 88 24.61 53.46 -16.02
C LYS B 88 24.95 54.79 -15.34
N THR B 89 24.04 55.77 -15.35
CA THR B 89 24.30 57.07 -14.74
C THR B 89 23.88 57.16 -13.26
N LYS B 90 23.13 56.17 -12.75
CA LYS B 90 22.58 56.10 -11.39
C LYS B 90 21.58 57.23 -11.15
N GLU B 91 20.86 57.64 -12.20
CA GLU B 91 19.88 58.73 -12.07
C GLU B 91 18.47 58.21 -12.17
N MET B 92 17.58 58.78 -11.35
CA MET B 92 16.16 58.46 -11.38
C MET B 92 15.44 59.59 -12.09
N THR B 93 14.55 59.26 -13.03
CA THR B 93 13.75 60.24 -13.73
C THR B 93 12.30 60.07 -13.26
N TYR B 94 11.71 61.14 -12.73
CA TYR B 94 10.33 61.10 -12.21
C TYR B 94 9.43 61.74 -13.25
N HIS B 95 8.60 60.93 -13.89
CA HIS B 95 7.79 61.40 -15.01
C HIS B 95 6.66 62.33 -14.57
N SER B 96 6.50 63.45 -15.28
CA SER B 96 5.40 64.38 -15.00
C SER B 96 4.08 63.82 -15.57
N SER B 97 4.16 63.08 -16.69
CA SER B 97 2.97 62.47 -17.28
C SER B 97 2.76 61.07 -16.72
N VAL B 98 1.50 60.68 -16.52
CA VAL B 98 1.17 59.31 -16.20
C VAL B 98 0.65 58.72 -17.49
N ASN B 99 1.50 57.98 -18.20
CA ASN B 99 1.10 57.36 -19.47
C ASN B 99 0.79 55.91 -19.14
N LEU B 100 -0.49 55.59 -18.97
CA LEU B 100 -0.87 54.27 -18.50
C LEU B 100 -1.05 53.23 -19.59
N SER B 101 -0.20 52.22 -19.61
CA SER B 101 -0.36 51.11 -20.54
C SER B 101 -1.39 50.14 -20.00
N ILE B 102 -2.20 49.58 -20.90
CA ILE B 102 -3.16 48.57 -20.52
C ILE B 102 -2.95 47.33 -21.37
N ALA B 103 -2.92 46.15 -20.75
CA ALA B 103 -2.79 44.91 -21.49
C ALA B 103 -4.10 44.59 -22.20
N VAL B 104 -4.02 44.33 -23.51
CA VAL B 104 -5.19 44.02 -24.32
C VAL B 104 -4.95 42.74 -25.10
N ASP B 105 -5.99 41.92 -25.22
CA ASP B 105 -5.93 40.68 -25.98
C ASP B 105 -6.28 40.93 -27.41
N THR B 106 -5.42 40.41 -28.30
CA THR B 106 -5.59 40.47 -29.76
C THR B 106 -5.32 39.05 -30.30
N PRO B 107 -5.87 38.69 -31.48
CA PRO B 107 -5.60 37.35 -32.03
C PRO B 107 -4.11 37.12 -32.33
N ALA B 108 -3.38 38.19 -32.71
CA ALA B 108 -1.95 38.09 -33.01
C ALA B 108 -1.02 38.12 -31.78
N GLY B 109 -1.58 38.36 -30.60
CA GLY B 109 -0.81 38.42 -29.37
C GLY B 109 -1.25 39.54 -28.44
N LEU B 110 -0.78 39.51 -27.19
CA LEU B 110 -1.12 40.58 -26.24
C LEU B 110 -0.36 41.85 -26.61
N LEU B 111 -1.05 42.98 -26.55
CA LEU B 111 -0.44 44.29 -26.78
C LEU B 111 -0.61 45.16 -25.53
N THR B 112 0.18 46.23 -25.41
CA THR B 112 0.02 47.13 -24.27
C THR B 112 -0.15 48.56 -24.76
N PRO B 113 -1.32 48.90 -25.36
CA PRO B 113 -1.54 50.29 -25.78
C PRO B 113 -1.57 51.24 -24.57
N VAL B 114 -1.29 52.51 -24.82
CA VAL B 114 -1.08 53.52 -23.79
C VAL B 114 -2.12 54.64 -23.78
N ILE B 115 -2.63 54.98 -22.59
CA ILE B 115 -3.47 56.14 -22.37
C ILE B 115 -2.54 57.27 -21.93
N HIS B 116 -2.14 58.15 -22.84
CA HIS B 116 -1.20 59.23 -22.51
C HIS B 116 -1.87 60.29 -21.64
N ASP B 117 -1.12 60.85 -20.68
CA ASP B 117 -1.60 61.90 -19.76
C ASP B 117 -2.91 61.50 -19.08
N ALA B 118 -2.95 60.25 -18.60
CA ALA B 118 -4.10 59.69 -17.93
C ALA B 118 -4.45 60.48 -16.65
N GLN B 119 -3.48 61.23 -16.07
CA GLN B 119 -3.72 62.03 -14.86
C GLN B 119 -4.77 63.15 -15.08
N ASP B 120 -5.00 63.55 -16.34
CA ASP B 120 -6.01 64.57 -16.63
C ASP B 120 -7.39 63.99 -16.90
N LEU B 121 -7.56 62.65 -16.89
CA LEU B 121 -8.82 62.05 -17.27
C LEU B 121 -9.79 61.71 -16.14
N SER B 122 -11.06 61.97 -16.41
CA SER B 122 -12.15 61.62 -15.52
C SER B 122 -12.54 60.14 -15.74
N ILE B 123 -13.37 59.55 -14.87
CA ILE B 123 -13.84 58.17 -15.06
C ILE B 123 -14.59 58.04 -16.41
N PRO B 124 -15.52 58.95 -16.81
CA PRO B 124 -16.14 58.82 -18.13
C PRO B 124 -15.11 58.85 -19.28
N GLU B 125 -14.09 59.72 -19.20
CA GLU B 125 -13.05 59.77 -20.24
C GLU B 125 -12.21 58.48 -20.27
N ILE B 126 -11.94 57.90 -19.10
CA ILE B 126 -11.17 56.66 -19.01
C ILE B 126 -11.96 55.54 -19.67
N ALA B 127 -13.27 55.45 -19.36
CA ALA B 127 -14.13 54.39 -19.91
C ALA B 127 -14.15 54.47 -21.44
N LYS B 128 -14.24 55.67 -22.00
CA LYS B 128 -14.24 55.85 -23.45
C LYS B 128 -12.87 55.49 -24.07
N ALA B 129 -11.77 55.87 -23.39
CA ALA B 129 -10.42 55.55 -23.89
C ALA B 129 -10.16 54.06 -23.91
N ILE B 130 -10.69 53.32 -22.92
CA ILE B 130 -10.50 51.87 -22.85
C ILE B 130 -11.22 51.22 -24.03
N VAL B 131 -12.47 51.65 -24.29
CA VAL B 131 -13.28 51.11 -25.37
C VAL B 131 -12.57 51.33 -26.71
N ASP B 132 -12.06 52.54 -26.92
CA ASP B 132 -11.34 52.89 -28.14
C ASP B 132 -10.08 52.02 -28.33
N LEU B 133 -9.23 51.92 -27.30
CA LEU B 133 -7.99 51.16 -27.40
C LEU B 133 -8.22 49.67 -27.58
N ALA B 134 -9.21 49.11 -26.86
CA ALA B 134 -9.50 47.67 -26.98
C ALA B 134 -10.01 47.35 -28.38
N ASP B 135 -10.86 48.22 -28.93
CA ASP B 135 -11.44 48.04 -30.26
C ASP B 135 -10.37 48.12 -31.35
N ARG B 136 -9.55 49.17 -31.35
CA ARG B 136 -8.51 49.32 -32.35
C ARG B 136 -7.43 48.24 -32.22
N SER B 137 -7.17 47.75 -30.98
CA SER B 137 -6.18 46.69 -30.81
C SER B 137 -6.66 45.39 -31.45
N ARG B 138 -7.94 45.08 -31.30
CA ARG B 138 -8.50 43.85 -31.87
C ARG B 138 -8.74 43.95 -33.38
N ASN B 139 -8.95 45.16 -33.90
CA ASN B 139 -9.20 45.34 -35.31
C ASN B 139 -8.00 45.93 -36.08
N ASN B 140 -6.78 45.82 -35.53
CA ASN B 140 -5.53 46.26 -36.12
C ASN B 140 -5.56 47.72 -36.63
N LYS B 141 -6.07 48.62 -35.80
CA LYS B 141 -6.13 50.04 -36.12
C LYS B 141 -5.26 50.89 -35.17
N LEU B 142 -4.27 50.26 -34.49
CA LEU B 142 -3.37 51.00 -33.62
C LEU B 142 -2.28 51.70 -34.43
N LYS B 143 -1.88 52.87 -33.97
CA LYS B 143 -0.79 53.64 -34.57
C LYS B 143 0.46 53.52 -33.66
N PRO B 144 1.69 53.75 -34.18
CA PRO B 144 2.88 53.61 -33.32
C PRO B 144 2.81 54.43 -32.01
N ASN B 145 2.24 55.65 -32.04
CA ASN B 145 2.11 56.48 -30.83
C ASN B 145 1.26 55.79 -29.76
N ASP B 146 0.31 54.94 -30.16
CA ASP B 146 -0.52 54.22 -29.21
C ASP B 146 0.25 53.20 -28.39
N LEU B 147 1.47 52.81 -28.81
CA LEU B 147 2.20 51.78 -28.08
C LEU B 147 3.47 52.27 -27.36
N SER B 148 3.79 53.56 -27.46
CA SER B 148 5.03 54.07 -26.85
C SER B 148 4.78 55.06 -25.71
N GLY B 149 5.83 55.29 -24.91
CA GLY B 149 5.84 56.26 -23.83
C GLY B 149 5.24 55.84 -22.50
N GLY B 150 4.87 54.57 -22.36
CA GLY B 150 4.26 54.07 -21.13
C GLY B 150 5.11 54.29 -19.89
N THR B 151 4.50 54.73 -18.79
CA THR B 151 5.22 54.95 -17.53
C THR B 151 4.82 53.93 -16.42
N PHE B 152 3.72 53.20 -16.61
CA PHE B 152 3.19 52.18 -15.70
C PHE B 152 2.19 51.32 -16.49
N THR B 153 1.98 50.07 -16.07
CA THR B 153 1.03 49.21 -16.77
C THR B 153 0.02 48.59 -15.81
N ILE B 154 -1.20 48.36 -16.30
CA ILE B 154 -2.22 47.61 -15.61
C ILE B 154 -2.58 46.42 -16.48
N THR B 155 -2.70 45.22 -15.90
CA THR B 155 -3.07 44.04 -16.66
C THR B 155 -4.20 43.31 -15.91
N ASN B 156 -5.29 43.01 -16.60
CA ASN B 156 -6.42 42.35 -15.96
C ASN B 156 -6.23 40.82 -15.94
N ILE B 157 -5.37 40.32 -15.04
CA ILE B 157 -5.14 38.87 -14.98
C ILE B 157 -6.40 38.08 -14.58
N GLY B 158 -7.34 38.74 -13.89
CA GLY B 158 -8.58 38.09 -13.50
C GLY B 158 -9.51 37.76 -14.66
N SER B 159 -9.25 38.31 -15.88
CA SER B 159 -10.12 38.06 -17.03
C SER B 159 -10.18 36.59 -17.40
N GLU B 160 -9.12 35.81 -17.09
CA GLU B 160 -9.18 34.37 -17.40
C GLU B 160 -9.23 33.51 -16.11
N GLY B 161 -9.71 34.10 -15.01
CA GLY B 161 -9.97 33.39 -13.77
C GLY B 161 -8.94 33.43 -12.66
N ALA B 162 -7.74 33.98 -12.92
CA ALA B 162 -6.68 33.98 -11.91
C ALA B 162 -6.96 34.86 -10.72
N LEU B 163 -6.59 34.38 -9.54
CA LEU B 163 -6.63 35.21 -8.34
C LEU B 163 -5.48 36.21 -8.36
N SER B 164 -4.30 35.74 -8.81
CA SER B 164 -3.09 36.56 -8.78
C SER B 164 -2.05 35.99 -9.76
N ASP B 165 -0.96 36.72 -9.95
CA ASP B 165 0.13 36.35 -10.85
C ASP B 165 1.37 37.19 -10.43
N THR B 166 2.52 37.00 -11.08
CA THR B 166 3.71 37.83 -10.84
C THR B 166 4.03 38.43 -12.21
N PRO B 167 3.19 39.37 -12.69
CA PRO B 167 3.38 39.89 -14.05
C PRO B 167 4.76 40.49 -14.29
N ILE B 168 5.29 40.33 -15.50
CA ILE B 168 6.61 40.83 -15.83
C ILE B 168 6.55 42.30 -16.21
N LEU B 169 7.31 43.16 -15.50
CA LEU B 169 7.35 44.57 -15.89
C LEU B 169 8.38 44.72 -17.00
N VAL B 170 8.19 45.71 -17.82
CA VAL B 170 9.11 45.97 -18.91
C VAL B 170 9.76 47.32 -18.71
N PRO B 171 11.07 47.32 -18.38
CA PRO B 171 11.81 48.60 -18.28
C PRO B 171 11.68 49.42 -19.57
N PRO B 172 11.60 50.76 -19.50
CA PRO B 172 11.93 51.62 -18.34
C PRO B 172 10.84 51.77 -17.29
N GLN B 173 9.71 51.07 -17.41
CA GLN B 173 8.66 51.17 -16.37
C GLN B 173 9.15 50.53 -15.07
N ALA B 174 8.63 50.99 -13.94
CA ALA B 174 9.05 50.48 -12.62
C ALA B 174 7.99 49.61 -11.93
N GLY B 175 6.77 49.59 -12.48
CA GLY B 175 5.71 48.80 -11.90
C GLY B 175 4.67 48.34 -12.90
N ILE B 176 4.07 47.19 -12.60
CA ILE B 176 2.95 46.64 -13.37
C ILE B 176 1.97 46.06 -12.35
N LEU B 177 0.73 46.54 -12.38
CA LEU B 177 -0.28 46.08 -11.43
C LEU B 177 -1.24 45.14 -12.11
N GLY B 178 -1.47 43.99 -11.49
CA GLY B 178 -2.46 43.05 -11.97
C GLY B 178 -3.74 43.20 -11.18
N THR B 179 -4.89 43.08 -11.85
CA THR B 179 -6.17 43.08 -11.14
C THR B 179 -6.68 41.66 -11.19
N GLY B 180 -6.61 40.95 -10.05
CA GLY B 180 -7.07 39.56 -9.99
C GLY B 180 -8.58 39.43 -10.12
N ALA B 181 -9.08 38.20 -10.08
CA ALA B 181 -10.53 37.97 -10.15
C ALA B 181 -11.20 38.50 -8.89
N ILE B 182 -12.38 39.11 -9.05
CA ILE B 182 -13.15 39.62 -7.92
C ILE B 182 -14.03 38.48 -7.46
N VAL B 183 -13.86 38.02 -6.21
CA VAL B 183 -14.55 36.84 -5.72
C VAL B 183 -15.29 37.12 -4.41
N LYS B 184 -16.52 36.62 -4.29
CA LYS B 184 -17.26 36.71 -3.02
C LYS B 184 -16.59 35.80 -2.00
N ARG B 185 -16.27 36.33 -0.82
CA ARG B 185 -15.61 35.56 0.24
C ARG B 185 -16.18 35.91 1.58
N PRO B 186 -16.20 34.94 2.52
CA PRO B 186 -16.55 35.29 3.89
C PRO B 186 -15.36 36.01 4.52
N VAL B 187 -15.57 37.22 5.05
CA VAL B 187 -14.49 38.00 5.67
C VAL B 187 -14.93 38.50 7.07
N VAL B 188 -13.97 38.94 7.87
CA VAL B 188 -14.27 39.48 9.18
C VAL B 188 -14.51 40.99 9.07
N ILE B 189 -15.60 41.45 9.68
CA ILE B 189 -15.98 42.85 9.79
C ILE B 189 -15.94 43.25 11.27
N THR B 190 -15.36 44.42 11.61
CA THR B 190 -15.27 44.84 13.01
C THR B 190 -16.02 46.16 13.19
N GLU B 191 -16.97 46.18 14.12
CA GLU B 191 -17.77 47.37 14.41
C GLU B 191 -17.93 47.51 15.93
N ASP B 192 -17.40 48.61 16.49
CA ASP B 192 -17.43 48.89 17.93
C ASP B 192 -16.73 47.78 18.72
N GLY B 193 -15.61 47.30 18.19
CA GLY B 193 -14.84 46.24 18.82
C GLY B 193 -15.44 44.84 18.71
N ILE B 194 -16.55 44.70 17.97
CA ILE B 194 -17.20 43.41 17.81
C ILE B 194 -16.94 42.85 16.41
N ASP B 195 -16.42 41.62 16.35
CA ASP B 195 -16.14 40.97 15.09
C ASP B 195 -17.33 40.15 14.62
N SER B 196 -17.58 40.16 13.33
CA SER B 196 -18.63 39.34 12.72
C SER B 196 -18.18 38.87 11.33
N ILE B 197 -18.85 37.87 10.76
CA ILE B 197 -18.48 37.35 9.45
C ILE B 197 -19.49 37.83 8.44
N ALA B 198 -19.03 38.40 7.33
CA ALA B 198 -19.92 38.88 6.28
C ALA B 198 -19.38 38.49 4.89
N ILE B 199 -20.24 38.47 3.88
CA ILE B 199 -19.82 38.15 2.52
C ILE B 199 -19.42 39.44 1.83
N ARG B 200 -18.22 39.48 1.27
CA ARG B 200 -17.71 40.67 0.58
CA ARG B 200 -17.72 40.66 0.58
C ARG B 200 -17.06 40.30 -0.74
N GLN B 201 -17.08 41.21 -1.71
CA GLN B 201 -16.43 41.01 -3.00
C GLN B 201 -14.96 41.36 -2.81
N MET B 202 -14.07 40.37 -2.81
CA MET B 202 -12.65 40.63 -2.56
C MET B 202 -11.81 40.44 -3.81
N VAL B 203 -10.75 41.25 -3.94
CA VAL B 203 -9.83 41.13 -5.07
C VAL B 203 -8.38 41.19 -4.58
N PHE B 204 -7.49 40.45 -5.24
CA PHE B 204 -6.07 40.56 -4.97
C PHE B 204 -5.46 41.51 -5.99
N LEU B 205 -4.62 42.43 -5.53
CA LEU B 205 -3.90 43.32 -6.41
C LEU B 205 -2.39 43.05 -6.31
N PRO B 206 -1.87 42.14 -7.13
CA PRO B 206 -0.42 41.93 -7.13
C PRO B 206 0.28 43.05 -7.90
N LEU B 207 1.27 43.66 -7.27
CA LEU B 207 2.08 44.67 -7.92
C LEU B 207 3.47 44.13 -8.15
N THR B 208 3.90 44.05 -9.40
CA THR B 208 5.31 43.75 -9.65
C THR B 208 6.01 45.07 -9.69
N TYR B 209 7.09 45.20 -8.93
CA TYR B 209 7.83 46.45 -8.91
C TYR B 209 9.31 46.16 -9.06
N ASP B 210 10.07 47.15 -9.53
CA ASP B 210 11.49 47.02 -9.74
C ASP B 210 12.18 47.55 -8.49
N HIS B 211 12.93 46.71 -7.77
CA HIS B 211 13.63 47.11 -6.55
C HIS B 211 14.73 48.16 -6.83
N GLN B 212 15.10 48.42 -8.11
CA GLN B 212 15.99 49.53 -8.42
C GLN B 212 15.30 50.88 -8.13
N VAL B 213 13.96 50.92 -8.25
CA VAL B 213 13.17 52.15 -8.17
C VAL B 213 12.30 52.24 -6.92
N VAL B 214 11.73 51.10 -6.51
CA VAL B 214 10.75 51.02 -5.43
C VAL B 214 11.14 49.95 -4.44
N ASP B 215 11.12 50.24 -3.12
CA ASP B 215 11.38 49.18 -2.15
C ASP B 215 10.01 48.63 -1.60
N GLY B 216 10.04 47.61 -0.75
CA GLY B 216 8.84 46.99 -0.19
C GLY B 216 7.93 47.94 0.57
N ALA B 217 8.52 48.93 1.27
CA ALA B 217 7.73 49.92 2.02
C ALA B 217 7.08 50.91 1.07
N ASP B 218 7.82 51.36 0.03
CA ASP B 218 7.29 52.25 -1.00
C ASP B 218 6.12 51.57 -1.72
N ALA B 219 6.30 50.28 -2.07
CA ALA B 219 5.25 49.53 -2.77
C ALA B 219 4.00 49.43 -1.89
N GLY B 220 4.20 49.15 -0.60
CA GLY B 220 3.09 49.02 0.34
C GLY B 220 2.33 50.31 0.53
N ARG B 221 3.04 51.47 0.60
CA ARG B 221 2.35 52.75 0.74
C ARG B 221 1.56 53.09 -0.53
N PHE B 222 2.12 52.77 -1.71
CA PHE B 222 1.43 53.01 -2.99
C PHE B 222 0.17 52.14 -3.09
N LEU B 223 0.29 50.84 -2.75
CA LEU B 223 -0.87 49.94 -2.80
C LEU B 223 -1.91 50.30 -1.73
N THR B 224 -1.48 50.85 -0.57
CA THR B 224 -2.41 51.26 0.48
C THR B 224 -3.26 52.43 -0.01
N THR B 225 -2.64 53.39 -0.74
CA THR B 225 -3.39 54.52 -1.30
C THR B 225 -4.48 54.00 -2.26
N ILE B 226 -4.12 53.04 -3.14
CA ILE B 226 -5.06 52.43 -4.08
C ILE B 226 -6.18 51.69 -3.34
N LYS B 227 -5.80 50.83 -2.39
CA LYS B 227 -6.75 50.04 -1.59
C LYS B 227 -7.75 50.94 -0.85
N ASP B 228 -7.26 51.97 -0.14
CA ASP B 228 -8.14 52.85 0.64
C ASP B 228 -9.08 53.63 -0.27
N ARG B 229 -8.62 54.04 -1.46
CA ARG B 229 -9.46 54.77 -2.40
C ARG B 229 -10.60 53.86 -2.90
N LEU B 230 -10.27 52.61 -3.26
CA LEU B 230 -11.27 51.67 -3.75
C LEU B 230 -12.23 51.21 -2.65
N GLU B 231 -11.71 50.94 -1.44
CA GLU B 231 -12.57 50.49 -0.34
C GLU B 231 -13.51 51.58 0.14
N THR B 232 -13.06 52.84 0.17
CA THR B 232 -13.94 53.94 0.57
C THR B 232 -15.05 54.12 -0.51
N ALA B 233 -14.68 53.93 -1.79
CA ALA B 233 -15.52 54.00 -2.97
C ALA B 233 -16.30 55.32 -3.08
N ASN B 234 -15.64 56.44 -2.75
CA ASN B 234 -16.26 57.75 -2.89
C ASN B 234 -16.11 58.21 -4.35
N PHE B 235 -16.85 57.56 -5.26
CA PHE B 235 -16.73 57.83 -6.68
C PHE B 235 -17.99 58.41 -7.33
N GLU B 236 -19.06 58.68 -6.56
CA GLU B 236 -20.30 59.18 -7.16
C GLU B 236 -20.08 60.50 -7.94
N GLY B 237 -19.35 61.44 -7.34
CA GLY B 237 -19.02 62.69 -8.02
C GLY B 237 -18.17 62.47 -9.24
N ASP B 238 -17.23 61.52 -9.16
CA ASP B 238 -16.34 61.14 -10.25
C ASP B 238 -17.08 60.57 -11.46
N LEU B 239 -18.29 60.00 -11.26
CA LEU B 239 -19.06 59.44 -12.37
C LEU B 239 -19.71 60.53 -13.25
N GLN B 240 -19.80 61.78 -12.74
CA GLN B 240 -20.34 62.95 -13.45
C GLN B 240 -21.72 62.63 -14.05
N LEU B 241 -22.68 62.22 -13.21
CA LEU B 241 -24.02 61.86 -13.68
C LEU B 241 -24.97 63.07 -13.74
N SER C 2 8.27 68.82 -4.87
CA SER C 2 7.87 67.54 -5.48
C SER C 2 8.99 66.98 -6.37
N LEU C 3 8.95 65.65 -6.61
CA LEU C 3 9.93 64.97 -7.44
C LEU C 3 9.59 65.05 -8.93
N ARG C 4 8.29 65.08 -9.26
CA ARG C 4 7.78 65.08 -10.64
C ARG C 4 8.49 66.04 -11.59
N GLY C 5 8.76 65.56 -12.78
CA GLY C 5 9.39 66.36 -13.83
C GLY C 5 10.86 66.63 -13.64
N THR C 6 11.53 65.84 -12.78
CA THR C 6 12.96 66.02 -12.54
C THR C 6 13.76 64.72 -12.75
N THR C 7 15.08 64.86 -12.95
CA THR C 7 16.05 63.77 -13.01
C THR C 7 17.03 64.04 -11.89
N GLN C 8 17.22 63.09 -10.99
CA GLN C 8 18.09 63.27 -9.83
C GLN C 8 19.01 62.06 -9.59
N LYS C 9 20.25 62.31 -9.15
CA LYS C 9 21.13 61.22 -8.77
C LYS C 9 20.61 60.62 -7.45
N VAL C 10 20.60 59.30 -7.31
CA VAL C 10 20.08 58.66 -6.10
C VAL C 10 21.16 58.65 -5.01
N ASN C 11 20.76 58.48 -3.74
CA ASN C 11 21.73 58.44 -2.65
C ASN C 11 22.49 57.07 -2.65
N ARG C 12 23.52 56.95 -1.83
CA ARG C 12 24.38 55.77 -1.78
C ARG C 12 23.61 54.50 -1.42
N ILE C 13 22.67 54.56 -0.47
CA ILE C 13 21.89 53.37 -0.10
C ILE C 13 21.05 52.88 -1.29
N ARG C 14 20.36 53.78 -1.98
CA ARG C 14 19.52 53.45 -3.13
C ARG C 14 20.39 52.91 -4.26
N GLU C 15 21.57 53.51 -4.48
CA GLU C 15 22.47 53.08 -5.54
C GLU C 15 22.95 51.63 -5.29
N ILE C 16 23.40 51.32 -4.07
CA ILE C 16 23.87 49.99 -3.71
C ILE C 16 22.71 49.01 -3.76
N THR C 17 21.52 49.41 -3.26
CA THR C 17 20.36 48.53 -3.28
C THR C 17 19.97 48.17 -4.73
N ALA C 18 20.00 49.14 -5.64
CA ALA C 18 19.65 48.89 -7.05
C ALA C 18 20.65 47.88 -7.67
N MET C 19 21.93 48.08 -7.42
CA MET C 19 22.99 47.22 -7.93
C MET C 19 22.93 45.80 -7.36
N LYS C 20 22.83 45.67 -6.03
CA LYS C 20 22.83 44.39 -5.34
C LYS C 20 21.60 43.56 -5.64
N THR C 21 20.41 44.19 -5.75
CA THR C 21 19.19 43.40 -5.98
C THR C 21 19.17 42.88 -7.41
N VAL C 22 19.64 43.67 -8.41
CA VAL C 22 19.66 43.19 -9.81
C VAL C 22 20.62 42.00 -9.92
N GLU C 23 21.82 42.15 -9.35
CA GLU C 23 22.83 41.10 -9.38
C GLU C 23 22.40 39.86 -8.57
N ALA C 24 21.79 40.05 -7.39
CA ALA C 24 21.40 38.95 -6.51
C ALA C 24 20.54 37.90 -7.23
N LEU C 25 19.57 38.35 -8.02
CA LEU C 25 18.68 37.46 -8.76
C LEU C 25 19.43 36.65 -9.83
N GLN C 26 20.59 37.14 -10.32
CA GLN C 26 21.35 36.46 -11.35
C GLN C 26 22.44 35.53 -10.80
N ILE C 27 22.71 35.57 -9.48
CA ILE C 27 23.72 34.68 -8.89
C ILE C 27 23.04 33.74 -7.85
N SER C 28 21.73 33.54 -7.97
CA SER C 28 20.97 32.65 -7.12
C SER C 28 19.74 32.17 -7.91
N ALA C 29 18.98 31.22 -7.36
CA ALA C 29 17.77 30.72 -8.03
C ALA C 29 16.64 30.93 -7.07
N GLN C 30 16.09 32.14 -7.04
CA GLN C 30 15.09 32.51 -6.04
C GLN C 30 13.67 32.08 -6.41
N LEU C 31 12.97 31.60 -5.41
CA LEU C 31 11.56 31.28 -5.48
C LEU C 31 10.96 31.49 -4.08
N THR C 32 9.65 31.73 -4.02
CA THR C 32 9.02 32.09 -2.75
C THR C 32 7.90 31.16 -2.40
N GLN C 33 8.07 30.41 -1.32
CA GLN C 33 7.06 29.47 -0.85
C GLN C 33 6.22 30.14 0.24
N LEU C 34 4.91 29.89 0.25
CA LEU C 34 4.04 30.57 1.18
C LEU C 34 3.26 29.62 2.06
N HIS C 35 3.30 29.86 3.36
CA HIS C 35 2.51 29.12 4.35
C HIS C 35 1.63 30.08 5.13
N GLU C 36 0.51 29.61 5.69
CA GLU C 36 -0.35 30.44 6.55
C GLU C 36 -0.21 29.96 7.99
N VAL C 37 -0.13 30.89 8.93
CA VAL C 37 0.09 30.58 10.34
C VAL C 37 -0.98 31.27 11.19
N ASP C 38 -1.56 30.52 12.12
CA ASP C 38 -2.56 31.03 13.05
C ASP C 38 -1.85 31.68 14.24
N MET C 39 -1.87 33.02 14.30
CA MET C 39 -1.21 33.81 15.33
C MET C 39 -2.11 34.12 16.54
N THR C 40 -3.33 33.57 16.60
CA THR C 40 -4.28 33.92 17.67
C THR C 40 -3.75 33.66 19.06
N ARG C 41 -3.11 32.50 19.29
CA ARG C 41 -2.59 32.18 20.62
C ARG C 41 -1.44 33.13 20.99
N VAL C 42 -0.56 33.49 20.02
CA VAL C 42 0.50 34.45 20.29
C VAL C 42 -0.14 35.84 20.61
N ALA C 43 -1.17 36.24 19.87
CA ALA C 43 -1.86 37.51 20.11
C ALA C 43 -2.44 37.56 21.52
N GLU C 44 -3.07 36.47 21.96
CA GLU C 44 -3.66 36.41 23.31
C GLU C 44 -2.58 36.43 24.37
N LEU C 45 -1.47 35.71 24.13
CA LEU C 45 -0.36 35.65 25.11
C LEU C 45 0.28 37.01 25.25
N ARG C 46 0.48 37.70 24.13
CA ARG C 46 1.05 39.03 24.09
C ARG C 46 0.16 40.04 24.81
N LYS C 47 -1.16 39.99 24.57
CA LYS C 47 -2.11 40.89 25.22
C LYS C 47 -2.12 40.67 26.75
N LYS C 48 -2.08 39.41 27.17
CA LYS C 48 -2.12 39.06 28.58
C LYS C 48 -0.83 39.46 29.33
N ASN C 49 0.34 39.26 28.70
CA ASN C 49 1.60 39.48 29.38
C ASN C 49 2.31 40.78 29.07
N LYS C 50 1.78 41.60 28.16
CA LYS C 50 2.41 42.86 27.80
C LYS C 50 2.71 43.77 29.01
N PRO C 51 1.75 44.06 29.94
CA PRO C 51 2.08 44.92 31.09
C PRO C 51 3.22 44.36 31.95
N ALA C 52 3.22 43.06 32.29
CA ALA C 52 4.29 42.49 33.11
C ALA C 52 5.64 42.46 32.38
N PHE C 53 5.60 42.31 31.03
CA PHE C 53 6.81 42.29 30.23
C PHE C 53 7.49 43.66 30.25
N ILE C 54 6.72 44.73 29.98
CA ILE C 54 7.22 46.10 29.98
C ILE C 54 7.75 46.48 31.39
N GLU C 55 7.04 46.07 32.44
CA GLU C 55 7.43 46.35 33.82
C GLU C 55 8.77 45.71 34.18
N LYS C 56 8.98 44.45 33.75
CA LYS C 56 10.21 43.75 34.11
C LYS C 56 11.39 44.05 33.17
N HIS C 57 11.16 44.06 31.86
CA HIS C 57 12.25 44.21 30.90
C HIS C 57 12.45 45.63 30.36
N GLY C 58 11.50 46.54 30.62
CA GLY C 58 11.62 47.93 30.19
C GLY C 58 11.46 48.20 28.69
N VAL C 59 10.87 47.25 27.98
CA VAL C 59 10.67 47.34 26.53
C VAL C 59 9.26 46.84 26.17
N ASN C 60 8.64 47.40 25.13
CA ASN C 60 7.32 46.95 24.69
C ASN C 60 7.39 45.55 24.07
N LEU C 61 6.33 44.75 24.22
CA LEU C 61 6.30 43.42 23.65
C LEU C 61 5.47 43.44 22.37
N THR C 62 6.12 43.35 21.20
CA THR C 62 5.41 43.33 19.91
C THR C 62 5.39 41.86 19.36
N TYR C 63 4.90 41.63 18.14
CA TYR C 63 4.94 40.30 17.52
C TYR C 63 6.35 39.92 17.06
N LEU C 64 7.17 40.92 16.71
CA LEU C 64 8.50 40.66 16.15
C LEU C 64 9.38 39.73 17.00
N PRO C 65 9.54 39.87 18.35
CA PRO C 65 10.39 38.90 19.07
C PRO C 65 9.87 37.46 18.96
N PHE C 66 8.55 37.25 18.79
CA PHE C 66 8.02 35.88 18.62
C PHE C 66 8.45 35.32 17.27
N PHE C 67 8.34 36.13 16.20
CA PHE C 67 8.78 35.69 14.88
C PHE C 67 10.28 35.44 14.89
N VAL C 68 11.07 36.35 15.49
CA VAL C 68 12.52 36.19 15.57
C VAL C 68 12.90 34.91 16.33
N LYS C 69 12.31 34.69 17.53
CA LYS C 69 12.62 33.52 18.33
C LYS C 69 12.31 32.23 17.56
N ALA C 70 11.13 32.15 16.91
CA ALA C 70 10.78 30.96 16.12
C ALA C 70 11.70 30.75 14.91
N VAL C 71 12.00 31.85 14.18
CA VAL C 71 12.86 31.74 12.99
C VAL C 71 14.29 31.31 13.38
N VAL C 72 14.85 31.90 14.43
CA VAL C 72 16.19 31.57 14.87
C VAL C 72 16.24 30.12 15.36
N GLU C 73 15.21 29.65 16.13
CA GLU C 73 15.20 28.24 16.55
C GLU C 73 15.16 27.30 15.34
N ALA C 74 14.38 27.68 14.31
CA ALA C 74 14.29 26.86 13.10
C ALA C 74 15.59 26.89 12.32
N LEU C 75 16.31 28.03 12.31
CA LEU C 75 17.63 28.09 11.65
C LEU C 75 18.64 27.19 12.35
N VAL C 76 18.53 27.03 13.69
CA VAL C 76 19.42 26.12 14.43
C VAL C 76 19.03 24.66 14.10
N SER C 77 17.72 24.35 14.10
CA SER C 77 17.19 22.99 13.82
C SER C 77 17.36 22.57 12.37
N HIS C 78 17.44 23.54 11.45
CA HIS C 78 17.61 23.32 10.01
C HIS C 78 18.89 24.01 9.57
N PRO C 79 20.06 23.46 9.97
CA PRO C 79 21.32 24.16 9.65
C PRO C 79 21.56 24.29 8.14
N ASN C 80 20.92 23.44 7.32
CA ASN C 80 20.96 23.48 5.86
C ASN C 80 20.39 24.80 5.30
N VAL C 81 19.52 25.50 6.06
CA VAL C 81 18.95 26.80 5.63
C VAL C 81 19.90 27.95 6.05
N ASN C 82 20.57 27.82 7.20
CA ASN C 82 21.53 28.84 7.69
C ASN C 82 22.88 28.54 7.04
N ALA C 83 22.94 28.69 5.71
CA ALA C 83 24.08 28.20 4.95
C ALA C 83 24.35 29.03 3.68
N SER C 84 25.52 28.84 3.05
CA SER C 84 25.89 29.53 1.83
C SER C 84 26.51 28.55 0.83
N PHE C 85 26.26 28.75 -0.45
CA PHE C 85 26.78 27.86 -1.48
C PHE C 85 27.90 28.54 -2.29
N ASN C 86 28.98 27.82 -2.53
CA ASN C 86 30.05 28.30 -3.39
C ASN C 86 29.88 27.58 -4.73
N ALA C 87 29.38 28.27 -5.75
CA ALA C 87 29.11 27.67 -7.06
C ALA C 87 30.37 27.26 -7.83
N LYS C 88 31.54 27.77 -7.45
CA LYS C 88 32.79 27.39 -8.11
C LYS C 88 33.29 26.03 -7.57
N THR C 89 33.31 25.84 -6.24
CA THR C 89 33.80 24.59 -5.65
C THR C 89 32.68 23.56 -5.39
N LYS C 90 31.40 23.95 -5.56
CA LYS C 90 30.21 23.14 -5.28
C LYS C 90 30.16 22.73 -3.80
N GLU C 91 30.68 23.57 -2.91
CA GLU C 91 30.67 23.30 -1.48
C GLU C 91 29.66 24.16 -0.77
N MET C 92 29.01 23.58 0.21
CA MET C 92 28.07 24.29 1.06
C MET C 92 28.76 24.57 2.38
N THR C 93 28.60 25.79 2.91
CA THR C 93 29.14 26.14 4.21
C THR C 93 27.96 26.33 5.15
N TYR C 94 27.92 25.58 6.25
CA TYR C 94 26.81 25.65 7.21
C TYR C 94 27.27 26.48 8.40
N HIS C 95 26.70 27.66 8.58
CA HIS C 95 27.16 28.61 9.59
C HIS C 95 26.73 28.20 10.99
N SER C 96 27.68 28.16 11.93
CA SER C 96 27.33 27.82 13.32
C SER C 96 26.66 29.01 13.99
N SER C 97 26.96 30.25 13.58
CA SER C 97 26.26 31.42 14.11
C SER C 97 25.00 31.72 13.31
N VAL C 98 23.94 32.11 13.99
CA VAL C 98 22.74 32.60 13.33
C VAL C 98 22.81 34.12 13.45
N ASN C 99 23.20 34.81 12.37
CA ASN C 99 23.33 36.27 12.42
C ASN C 99 22.13 36.80 11.67
N LEU C 100 21.10 37.19 12.41
CA LEU C 100 19.82 37.54 11.83
C LEU C 100 19.71 38.99 11.40
N SER C 101 19.64 39.21 10.08
CA SER C 101 19.40 40.55 9.56
C SER C 101 17.93 40.88 9.67
N ILE C 102 17.61 42.11 9.99
CA ILE C 102 16.22 42.57 10.07
C ILE C 102 16.09 43.84 9.23
N ALA C 103 15.11 43.89 8.33
CA ALA C 103 14.86 45.09 7.53
C ALA C 103 14.35 46.22 8.40
N VAL C 104 15.00 47.41 8.29
CA VAL C 104 14.61 48.57 9.08
CA VAL C 104 14.62 48.57 9.08
C VAL C 104 14.46 49.79 8.16
N ASP C 105 13.51 50.67 8.49
CA ASP C 105 13.27 51.89 7.72
C ASP C 105 14.10 53.02 8.27
N THR C 106 14.71 53.79 7.35
CA THR C 106 15.48 54.98 7.69
C THR C 106 15.06 56.11 6.72
N PRO C 107 15.33 57.39 7.04
CA PRO C 107 15.02 58.46 6.06
C PRO C 107 15.74 58.26 4.73
N ALA C 108 16.98 57.71 4.76
CA ALA C 108 17.79 57.51 3.56
C ALA C 108 17.46 56.20 2.80
N GLY C 109 16.60 55.35 3.35
CA GLY C 109 16.23 54.10 2.71
C GLY C 109 16.26 52.91 3.65
N LEU C 110 15.94 51.72 3.11
CA LEU C 110 15.92 50.51 3.93
C LEU C 110 17.33 49.97 4.17
N LEU C 111 17.59 49.55 5.40
CA LEU C 111 18.85 48.93 5.78
C LEU C 111 18.57 47.55 6.37
N THR C 112 19.59 46.68 6.44
CA THR C 112 19.39 45.38 7.04
C THR C 112 20.44 45.14 8.14
N PRO C 113 20.37 45.89 9.28
CA PRO C 113 21.27 45.61 10.40
C PRO C 113 21.09 44.17 10.93
N VAL C 114 22.10 43.68 11.62
CA VAL C 114 22.20 42.28 12.02
C VAL C 114 22.26 42.06 13.54
N ILE C 115 21.50 41.09 14.02
CA ILE C 115 21.59 40.61 15.41
C ILE C 115 22.55 39.43 15.38
N HIS C 116 23.80 39.63 15.75
CA HIS C 116 24.82 38.57 15.71
C HIS C 116 24.60 37.54 16.79
N ASP C 117 24.85 36.26 16.47
CA ASP C 117 24.70 35.14 17.41
C ASP C 117 23.34 35.16 18.09
N ALA C 118 22.29 35.40 17.30
CA ALA C 118 20.90 35.45 17.74
C ALA C 118 20.47 34.13 18.39
N GLN C 119 21.15 32.99 18.09
CA GLN C 119 20.82 31.69 18.66
C GLN C 119 20.99 31.66 20.18
N ASP C 120 21.82 32.54 20.75
CA ASP C 120 22.01 32.59 22.20
C ASP C 120 20.99 33.50 22.92
N LEU C 121 20.12 34.21 22.18
CA LEU C 121 19.26 35.20 22.80
C LEU C 121 17.86 34.71 23.21
N SER C 122 17.41 35.23 24.36
CA SER C 122 16.06 35.02 24.86
C SER C 122 15.10 36.06 24.20
N ILE C 123 13.78 35.90 24.37
CA ILE C 123 12.81 36.88 23.86
C ILE C 123 13.08 38.29 24.47
N PRO C 124 13.30 38.44 25.80
CA PRO C 124 13.63 39.78 26.32
C PRO C 124 14.91 40.37 25.68
N GLU C 125 15.95 39.56 25.46
CA GLU C 125 17.19 40.04 24.82
C GLU C 125 16.94 40.45 23.36
N ILE C 126 16.08 39.71 22.64
CA ILE C 126 15.72 40.02 21.27
C ILE C 126 14.98 41.35 21.23
N ALA C 127 13.98 41.54 22.11
CA ALA C 127 13.19 42.77 22.18
C ALA C 127 14.11 43.99 22.40
N LYS C 128 15.10 43.87 23.30
CA LYS C 128 16.05 44.96 23.56
C LYS C 128 16.97 45.21 22.35
N ALA C 129 17.44 44.14 21.67
CA ALA C 129 18.30 44.30 20.51
C ALA C 129 17.57 44.98 19.36
N ILE C 130 16.27 44.68 19.20
CA ILE C 130 15.49 45.30 18.13
C ILE C 130 15.34 46.80 18.41
N VAL C 131 15.08 47.19 19.67
CA VAL C 131 14.93 48.59 20.07
C VAL C 131 16.24 49.34 19.79
N ASP C 132 17.37 48.75 20.17
CA ASP C 132 18.68 49.35 19.93
C ASP C 132 18.94 49.55 18.41
N LEU C 133 18.73 48.51 17.59
CA LEU C 133 18.97 48.60 16.15
C LEU C 133 18.03 49.60 15.47
N ALA C 134 16.76 49.62 15.86
CA ALA C 134 15.80 50.55 15.24
C ALA C 134 16.15 51.98 15.57
N ASP C 135 16.57 52.24 16.82
CA ASP C 135 16.96 53.57 17.27
C ASP C 135 18.21 54.06 16.51
N ARG C 136 19.28 53.25 16.50
CA ARG C 136 20.51 53.66 15.85
C ARG C 136 20.34 53.72 14.33
N SER C 137 19.41 52.96 13.74
CA SER C 137 19.19 53.04 12.29
C SER C 137 18.55 54.39 11.91
N ARG C 138 17.58 54.83 12.69
CA ARG C 138 16.87 56.08 12.44
C ARG C 138 17.77 57.29 12.75
N ASN C 139 18.59 57.18 13.81
CA ASN C 139 19.45 58.28 14.20
C ASN C 139 20.86 58.23 13.55
N ASN C 140 21.04 57.42 12.49
CA ASN C 140 22.29 57.32 11.73
C ASN C 140 23.52 56.99 12.62
N LYS C 141 23.35 56.07 13.58
CA LYS C 141 24.43 55.66 14.45
C LYS C 141 24.77 54.16 14.27
N LEU C 142 24.48 53.57 13.10
CA LEU C 142 24.89 52.18 12.83
C LEU C 142 26.36 52.17 12.42
N LYS C 143 27.10 51.14 12.83
CA LYS C 143 28.52 50.98 12.51
C LYS C 143 28.68 49.85 11.48
N PRO C 144 29.81 49.76 10.74
CA PRO C 144 29.97 48.66 9.77
C PRO C 144 29.72 47.27 10.36
N ASN C 145 30.13 47.01 11.62
CA ASN C 145 29.90 45.71 12.27
C ASN C 145 28.41 45.41 12.48
N ASP C 146 27.54 46.43 12.49
CA ASP C 146 26.09 46.18 12.58
C ASP C 146 25.49 45.69 11.26
N LEU C 147 26.16 45.89 10.11
CA LEU C 147 25.58 45.53 8.82
C LEU C 147 26.18 44.27 8.17
N SER C 148 27.29 43.76 8.71
CA SER C 148 27.95 42.61 8.09
C SER C 148 27.62 41.28 8.79
N GLY C 149 27.94 40.18 8.11
CA GLY C 149 27.87 38.82 8.63
C GLY C 149 26.50 38.17 8.69
N GLY C 150 25.50 38.78 8.07
CA GLY C 150 24.14 38.22 8.07
C GLY C 150 24.09 36.83 7.43
N THR C 151 23.39 35.89 8.08
CA THR C 151 23.23 34.53 7.54
C THR C 151 21.78 34.24 7.08
N PHE C 152 20.83 35.09 7.47
CA PHE C 152 19.40 34.98 7.12
C PHE C 152 18.75 36.33 7.40
N THR C 153 17.64 36.66 6.71
CA THR C 153 16.98 37.94 6.91
C THR C 153 15.49 37.78 7.18
N ILE C 154 14.92 38.66 8.02
CA ILE C 154 13.49 38.77 8.23
C ILE C 154 13.08 40.19 7.81
N THR C 155 11.98 40.31 7.06
CA THR C 155 11.50 41.63 6.64
C THR C 155 10.01 41.71 6.94
N ASN C 156 9.59 42.74 7.67
CA ASN C 156 8.18 42.86 8.06
C ASN C 156 7.37 43.55 6.94
N ILE C 157 7.09 42.83 5.86
CA ILE C 157 6.35 43.41 4.73
C ILE C 157 4.90 43.77 5.12
N GLY C 158 4.38 43.22 6.21
CA GLY C 158 3.06 43.59 6.69
C GLY C 158 2.97 44.97 7.32
N SER C 159 4.14 45.61 7.61
CA SER C 159 4.12 46.94 8.23
C SER C 159 3.47 47.98 7.31
N GLU C 160 3.50 47.77 5.98
CA GLU C 160 2.85 48.71 5.08
C GLU C 160 1.57 48.11 4.42
N GLY C 161 0.99 47.08 5.04
CA GLY C 161 -0.28 46.50 4.62
C GLY C 161 -0.28 45.24 3.78
N ALA C 162 0.88 44.82 3.28
CA ALA C 162 0.94 43.65 2.40
C ALA C 162 0.57 42.34 3.06
N LEU C 163 -0.16 41.49 2.34
CA LEU C 163 -0.38 40.11 2.80
C LEU C 163 0.86 39.28 2.58
N SER C 164 1.54 39.50 1.44
CA SER C 164 2.68 38.73 1.03
C SER C 164 3.49 39.47 -0.05
N ASP C 165 4.67 38.96 -0.37
CA ASP C 165 5.58 39.53 -1.37
C ASP C 165 6.56 38.40 -1.78
N THR C 166 7.46 38.65 -2.73
CA THR C 166 8.51 37.69 -3.08
C THR C 166 9.83 38.41 -2.80
N PRO C 167 10.16 38.63 -1.52
CA PRO C 167 11.33 39.46 -1.19
C PRO C 167 12.62 38.95 -1.82
N ILE C 168 13.52 39.88 -2.19
CA ILE C 168 14.76 39.48 -2.82
C ILE C 168 15.79 39.14 -1.77
N LEU C 169 16.32 37.96 -1.91
CA LEU C 169 17.35 37.42 -1.08
C LEU C 169 18.73 37.95 -1.55
N VAL C 170 19.67 38.25 -0.64
CA VAL C 170 20.99 38.74 -1.03
C VAL C 170 22.07 37.70 -0.69
N PRO C 171 22.62 37.03 -1.71
CA PRO C 171 23.74 36.10 -1.45
C PRO C 171 24.90 36.81 -0.72
N PRO C 172 25.60 36.14 0.22
CA PRO C 172 25.65 34.69 0.42
C PRO C 172 24.52 34.09 1.26
N GLN C 173 23.50 34.88 1.66
CA GLN C 173 22.38 34.30 2.41
C GLN C 173 21.56 33.37 1.48
N ALA C 174 20.88 32.41 2.07
CA ALA C 174 20.07 31.45 1.29
C ALA C 174 18.56 31.64 1.47
N GLY C 175 18.15 32.48 2.42
CA GLY C 175 16.73 32.71 2.66
C GLY C 175 16.41 34.06 3.24
N ILE C 176 15.20 34.55 2.92
CA ILE C 176 14.67 35.79 3.48
C ILE C 176 13.18 35.54 3.73
N LEU C 177 12.75 35.73 4.98
CA LEU C 177 11.39 35.48 5.37
C LEU C 177 10.63 36.80 5.54
N GLY C 178 9.46 36.89 4.91
CA GLY C 178 8.62 38.06 5.07
C GLY C 178 7.52 37.73 6.06
N THR C 179 7.17 38.69 6.93
CA THR C 179 6.05 38.49 7.84
C THR C 179 4.93 39.39 7.30
N GLY C 180 3.92 38.77 6.69
CA GLY C 180 2.80 39.53 6.14
C GLY C 180 1.93 40.18 7.20
N ALA C 181 0.89 40.90 6.78
CA ALA C 181 -0.03 41.52 7.72
C ALA C 181 -0.80 40.43 8.47
N ILE C 182 -1.04 40.63 9.77
CA ILE C 182 -1.83 39.68 10.57
C ILE C 182 -3.27 40.12 10.44
N VAL C 183 -4.13 39.28 9.87
CA VAL C 183 -5.50 39.65 9.56
C VAL C 183 -6.50 38.70 10.17
N LYS C 184 -7.60 39.23 10.75
CA LYS C 184 -8.67 38.37 11.27
C LYS C 184 -9.40 37.75 10.08
N ARG C 185 -9.53 36.42 10.09
CA ARG C 185 -10.19 35.70 9.01
C ARG C 185 -11.09 34.60 9.54
N PRO C 186 -12.19 34.30 8.83
CA PRO C 186 -12.98 33.13 9.22
C PRO C 186 -12.23 31.89 8.71
N VAL C 187 -11.94 30.95 9.61
CA VAL C 187 -11.20 29.73 9.26
C VAL C 187 -11.93 28.49 9.81
N VAL C 188 -11.56 27.29 9.32
CA VAL C 188 -12.17 26.07 9.83
C VAL C 188 -11.34 25.55 10.97
N ILE C 189 -11.98 25.26 12.09
CA ILE C 189 -11.32 24.65 13.23
C ILE C 189 -11.98 23.28 13.48
N THR C 190 -11.21 22.34 14.00
CA THR C 190 -11.72 21.02 14.27
C THR C 190 -11.54 20.68 15.75
N GLU C 191 -12.64 20.41 16.44
CA GLU C 191 -12.63 20.08 17.86
C GLU C 191 -13.51 18.87 18.12
N ASP C 192 -12.90 17.78 18.63
CA ASP C 192 -13.57 16.51 18.92
C ASP C 192 -14.21 15.95 17.63
N GLY C 193 -13.50 16.05 16.52
CA GLY C 193 -13.96 15.56 15.23
C GLY C 193 -15.02 16.42 14.55
N ILE C 194 -15.38 17.55 15.15
CA ILE C 194 -16.43 18.42 14.60
C ILE C 194 -15.79 19.66 13.98
N ASP C 195 -16.15 19.97 12.73
CA ASP C 195 -15.65 21.17 12.07
C ASP C 195 -16.57 22.35 12.33
N SER C 196 -15.98 23.52 12.57
CA SER C 196 -16.76 24.73 12.76
C SER C 196 -15.99 25.92 12.21
N ILE C 197 -16.66 27.06 12.05
CA ILE C 197 -16.00 28.26 11.54
C ILE C 197 -15.73 29.21 12.69
N ALA C 198 -14.48 29.65 12.82
CA ALA C 198 -14.09 30.56 13.90
C ALA C 198 -13.26 31.72 13.35
N ILE C 199 -13.21 32.83 14.07
CA ILE C 199 -12.41 33.98 13.66
C ILE C 199 -11.04 33.81 14.26
N ARG C 200 -10.00 33.84 13.42
CA ARG C 200 -8.63 33.69 13.91
C ARG C 200 -7.73 34.75 13.28
N GLN C 201 -6.63 35.11 13.96
CA GLN C 201 -5.69 36.07 13.40
C GLN C 201 -4.68 35.30 12.54
N MET C 202 -4.78 35.43 11.23
CA MET C 202 -3.95 34.67 10.31
C MET C 202 -2.87 35.51 9.67
N VAL C 203 -1.69 34.90 9.47
CA VAL C 203 -0.60 35.59 8.81
C VAL C 203 -0.02 34.71 7.70
N PHE C 204 0.44 35.34 6.61
CA PHE C 204 1.15 34.61 5.57
C PHE C 204 2.62 34.80 5.81
N LEU C 205 3.39 33.72 5.70
CA LEU C 205 4.83 33.79 5.83
C LEU C 205 5.47 33.38 4.51
N PRO C 206 5.69 34.33 3.60
CA PRO C 206 6.41 33.99 2.37
C PRO C 206 7.91 33.87 2.63
N LEU C 207 8.48 32.75 2.23
CA LEU C 207 9.91 32.55 2.35
C LEU C 207 10.53 32.56 0.97
N THR C 208 11.42 33.50 0.69
CA THR C 208 12.20 33.41 -0.54
C THR C 208 13.42 32.61 -0.20
N TYR C 209 13.69 31.57 -0.98
CA TYR C 209 14.86 30.74 -0.74
C TYR C 209 15.63 30.53 -2.03
N ASP C 210 16.93 30.22 -1.90
CA ASP C 210 17.77 29.99 -3.05
C ASP C 210 17.79 28.50 -3.34
N HIS C 211 17.31 28.09 -4.53
CA HIS C 211 17.26 26.68 -4.91
C HIS C 211 18.67 26.05 -5.02
N GLN C 212 19.75 26.86 -5.03
CA GLN C 212 21.11 26.29 -4.94
C GLN C 212 21.32 25.62 -3.56
N VAL C 213 20.66 26.13 -2.52
CA VAL C 213 20.90 25.69 -1.14
C VAL C 213 19.74 24.90 -0.57
N VAL C 214 18.51 25.29 -0.89
CA VAL C 214 17.29 24.78 -0.29
C VAL C 214 16.30 24.37 -1.37
N ASP C 215 15.74 23.16 -1.31
CA ASP C 215 14.71 22.79 -2.29
C ASP C 215 13.31 23.03 -1.65
N GLY C 216 12.23 22.81 -2.43
CA GLY C 216 10.86 23.01 -1.98
C GLY C 216 10.49 22.24 -0.74
N ALA C 217 11.01 21.01 -0.60
CA ALA C 217 10.70 20.17 0.56
C ALA C 217 11.45 20.67 1.79
N ASP C 218 12.74 21.06 1.61
CA ASP C 218 13.53 21.64 2.70
C ASP C 218 12.87 22.93 3.22
N ALA C 219 12.39 23.77 2.28
CA ALA C 219 11.74 25.03 2.64
C ALA C 219 10.47 24.76 3.45
N GLY C 220 9.68 23.77 3.00
CA GLY C 220 8.44 23.39 3.67
C GLY C 220 8.66 22.87 5.07
N ARG C 221 9.70 22.05 5.27
CA ARG C 221 10.01 21.52 6.61
C ARG C 221 10.48 22.64 7.54
N PHE C 222 11.28 23.58 7.03
CA PHE C 222 11.74 24.72 7.81
C PHE C 222 10.54 25.61 8.22
N LEU C 223 9.65 25.92 7.27
CA LEU C 223 8.47 26.74 7.57
C LEU C 223 7.50 26.01 8.49
N THR C 224 7.43 24.66 8.43
CA THR C 224 6.54 23.89 9.31
C THR C 224 7.04 23.97 10.75
N THR C 225 8.38 23.94 10.96
CA THR C 225 8.94 24.07 12.30
C THR C 225 8.55 25.45 12.89
N ILE C 226 8.66 26.52 12.08
CA ILE C 226 8.28 27.87 12.48
C ILE C 226 6.77 27.96 12.78
N LYS C 227 5.94 27.45 11.86
CA LYS C 227 4.49 27.48 12.00
C LYS C 227 4.04 26.74 13.27
N ASP C 228 4.56 25.53 13.51
CA ASP C 228 4.16 24.75 14.68
C ASP C 228 4.59 25.43 15.98
N ARG C 229 5.77 26.06 15.99
CA ARG C 229 6.23 26.77 17.17
C ARG C 229 5.29 27.96 17.50
N LEU C 230 4.94 28.75 16.47
CA LEU C 230 4.06 29.90 16.65
C LEU C 230 2.62 29.49 16.98
N GLU C 231 2.10 28.45 16.31
CA GLU C 231 0.71 28.02 16.57
C GLU C 231 0.55 27.39 17.94
N THR C 232 1.56 26.63 18.40
CA THR C 232 1.52 26.06 19.77
C THR C 232 1.59 27.21 20.79
N ALA C 233 2.38 28.24 20.49
CA ALA C 233 2.54 29.48 21.26
C ALA C 233 2.92 29.21 22.72
N ASN C 234 3.76 28.20 22.96
CA ASN C 234 4.24 27.92 24.31
C ASN C 234 5.42 28.85 24.60
N PHE C 235 5.13 30.14 24.82
CA PHE C 235 6.17 31.15 25.03
C PHE C 235 6.13 31.80 26.41
N GLU C 236 5.22 31.40 27.31
CA GLU C 236 5.14 32.07 28.63
C GLU C 236 6.47 31.98 29.40
N GLY C 237 7.08 30.80 29.48
CA GLY C 237 8.37 30.64 30.13
C GLY C 237 9.47 31.42 29.44
N ASP C 238 9.41 31.51 28.09
CA ASP C 238 10.36 32.27 27.27
C ASP C 238 10.30 33.79 27.54
N LEU C 239 9.17 34.30 28.03
CA LEU C 239 9.03 35.72 28.34
C LEU C 239 9.80 36.12 29.62
N GLN C 240 10.19 35.14 30.46
CA GLN C 240 10.94 35.32 31.71
C GLN C 240 10.31 36.40 32.60
N LEU C 241 9.05 36.21 32.98
CA LEU C 241 8.33 37.19 33.81
C LEU C 241 8.47 36.90 35.31
N GLY D 1 -9.23 -70.35 7.71
CA GLY D 1 -8.56 -70.51 8.99
C GLY D 1 -7.75 -69.29 9.40
N SER D 2 -7.15 -69.35 10.60
CA SER D 2 -6.33 -68.28 11.21
C SER D 2 -5.35 -67.67 10.21
N LEU D 3 -5.27 -66.35 10.16
CA LEU D 3 -4.41 -65.69 9.18
C LEU D 3 -2.92 -65.72 9.60
N ARG D 4 -2.62 -65.38 10.86
CA ARG D 4 -1.24 -65.25 11.36
C ARG D 4 -0.39 -66.49 11.08
N GLY D 5 0.78 -66.27 10.51
CA GLY D 5 1.71 -67.34 10.21
C GLY D 5 1.37 -68.11 8.94
N THR D 6 0.50 -67.55 8.07
CA THR D 6 0.14 -68.24 6.83
C THR D 6 0.28 -67.33 5.61
N THR D 7 0.26 -67.92 4.41
CA THR D 7 0.21 -67.24 3.13
C THR D 7 -1.07 -67.74 2.46
N GLN D 8 -1.98 -66.81 2.11
CA GLN D 8 -3.27 -67.23 1.53
C GLN D 8 -3.59 -66.39 0.32
N LYS D 9 -4.19 -67.01 -0.72
CA LYS D 9 -4.61 -66.25 -1.89
C LYS D 9 -5.77 -65.33 -1.50
N VAL D 10 -5.72 -64.06 -1.94
CA VAL D 10 -6.74 -63.09 -1.56
C VAL D 10 -8.02 -63.32 -2.38
N ASN D 11 -9.16 -62.83 -1.87
CA ASN D 11 -10.42 -62.99 -2.60
C ASN D 11 -10.45 -61.98 -3.81
N ARG D 12 -11.45 -62.10 -4.66
CA ARG D 12 -11.58 -61.29 -5.86
C ARG D 12 -11.67 -59.78 -5.56
N ILE D 13 -12.42 -59.39 -4.52
CA ILE D 13 -12.53 -57.97 -4.15
C ILE D 13 -11.17 -57.39 -3.77
N ARG D 14 -10.42 -58.12 -2.93
CA ARG D 14 -9.09 -57.67 -2.49
C ARG D 14 -8.13 -57.62 -3.67
N GLU D 15 -8.19 -58.60 -4.57
CA GLU D 15 -7.32 -58.64 -5.73
C GLU D 15 -7.54 -57.41 -6.63
N ILE D 16 -8.81 -57.11 -6.95
CA ILE D 16 -9.16 -55.96 -7.80
C ILE D 16 -8.80 -54.67 -7.08
N THR D 17 -9.11 -54.57 -5.77
CA THR D 17 -8.79 -53.38 -5.00
C THR D 17 -7.29 -53.09 -5.02
N ALA D 18 -6.46 -54.13 -4.84
CA ALA D 18 -5.01 -53.94 -4.83
C ALA D 18 -4.52 -53.41 -6.17
N MET D 19 -5.01 -53.99 -7.28
CA MET D 19 -4.57 -53.56 -8.60
C MET D 19 -5.06 -52.14 -8.91
N LYS D 20 -6.36 -51.88 -8.72
CA LYS D 20 -6.93 -50.60 -9.09
C LYS D 20 -6.37 -49.44 -8.29
N THR D 21 -6.14 -49.61 -6.97
CA THR D 21 -5.65 -48.50 -6.16
C THR D 21 -4.21 -48.15 -6.47
N VAL D 22 -3.36 -49.16 -6.71
CA VAL D 22 -1.94 -48.90 -7.03
C VAL D 22 -1.87 -48.13 -8.36
N GLU D 23 -2.62 -48.62 -9.36
CA GLU D 23 -2.63 -48.03 -10.68
C GLU D 23 -3.29 -46.66 -10.70
N ALA D 24 -4.38 -46.47 -9.96
CA ALA D 24 -5.13 -45.21 -9.94
C ALA D 24 -4.22 -44.01 -9.64
N LEU D 25 -3.34 -44.17 -8.65
CA LEU D 25 -2.43 -43.09 -8.24
C LEU D 25 -1.43 -42.73 -9.33
N GLN D 26 -1.13 -43.67 -10.24
CA GLN D 26 -0.15 -43.43 -11.30
C GLN D 26 -0.77 -42.96 -12.61
N ILE D 27 -2.10 -42.95 -12.73
CA ILE D 27 -2.75 -42.44 -13.95
C ILE D 27 -3.62 -41.19 -13.67
N SER D 28 -3.39 -40.54 -12.52
CA SER D 28 -4.07 -39.33 -12.10
C SER D 28 -3.08 -38.53 -11.22
N ALA D 29 -3.45 -37.31 -10.83
CA ALA D 29 -2.60 -36.48 -9.97
C ALA D 29 -3.41 -36.16 -8.74
N GLN D 30 -3.42 -37.08 -7.79
CA GLN D 30 -4.27 -36.94 -6.61
C GLN D 30 -3.68 -36.10 -5.51
N LEU D 31 -4.55 -35.30 -4.91
CA LEU D 31 -4.26 -34.48 -3.74
C LEU D 31 -5.54 -34.30 -2.94
N THR D 32 -5.41 -34.07 -1.62
CA THR D 32 -6.58 -34.02 -0.76
C THR D 32 -6.71 -32.71 -0.03
N GLN D 33 -7.76 -31.95 -0.36
CA GLN D 33 -8.01 -30.66 0.27
C GLN D 33 -8.99 -30.85 1.41
N LEU D 34 -8.79 -30.18 2.54
CA LEU D 34 -9.61 -30.37 3.70
C LEU D 34 -10.28 -29.09 4.18
N HIS D 35 -11.60 -29.18 4.40
CA HIS D 35 -12.40 -28.09 4.96
C HIS D 35 -13.09 -28.59 6.23
N GLU D 36 -13.43 -27.68 7.15
CA GLU D 36 -14.19 -28.05 8.34
C GLU D 36 -15.61 -27.49 8.19
N VAL D 37 -16.61 -28.25 8.63
CA VAL D 37 -18.00 -27.86 8.49
C VAL D 37 -18.72 -27.99 9.83
N ASP D 38 -19.53 -26.99 10.19
CA ASP D 38 -20.34 -26.99 11.41
C ASP D 38 -21.66 -27.71 11.12
N MET D 39 -21.79 -28.94 11.64
CA MET D 39 -22.97 -29.79 11.47
C MET D 39 -24.02 -29.64 12.58
N THR D 40 -23.87 -28.66 13.48
CA THR D 40 -24.80 -28.52 14.60
C THR D 40 -26.26 -28.33 14.17
N ARG D 41 -26.52 -27.46 13.18
CA ARG D 41 -27.89 -27.23 12.74
C ARG D 41 -28.49 -28.48 12.06
N VAL D 42 -27.67 -29.25 11.32
CA VAL D 42 -28.16 -30.50 10.74
C VAL D 42 -28.45 -31.50 11.89
N ALA D 43 -27.59 -31.55 12.91
CA ALA D 43 -27.78 -32.44 14.06
C ALA D 43 -29.08 -32.10 14.79
N GLU D 44 -29.38 -30.81 14.97
CA GLU D 44 -30.60 -30.40 15.64
C GLU D 44 -31.83 -30.74 14.77
N LEU D 45 -31.71 -30.54 13.45
CA LEU D 45 -32.79 -30.86 12.52
C LEU D 45 -33.11 -32.36 12.53
N ARG D 46 -32.06 -33.18 12.58
CA ARG D 46 -32.09 -34.62 12.61
C ARG D 46 -32.72 -35.09 13.91
N LYS D 47 -32.31 -34.53 15.05
CA LYS D 47 -32.87 -34.89 16.35
C LYS D 47 -34.38 -34.55 16.43
N LYS D 48 -34.76 -33.41 15.87
CA LYS D 48 -36.14 -32.95 15.89
C LYS D 48 -37.03 -33.77 14.95
N ASN D 49 -36.54 -34.12 13.75
CA ASN D 49 -37.37 -34.78 12.76
C ASN D 49 -37.14 -36.28 12.60
N LYS D 50 -36.23 -36.89 13.37
CA LYS D 50 -35.97 -38.34 13.25
C LYS D 50 -37.25 -39.18 13.44
N PRO D 51 -38.07 -38.98 14.49
CA PRO D 51 -39.28 -39.82 14.65
C PRO D 51 -40.26 -39.75 13.46
N ALA D 52 -40.60 -38.55 12.97
CA ALA D 52 -41.53 -38.41 11.84
C ALA D 52 -40.94 -38.98 10.54
N PHE D 53 -39.62 -38.87 10.35
CA PHE D 53 -38.98 -39.36 9.15
C PHE D 53 -39.08 -40.88 9.04
N ILE D 54 -38.73 -41.62 10.11
CA ILE D 54 -38.78 -43.08 10.06
C ILE D 54 -40.25 -43.55 10.00
N GLU D 55 -41.19 -42.82 10.65
CA GLU D 55 -42.59 -43.20 10.59
C GLU D 55 -43.15 -43.04 9.17
N LYS D 56 -42.77 -41.96 8.47
CA LYS D 56 -43.30 -41.73 7.12
C LYS D 56 -42.54 -42.50 6.02
N HIS D 57 -41.21 -42.50 6.05
CA HIS D 57 -40.41 -43.10 4.99
C HIS D 57 -39.88 -44.52 5.27
N GLY D 58 -40.03 -45.00 6.50
CA GLY D 58 -39.61 -46.36 6.84
C GLY D 58 -38.14 -46.58 7.09
N VAL D 59 -37.31 -45.53 6.96
CA VAL D 59 -35.87 -45.68 7.22
C VAL D 59 -35.37 -44.58 8.16
N ASN D 60 -34.39 -44.91 8.99
CA ASN D 60 -33.81 -43.98 9.93
C ASN D 60 -33.09 -42.85 9.22
N LEU D 61 -33.25 -41.63 9.73
CA LEU D 61 -32.60 -40.43 9.22
C LEU D 61 -31.21 -40.27 9.85
N THR D 62 -30.18 -40.56 9.08
CA THR D 62 -28.80 -40.44 9.55
C THR D 62 -28.19 -39.14 8.94
N TYR D 63 -26.88 -38.86 9.15
CA TYR D 63 -26.24 -37.71 8.54
C TYR D 63 -25.97 -37.92 7.06
N LEU D 64 -25.75 -39.18 6.64
CA LEU D 64 -25.34 -39.51 5.29
C LEU D 64 -26.26 -38.93 4.19
N PRO D 65 -27.61 -38.97 4.25
CA PRO D 65 -28.41 -38.34 3.19
C PRO D 65 -28.21 -36.83 3.08
N PHE D 66 -27.84 -36.15 4.18
CA PHE D 66 -27.58 -34.70 4.14
C PHE D 66 -26.29 -34.44 3.38
N PHE D 67 -25.25 -35.24 3.64
CA PHE D 67 -24.00 -35.13 2.90
C PHE D 67 -24.23 -35.43 1.42
N VAL D 68 -24.97 -36.51 1.11
CA VAL D 68 -25.24 -36.88 -0.27
C VAL D 68 -26.03 -35.77 -1.00
N LYS D 69 -27.10 -35.22 -0.38
CA LYS D 69 -27.90 -34.17 -1.03
C LYS D 69 -27.05 -32.94 -1.35
N ALA D 70 -26.24 -32.47 -0.39
CA ALA D 70 -25.39 -31.31 -0.60
C ALA D 70 -24.32 -31.60 -1.67
N VAL D 71 -23.68 -32.77 -1.63
CA VAL D 71 -22.65 -33.11 -2.60
C VAL D 71 -23.23 -33.24 -4.02
N VAL D 72 -24.38 -33.92 -4.17
CA VAL D 72 -25.01 -34.09 -5.46
C VAL D 72 -25.43 -32.72 -6.03
N GLU D 73 -26.00 -31.83 -5.19
CA GLU D 73 -26.35 -30.48 -5.64
C GLU D 73 -25.11 -29.72 -6.11
N ALA D 74 -23.99 -29.87 -5.40
CA ALA D 74 -22.75 -29.19 -5.75
C ALA D 74 -22.12 -29.76 -7.04
N LEU D 75 -22.34 -31.05 -7.32
CA LEU D 75 -21.83 -31.66 -8.55
C LEU D 75 -22.61 -31.15 -9.79
N VAL D 76 -23.85 -30.69 -9.60
CA VAL D 76 -24.64 -30.09 -10.67
C VAL D 76 -24.18 -28.64 -10.84
N SER D 77 -24.04 -27.91 -9.71
CA SER D 77 -23.61 -26.49 -9.65
C SER D 77 -22.18 -26.26 -10.15
N HIS D 78 -21.34 -27.27 -9.95
CA HIS D 78 -19.94 -27.30 -10.37
C HIS D 78 -19.78 -28.49 -11.31
N PRO D 79 -20.28 -28.36 -12.56
CA PRO D 79 -20.18 -29.50 -13.49
C PRO D 79 -18.76 -29.91 -13.84
N ASN D 80 -17.78 -28.99 -13.66
CA ASN D 80 -16.36 -29.24 -13.89
C ASN D 80 -15.80 -30.31 -12.94
N VAL D 81 -16.46 -30.57 -11.78
CA VAL D 81 -16.04 -31.60 -10.83
C VAL D 81 -16.68 -32.95 -11.21
N ASN D 82 -17.92 -32.95 -11.73
CA ASN D 82 -18.62 -34.16 -12.19
C ASN D 82 -18.18 -34.42 -13.63
N ALA D 83 -16.90 -34.75 -13.80
CA ALA D 83 -16.31 -34.79 -15.12
C ALA D 83 -15.15 -35.82 -15.21
N SER D 84 -14.73 -36.15 -16.44
CA SER D 84 -13.63 -37.07 -16.68
C SER D 84 -12.67 -36.50 -17.72
N PHE D 85 -11.37 -36.73 -17.56
CA PHE D 85 -10.37 -36.25 -18.49
C PHE D 85 -9.82 -37.39 -19.33
N ASN D 86 -9.72 -37.18 -20.65
CA ASN D 86 -9.10 -38.16 -21.52
C ASN D 86 -7.71 -37.63 -21.82
N ALA D 87 -6.67 -38.21 -21.19
CA ALA D 87 -5.30 -37.74 -21.35
C ALA D 87 -4.73 -37.94 -22.75
N LYS D 88 -5.34 -38.80 -23.57
CA LYS D 88 -4.86 -39.02 -24.93
C LYS D 88 -5.34 -37.89 -25.87
N THR D 89 -6.63 -37.55 -25.81
CA THR D 89 -7.18 -36.51 -26.69
C THR D 89 -7.25 -35.12 -26.05
N LYS D 90 -6.81 -35.00 -24.78
CA LYS D 90 -6.83 -33.76 -23.99
C LYS D 90 -8.26 -33.19 -23.92
N GLU D 91 -9.28 -34.06 -23.87
CA GLU D 91 -10.66 -33.59 -23.84
C GLU D 91 -11.34 -33.89 -22.50
N MET D 92 -12.12 -32.93 -22.00
CA MET D 92 -12.87 -33.09 -20.77
C MET D 92 -14.31 -33.43 -21.09
N THR D 93 -14.87 -34.44 -20.43
CA THR D 93 -16.26 -34.81 -20.63
C THR D 93 -17.02 -34.45 -19.36
N TYR D 94 -18.03 -33.60 -19.47
CA TYR D 94 -18.82 -33.16 -18.32
C TYR D 94 -20.09 -33.98 -18.31
N HIS D 95 -20.20 -34.91 -17.35
CA HIS D 95 -21.33 -35.81 -17.30
C HIS D 95 -22.62 -35.10 -16.92
N SER D 96 -23.71 -35.41 -17.60
CA SER D 96 -25.01 -34.81 -17.28
C SER D 96 -25.65 -35.56 -16.09
N SER D 97 -25.35 -36.84 -15.91
CA SER D 97 -25.84 -37.61 -14.77
C SER D 97 -24.86 -37.53 -13.61
N VAL D 98 -25.39 -37.46 -12.39
CA VAL D 98 -24.56 -37.56 -11.20
C VAL D 98 -24.77 -39.00 -10.72
N ASN D 99 -23.82 -39.89 -10.99
CA ASN D 99 -23.94 -41.28 -10.58
C ASN D 99 -23.04 -41.45 -9.37
N LEU D 100 -23.64 -41.35 -8.18
CA LEU D 100 -22.86 -41.31 -6.95
C LEU D 100 -22.51 -42.67 -6.39
N SER D 101 -21.22 -43.02 -6.40
CA SER D 101 -20.74 -44.24 -5.78
C SER D 101 -20.65 -44.03 -4.28
N ILE D 102 -21.04 -45.04 -3.51
CA ILE D 102 -20.93 -44.98 -2.07
C ILE D 102 -20.09 -46.17 -1.61
N ALA D 103 -19.10 -45.92 -0.74
CA ALA D 103 -18.27 -46.98 -0.22
C ALA D 103 -19.01 -47.75 0.83
N VAL D 104 -19.01 -49.07 0.68
CA VAL D 104 -19.66 -49.96 1.60
C VAL D 104 -18.62 -50.99 2.06
N ASP D 105 -18.26 -50.95 3.34
CA ASP D 105 -17.32 -51.89 3.98
C ASP D 105 -18.07 -53.17 4.21
N THR D 106 -17.58 -54.30 3.70
CA THR D 106 -18.22 -55.62 3.87
C THR D 106 -17.17 -56.62 4.44
N PRO D 107 -17.60 -57.77 5.00
CA PRO D 107 -16.62 -58.77 5.48
C PRO D 107 -15.67 -59.23 4.37
N ALA D 108 -16.17 -59.34 3.10
CA ALA D 108 -15.30 -59.71 1.96
C ALA D 108 -14.42 -58.56 1.46
N GLY D 109 -14.70 -57.33 1.89
CA GLY D 109 -13.95 -56.17 1.46
C GLY D 109 -14.84 -55.01 1.05
N LEU D 110 -14.21 -53.97 0.52
CA LEU D 110 -14.84 -52.72 0.09
C LEU D 110 -15.52 -52.80 -1.26
N LEU D 111 -16.79 -52.38 -1.32
CA LEU D 111 -17.51 -52.28 -2.59
C LEU D 111 -17.97 -50.84 -2.79
N THR D 112 -18.05 -50.37 -4.06
CA THR D 112 -18.54 -49.01 -4.31
C THR D 112 -19.77 -49.07 -5.23
N PRO D 113 -20.92 -49.52 -4.71
CA PRO D 113 -22.15 -49.48 -5.53
C PRO D 113 -22.56 -48.03 -5.85
N VAL D 114 -23.34 -47.87 -6.92
CA VAL D 114 -23.67 -46.56 -7.46
C VAL D 114 -25.17 -46.20 -7.40
N ILE D 115 -25.46 -44.97 -6.99
CA ILE D 115 -26.81 -44.41 -7.04
C ILE D 115 -26.89 -43.64 -8.34
N HIS D 116 -27.47 -44.24 -9.39
CA HIS D 116 -27.57 -43.61 -10.70
C HIS D 116 -28.54 -42.45 -10.70
N ASP D 117 -28.20 -41.38 -11.43
CA ASP D 117 -29.04 -40.17 -11.56
C ASP D 117 -29.49 -39.65 -10.19
N ALA D 118 -28.53 -39.59 -9.26
CA ALA D 118 -28.75 -39.12 -7.90
C ALA D 118 -29.25 -37.68 -7.87
N GLN D 119 -29.02 -36.88 -8.94
CA GLN D 119 -29.48 -35.49 -9.02
C GLN D 119 -31.02 -35.38 -9.02
N ASP D 120 -31.73 -36.44 -9.39
CA ASP D 120 -33.20 -36.44 -9.37
C ASP D 120 -33.79 -36.93 -8.04
N LEU D 121 -32.94 -37.41 -7.11
CA LEU D 121 -33.43 -37.99 -5.87
C LEU D 121 -33.59 -37.00 -4.73
N SER D 122 -34.61 -37.26 -3.92
CA SER D 122 -34.89 -36.52 -2.70
C SER D 122 -34.12 -37.15 -1.52
N ILE D 123 -34.10 -36.50 -0.35
CA ILE D 123 -33.46 -37.06 0.85
C ILE D 123 -34.11 -38.41 1.22
N PRO D 124 -35.46 -38.58 1.29
CA PRO D 124 -36.00 -39.92 1.57
C PRO D 124 -35.57 -40.98 0.55
N GLU D 125 -35.52 -40.64 -0.76
CA GLU D 125 -35.10 -41.59 -1.79
C GLU D 125 -33.63 -41.97 -1.61
N ILE D 126 -32.79 -41.00 -1.21
CA ILE D 126 -31.37 -41.25 -0.97
C ILE D 126 -31.22 -42.19 0.23
N ALA D 127 -31.94 -41.91 1.32
CA ALA D 127 -31.90 -42.71 2.54
C ALA D 127 -32.25 -44.18 2.25
N LYS D 128 -33.26 -44.42 1.42
CA LYS D 128 -33.67 -45.77 1.04
C LYS D 128 -32.62 -46.43 0.15
N ALA D 129 -32.07 -45.71 -0.84
CA ALA D 129 -31.05 -46.27 -1.74
C ALA D 129 -29.78 -46.70 -0.96
N ILE D 130 -29.33 -45.91 0.03
CA ILE D 130 -28.16 -46.26 0.82
C ILE D 130 -28.41 -47.58 1.57
N VAL D 131 -29.57 -47.72 2.20
CA VAL D 131 -29.94 -48.93 2.94
C VAL D 131 -29.94 -50.15 2.00
N ASP D 132 -30.60 -50.01 0.84
CA ASP D 132 -30.69 -51.07 -0.17
C ASP D 132 -29.29 -51.46 -0.70
N LEU D 133 -28.47 -50.48 -1.09
CA LEU D 133 -27.16 -50.76 -1.65
C LEU D 133 -26.20 -51.36 -0.62
N ALA D 134 -26.28 -50.93 0.65
CA ALA D 134 -25.40 -51.49 1.68
C ALA D 134 -25.78 -52.95 2.02
N ASP D 135 -27.08 -53.24 2.20
CA ASP D 135 -27.54 -54.61 2.52
C ASP D 135 -27.20 -55.57 1.38
N ARG D 136 -27.47 -55.17 0.12
CA ARG D 136 -27.23 -56.02 -1.04
C ARG D 136 -25.73 -56.23 -1.30
N SER D 137 -24.87 -55.25 -0.96
CA SER D 137 -23.42 -55.41 -1.10
C SER D 137 -22.91 -56.46 -0.12
N ARG D 138 -23.44 -56.44 1.11
CA ARG D 138 -23.09 -57.32 2.20
C ARG D 138 -23.63 -58.74 1.98
N ASN D 139 -24.79 -58.87 1.35
CA ASN D 139 -25.40 -60.19 1.13
C ASN D 139 -25.27 -60.70 -0.32
N ASN D 140 -24.36 -60.12 -1.11
CA ASN D 140 -24.02 -60.47 -2.50
C ASN D 140 -25.24 -60.54 -3.43
N LYS D 141 -26.07 -59.49 -3.39
CA LYS D 141 -27.23 -59.39 -4.27
C LYS D 141 -27.12 -58.18 -5.22
N LEU D 142 -25.89 -57.71 -5.50
CA LEU D 142 -25.68 -56.61 -6.42
C LEU D 142 -25.80 -57.10 -7.88
N LYS D 143 -26.27 -56.22 -8.76
CA LYS D 143 -26.38 -56.47 -10.19
C LYS D 143 -25.23 -55.72 -10.93
N PRO D 144 -24.88 -56.09 -12.17
CA PRO D 144 -23.72 -55.43 -12.83
C PRO D 144 -23.85 -53.92 -13.03
N ASN D 145 -25.07 -53.40 -13.26
CA ASN D 145 -25.21 -51.95 -13.43
C ASN D 145 -24.98 -51.22 -12.10
N ASP D 146 -25.26 -51.88 -10.95
CA ASP D 146 -25.03 -51.30 -9.62
C ASP D 146 -23.58 -50.94 -9.36
N LEU D 147 -22.64 -51.45 -10.14
CA LEU D 147 -21.23 -51.16 -9.93
C LEU D 147 -20.61 -50.32 -11.05
N SER D 148 -21.38 -49.94 -12.08
CA SER D 148 -20.83 -49.19 -13.20
C SER D 148 -21.39 -47.79 -13.32
N GLY D 149 -20.68 -46.94 -14.06
CA GLY D 149 -21.09 -45.59 -14.39
C GLY D 149 -20.85 -44.51 -13.35
N GLY D 150 -20.14 -44.81 -12.28
CA GLY D 150 -19.86 -43.83 -11.24
C GLY D 150 -19.17 -42.58 -11.73
N THR D 151 -19.65 -41.39 -11.32
CA THR D 151 -19.04 -40.12 -11.73
C THR D 151 -18.34 -39.40 -10.55
N PHE D 152 -18.62 -39.82 -9.31
CA PHE D 152 -18.07 -39.26 -8.07
C PHE D 152 -18.31 -40.27 -6.94
N THR D 153 -17.49 -40.25 -5.90
CA THR D 153 -17.67 -41.19 -4.80
C THR D 153 -17.69 -40.48 -3.44
N ILE D 154 -18.48 -41.00 -2.51
CA ILE D 154 -18.47 -40.57 -1.13
C ILE D 154 -18.09 -41.77 -0.27
N THR D 155 -17.19 -41.58 0.71
CA THR D 155 -16.79 -42.66 1.60
C THR D 155 -16.90 -42.16 3.04
N ASN D 156 -17.64 -42.88 3.89
CA ASN D 156 -17.82 -42.46 5.27
C ASN D 156 -16.65 -42.93 6.13
N ILE D 157 -15.52 -42.27 6.00
CA ILE D 157 -14.33 -42.65 6.77
C ILE D 157 -14.54 -42.50 8.30
N GLY D 158 -15.49 -41.65 8.71
CA GLY D 158 -15.78 -41.46 10.11
C GLY D 158 -16.46 -42.65 10.77
N SER D 159 -16.98 -43.62 9.97
CA SER D 159 -17.66 -44.79 10.53
C SER D 159 -16.73 -45.63 11.41
N GLU D 160 -15.40 -45.59 11.17
CA GLU D 160 -14.49 -46.33 12.03
C GLU D 160 -13.61 -45.39 12.89
N GLY D 161 -14.10 -44.16 13.16
CA GLY D 161 -13.47 -43.19 14.06
C GLY D 161 -12.53 -42.14 13.49
N ALA D 162 -12.18 -42.22 12.20
CA ALA D 162 -11.22 -41.27 11.63
C ALA D 162 -11.74 -39.85 11.53
N LEU D 163 -10.86 -38.89 11.78
CA LEU D 163 -11.19 -37.49 11.55
C LEU D 163 -11.10 -37.18 10.05
N SER D 164 -10.07 -37.77 9.40
CA SER D 164 -9.79 -37.50 7.99
C SER D 164 -8.93 -38.63 7.39
N ASP D 165 -8.71 -38.58 6.06
CA ASP D 165 -7.92 -39.55 5.31
C ASP D 165 -7.59 -38.89 3.95
N THR D 166 -6.81 -39.56 3.10
CA THR D 166 -6.54 -39.08 1.73
C THR D 166 -7.07 -40.16 0.82
N PRO D 167 -8.42 -40.33 0.74
CA PRO D 167 -8.97 -41.47 0.00
C PRO D 167 -8.52 -41.53 -1.44
N ILE D 168 -8.35 -42.74 -1.96
CA ILE D 168 -7.88 -42.91 -3.32
C ILE D 168 -9.03 -42.82 -4.30
N LEU D 169 -8.87 -41.93 -5.23
CA LEU D 169 -9.80 -41.71 -6.30
C LEU D 169 -9.55 -42.74 -7.42
N VAL D 170 -10.63 -43.23 -8.07
CA VAL D 170 -10.48 -44.19 -9.14
C VAL D 170 -10.91 -43.60 -10.47
N PRO D 171 -9.95 -43.30 -11.36
CA PRO D 171 -10.30 -42.80 -12.70
C PRO D 171 -11.25 -43.78 -13.43
N PRO D 172 -12.21 -43.28 -14.22
CA PRO D 172 -12.35 -41.91 -14.75
C PRO D 172 -12.97 -40.88 -13.82
N GLN D 173 -13.27 -41.22 -12.56
CA GLN D 173 -13.82 -40.21 -11.63
C GLN D 173 -12.75 -39.16 -11.30
N ALA D 174 -13.17 -37.94 -10.99
CA ALA D 174 -12.24 -36.85 -10.69
C ALA D 174 -12.21 -36.46 -9.20
N GLY D 175 -13.14 -36.97 -8.40
CA GLY D 175 -13.15 -36.67 -6.99
C GLY D 175 -13.76 -37.76 -6.12
N ILE D 176 -13.30 -37.81 -4.86
CA ILE D 176 -13.84 -38.71 -3.86
C ILE D 176 -13.85 -37.92 -2.54
N LEU D 177 -15.04 -37.76 -1.97
CA LEU D 177 -15.19 -37.02 -0.72
C LEU D 177 -15.29 -37.97 0.45
N GLY D 178 -14.52 -37.73 1.50
CA GLY D 178 -14.62 -38.48 2.73
C GLY D 178 -15.42 -37.68 3.76
N THR D 179 -16.28 -38.35 4.52
CA THR D 179 -16.99 -37.67 5.60
C THR D 179 -16.36 -38.15 6.89
N GLY D 180 -15.56 -37.29 7.53
CA GLY D 180 -14.91 -37.67 8.77
C GLY D 180 -15.87 -37.81 9.94
N ALA D 181 -15.34 -38.16 11.11
CA ALA D 181 -16.18 -38.30 12.30
C ALA D 181 -16.70 -36.92 12.71
N ILE D 182 -17.96 -36.85 13.12
CA ILE D 182 -18.56 -35.61 13.59
C ILE D 182 -18.29 -35.52 15.07
N VAL D 183 -17.54 -34.50 15.50
CA VAL D 183 -17.09 -34.41 16.88
C VAL D 183 -17.49 -33.10 17.52
N LYS D 184 -17.96 -33.13 18.78
CA LYS D 184 -18.26 -31.91 19.50
C LYS D 184 -16.94 -31.23 19.83
N ARG D 185 -16.82 -29.94 19.48
CA ARG D 185 -15.60 -29.18 19.73
C ARG D 185 -15.92 -27.79 20.23
N PRO D 186 -15.05 -27.22 21.08
CA PRO D 186 -15.22 -25.81 21.43
C PRO D 186 -14.77 -24.98 20.23
N VAL D 187 -15.62 -24.10 19.74
CA VAL D 187 -15.31 -23.27 18.59
C VAL D 187 -15.63 -21.80 18.89
N VAL D 188 -15.09 -20.88 18.08
CA VAL D 188 -15.37 -19.47 18.24
C VAL D 188 -16.61 -19.10 17.43
N ILE D 189 -17.55 -18.42 18.08
CA ILE D 189 -18.79 -17.91 17.50
C ILE D 189 -18.74 -16.38 17.56
N THR D 190 -19.14 -15.70 16.48
CA THR D 190 -19.15 -14.24 16.47
C THR D 190 -20.58 -13.72 16.30
N GLU D 191 -21.03 -12.91 17.25
CA GLU D 191 -22.38 -12.33 17.22
C GLU D 191 -22.30 -10.85 17.55
N ASP D 192 -22.66 -9.98 16.59
CA ASP D 192 -22.62 -8.52 16.73
C ASP D 192 -21.19 -8.05 17.06
N GLY D 193 -20.21 -8.64 16.38
CA GLY D 193 -18.80 -8.32 16.57
C GLY D 193 -18.18 -8.83 17.85
N ILE D 194 -18.94 -9.61 18.64
CA ILE D 194 -18.43 -10.15 19.90
C ILE D 194 -18.10 -11.63 19.74
N ASP D 195 -16.89 -12.03 20.10
CA ASP D 195 -16.48 -13.43 20.01
C ASP D 195 -16.77 -14.16 21.31
N SER D 196 -17.23 -15.39 21.20
CA SER D 196 -17.47 -16.25 22.36
C SER D 196 -17.14 -17.71 22.00
N ILE D 197 -17.01 -18.57 23.01
CA ILE D 197 -16.69 -19.96 22.77
C ILE D 197 -17.94 -20.79 22.99
N ALA D 198 -18.29 -21.62 22.02
CA ALA D 198 -19.47 -22.48 22.12
C ALA D 198 -19.15 -23.90 21.67
N ILE D 199 -19.95 -24.89 22.11
CA ILE D 199 -19.75 -26.27 21.68
C ILE D 199 -20.53 -26.49 20.40
N ARG D 200 -19.86 -26.98 19.37
CA ARG D 200 -20.49 -27.24 18.07
C ARG D 200 -20.08 -28.60 17.53
N GLN D 201 -20.97 -29.26 16.76
CA GLN D 201 -20.63 -30.56 16.15
C GLN D 201 -19.85 -30.26 14.86
N MET D 202 -18.54 -30.53 14.85
CA MET D 202 -17.68 -30.20 13.71
C MET D 202 -17.25 -31.45 12.96
N VAL D 203 -17.13 -31.33 11.64
CA VAL D 203 -16.70 -32.45 10.79
C VAL D 203 -15.66 -31.97 9.80
N PHE D 204 -14.71 -32.85 9.46
CA PHE D 204 -13.76 -32.57 8.41
C PHE D 204 -14.24 -33.24 7.14
N LEU D 205 -14.17 -32.53 6.03
CA LEU D 205 -14.52 -33.10 4.74
C LEU D 205 -13.29 -33.10 3.83
N PRO D 206 -12.48 -34.17 3.88
CA PRO D 206 -11.37 -34.25 2.94
C PRO D 206 -11.86 -34.64 1.55
N LEU D 207 -11.47 -33.85 0.54
CA LEU D 207 -11.80 -34.15 -0.83
C LEU D 207 -10.54 -34.54 -1.56
N THR D 208 -10.44 -35.78 -2.05
CA THR D 208 -9.34 -36.12 -2.93
C THR D 208 -9.79 -35.79 -4.32
N TYR D 209 -9.01 -34.99 -5.04
CA TYR D 209 -9.38 -34.61 -6.41
C TYR D 209 -8.21 -34.85 -7.35
N ASP D 210 -8.52 -35.01 -8.64
CA ASP D 210 -7.50 -35.23 -9.65
C ASP D 210 -7.13 -33.89 -10.25
N HIS D 211 -5.86 -33.47 -10.10
CA HIS D 211 -5.39 -32.20 -10.64
C HIS D 211 -5.45 -32.14 -12.17
N GLN D 212 -5.69 -33.27 -12.87
CA GLN D 212 -5.93 -33.23 -14.32
C GLN D 212 -7.28 -32.53 -14.61
N VAL D 213 -8.24 -32.64 -13.68
CA VAL D 213 -9.61 -32.16 -13.89
C VAL D 213 -9.96 -30.95 -13.04
N VAL D 214 -9.47 -30.91 -11.79
CA VAL D 214 -9.82 -29.92 -10.79
C VAL D 214 -8.57 -29.30 -10.18
N ASP D 215 -8.49 -27.97 -10.09
CA ASP D 215 -7.34 -27.36 -9.40
C ASP D 215 -7.77 -27.02 -7.94
N GLY D 216 -6.82 -26.55 -7.12
CA GLY D 216 -7.07 -26.19 -5.73
C GLY D 216 -8.17 -25.16 -5.53
N ALA D 217 -8.30 -24.19 -6.46
CA ALA D 217 -9.34 -23.16 -6.35
C ALA D 217 -10.71 -23.76 -6.70
N ASP D 218 -10.77 -24.60 -7.75
CA ASP D 218 -12.00 -25.30 -8.14
C ASP D 218 -12.49 -26.18 -6.99
N ALA D 219 -11.56 -26.92 -6.35
CA ALA D 219 -11.90 -27.80 -5.23
C ALA D 219 -12.46 -26.98 -4.07
N GLY D 220 -11.83 -25.85 -3.76
CA GLY D 220 -12.26 -24.97 -2.68
C GLY D 220 -13.65 -24.39 -2.91
N ARG D 221 -13.94 -23.98 -4.15
CA ARG D 221 -15.25 -23.41 -4.46
C ARG D 221 -16.35 -24.48 -4.36
N PHE D 222 -16.03 -25.71 -4.80
CA PHE D 222 -16.96 -26.84 -4.72
C PHE D 222 -17.24 -27.19 -3.24
N LEU D 223 -16.18 -27.27 -2.42
CA LEU D 223 -16.35 -27.58 -1.00
C LEU D 223 -17.05 -26.44 -0.24
N THR D 224 -16.87 -25.19 -0.67
CA THR D 224 -17.54 -24.04 -0.03
C THR D 224 -19.05 -24.11 -0.29
N THR D 225 -19.47 -24.52 -1.50
CA THR D 225 -20.88 -24.70 -1.81
C THR D 225 -21.50 -25.76 -0.87
N ILE D 226 -20.79 -26.88 -0.70
CA ILE D 226 -21.24 -27.97 0.18
C ILE D 226 -21.30 -27.50 1.64
N LYS D 227 -20.24 -26.87 2.12
CA LYS D 227 -20.15 -26.34 3.49
C LYS D 227 -21.29 -25.37 3.79
N ASP D 228 -21.53 -24.40 2.92
CA ASP D 228 -22.58 -23.40 3.15
C ASP D 228 -23.97 -24.04 3.15
N ARG D 229 -24.20 -25.04 2.28
CA ARG D 229 -25.48 -25.74 2.23
C ARG D 229 -25.72 -26.49 3.56
N LEU D 230 -24.70 -27.21 4.06
CA LEU D 230 -24.80 -27.96 5.31
C LEU D 230 -24.90 -27.04 6.54
N GLU D 231 -24.12 -25.96 6.59
CA GLU D 231 -24.15 -25.04 7.72
C GLU D 231 -25.45 -24.28 7.79
N THR D 232 -26.04 -23.88 6.64
CA THR D 232 -27.35 -23.21 6.65
C THR D 232 -28.43 -24.22 7.12
N ALA D 233 -28.30 -25.49 6.71
CA ALA D 233 -29.15 -26.62 7.08
C ALA D 233 -30.64 -26.37 6.79
N ASN D 234 -30.95 -25.73 5.65
CA ASN D 234 -32.33 -25.52 5.25
C ASN D 234 -32.82 -26.80 4.53
N PHE D 235 -33.05 -27.87 5.30
CA PHE D 235 -33.44 -29.16 4.75
C PHE D 235 -34.80 -29.65 5.20
N GLU D 236 -35.56 -28.86 5.99
CA GLU D 236 -36.86 -29.33 6.47
C GLU D 236 -37.82 -29.69 5.33
N GLY D 237 -37.91 -28.83 4.32
CA GLY D 237 -38.74 -29.10 3.15
C GLY D 237 -38.24 -30.30 2.37
N ASP D 238 -36.90 -30.47 2.30
CA ASP D 238 -36.26 -31.60 1.63
C ASP D 238 -36.59 -32.95 2.30
N LEU D 239 -36.94 -32.94 3.60
CA LEU D 239 -37.28 -34.17 4.31
C LEU D 239 -38.63 -34.75 3.89
N GLN D 240 -39.53 -33.90 3.32
CA GLN D 240 -40.85 -34.26 2.85
C GLN D 240 -41.65 -34.96 3.96
N LEU D 241 -41.89 -34.24 5.05
CA LEU D 241 -42.63 -34.78 6.18
C LEU D 241 -44.07 -34.32 6.14
N LEU E 3 -21.15 -26.21 -19.54
CA LEU E 3 -20.25 -27.35 -19.66
C LEU E 3 -21.01 -28.68 -19.59
N ARG E 4 -21.97 -28.79 -18.65
CA ARG E 4 -22.73 -30.01 -18.38
C ARG E 4 -23.34 -30.65 -19.62
N GLY E 5 -23.08 -31.95 -19.79
CA GLY E 5 -23.56 -32.71 -20.92
C GLY E 5 -22.79 -32.50 -22.22
N THR E 6 -21.57 -31.94 -22.13
CA THR E 6 -20.74 -31.71 -23.32
C THR E 6 -19.33 -32.32 -23.16
N THR E 7 -18.61 -32.46 -24.29
CA THR E 7 -17.22 -32.88 -24.32
C THR E 7 -16.45 -31.74 -24.96
N GLN E 8 -15.47 -31.17 -24.26
CA GLN E 8 -14.72 -30.02 -24.78
C GLN E 8 -13.23 -30.18 -24.56
N LYS E 9 -12.42 -29.77 -25.54
CA LYS E 9 -10.97 -29.83 -25.38
C LYS E 9 -10.55 -28.80 -24.32
N VAL E 10 -9.63 -29.17 -23.43
CA VAL E 10 -9.19 -28.25 -22.37
C VAL E 10 -8.23 -27.20 -22.92
N ASN E 11 -8.08 -26.08 -22.22
CA ASN E 11 -7.17 -25.02 -22.66
C ASN E 11 -5.70 -25.45 -22.39
N ARG E 12 -4.74 -24.68 -22.92
CA ARG E 12 -3.33 -24.98 -22.81
C ARG E 12 -2.84 -25.06 -21.36
N ILE E 13 -3.28 -24.17 -20.48
CA ILE E 13 -2.86 -24.20 -19.08
C ILE E 13 -3.32 -25.50 -18.41
N ARG E 14 -4.58 -25.89 -18.61
CA ARG E 14 -5.13 -27.11 -18.03
C ARG E 14 -4.41 -28.34 -18.60
N GLU E 15 -4.11 -28.34 -19.91
CA GLU E 15 -3.43 -29.45 -20.56
C GLU E 15 -2.02 -29.64 -19.98
N ILE E 16 -1.24 -28.55 -19.87
CA ILE E 16 0.12 -28.63 -19.32
C ILE E 16 0.07 -29.00 -17.83
N THR E 17 -0.87 -28.41 -17.08
CA THR E 17 -1.01 -28.73 -15.67
C THR E 17 -1.33 -30.22 -15.47
N ALA E 18 -2.21 -30.80 -16.30
CA ALA E 18 -2.55 -32.22 -16.19
C ALA E 18 -1.32 -33.10 -16.43
N MET E 19 -0.54 -32.79 -17.47
CA MET E 19 0.65 -33.57 -17.80
C MET E 19 1.72 -33.46 -16.72
N LYS E 20 2.05 -32.22 -16.30
CA LYS E 20 3.11 -31.97 -15.33
C LYS E 20 2.81 -32.55 -13.96
N THR E 21 1.55 -32.45 -13.49
CA THR E 21 1.24 -32.93 -12.13
C THR E 21 1.25 -34.45 -12.10
N VAL E 22 0.78 -35.15 -13.14
CA VAL E 22 0.79 -36.61 -13.16
C VAL E 22 2.26 -37.10 -13.13
N GLU E 23 3.09 -36.50 -14.00
CA GLU E 23 4.50 -36.87 -14.09
C GLU E 23 5.28 -36.52 -12.80
N ALA E 24 5.01 -35.34 -12.21
CA ALA E 24 5.73 -34.85 -11.03
C ALA E 24 5.71 -35.87 -9.88
N LEU E 25 4.54 -36.47 -9.61
CA LEU E 25 4.39 -37.45 -8.55
C LEU E 25 5.20 -38.72 -8.80
N GLN E 26 5.51 -39.03 -10.06
CA GLN E 26 6.26 -40.24 -10.39
C GLN E 26 7.78 -40.03 -10.45
N ILE E 27 8.26 -38.79 -10.42
CA ILE E 27 9.71 -38.53 -10.45
C ILE E 27 10.18 -37.86 -9.14
N SER E 28 9.40 -38.01 -8.07
CA SER E 28 9.70 -37.47 -6.75
C SER E 28 9.01 -38.37 -5.70
N ALA E 29 9.26 -38.13 -4.43
CA ALA E 29 8.62 -38.87 -3.35
C ALA E 29 7.93 -37.88 -2.46
N GLN E 30 6.72 -37.46 -2.85
CA GLN E 30 6.02 -36.41 -2.15
C GLN E 30 5.25 -36.86 -0.93
N LEU E 31 5.32 -36.04 0.10
CA LEU E 31 4.60 -36.20 1.34
C LEU E 31 4.35 -34.82 1.95
N THR E 32 3.30 -34.67 2.76
CA THR E 32 2.92 -33.36 3.25
C THR E 32 2.89 -33.31 4.76
N GLN E 33 3.80 -32.53 5.35
CA GLN E 33 3.87 -32.37 6.79
C GLN E 33 3.08 -31.12 7.19
N LEU E 34 2.38 -31.18 8.30
CA LEU E 34 1.54 -30.07 8.71
C LEU E 34 1.86 -29.55 10.10
N HIS E 35 2.00 -28.24 10.20
CA HIS E 35 2.22 -27.54 11.45
C HIS E 35 1.12 -26.48 11.64
N GLU E 36 0.85 -26.09 12.88
CA GLU E 36 -0.10 -25.03 13.16
C GLU E 36 0.69 -23.82 13.67
N VAL E 37 0.28 -22.62 13.26
CA VAL E 37 0.99 -21.40 13.62
C VAL E 37 -0.01 -20.37 14.17
N ASP E 38 0.35 -19.72 15.27
CA ASP E 38 -0.45 -18.67 15.89
C ASP E 38 -0.13 -17.34 15.19
N MET E 39 -1.06 -16.87 14.36
CA MET E 39 -0.96 -15.65 13.57
C MET E 39 -1.54 -14.42 14.27
N THR E 40 -1.90 -14.51 15.56
CA THR E 40 -2.55 -13.40 16.26
C THR E 40 -1.66 -12.16 16.32
N ARG E 41 -0.37 -12.31 16.64
CA ARG E 41 0.52 -11.16 16.75
C ARG E 41 0.73 -10.51 15.37
N VAL E 42 0.82 -11.31 14.30
CA VAL E 42 0.93 -10.75 12.96
C VAL E 42 -0.39 -10.02 12.60
N ALA E 43 -1.55 -10.61 12.94
CA ALA E 43 -2.85 -9.98 12.70
C ALA E 43 -2.97 -8.64 13.41
N GLU E 44 -2.49 -8.55 14.66
CA GLU E 44 -2.54 -7.29 15.40
C GLU E 44 -1.59 -6.27 14.80
N LEU E 45 -0.40 -6.71 14.38
CA LEU E 45 0.59 -5.81 13.78
C LEU E 45 0.08 -5.28 12.44
N ARG E 46 -0.54 -6.15 11.65
CA ARG E 46 -1.12 -5.79 10.37
C ARG E 46 -2.28 -4.81 10.55
N LYS E 47 -3.17 -5.04 11.53
CA LYS E 47 -4.30 -4.16 11.78
C LYS E 47 -3.84 -2.78 12.24
N LYS E 48 -2.80 -2.73 13.07
CA LYS E 48 -2.27 -1.48 13.58
C LYS E 48 -1.55 -0.67 12.49
N ASN E 49 -0.78 -1.32 11.62
CA ASN E 49 0.05 -0.61 10.66
C ASN E 49 -0.48 -0.56 9.22
N LYS E 50 -1.58 -1.24 8.89
CA LYS E 50 -2.12 -1.24 7.52
C LYS E 50 -2.38 0.19 6.98
N PRO E 51 -3.06 1.13 7.70
CA PRO E 51 -3.24 2.47 7.12
C PRO E 51 -1.92 3.16 6.76
N ALA E 52 -0.92 3.14 7.68
CA ALA E 52 0.37 3.79 7.39
C ALA E 52 1.13 3.09 6.28
N PHE E 53 0.97 1.75 6.16
CA PHE E 53 1.65 0.98 5.13
C PHE E 53 1.11 1.37 3.75
N ILE E 54 -0.22 1.42 3.60
CA ILE E 54 -0.89 1.79 2.37
C ILE E 54 -0.52 3.23 1.97
N GLU E 55 -0.45 4.13 2.94
CA GLU E 55 -0.11 5.52 2.70
C GLU E 55 1.33 5.69 2.21
N LYS E 56 2.27 4.95 2.80
CA LYS E 56 3.69 5.09 2.42
C LYS E 56 4.07 4.29 1.17
N HIS E 57 3.64 3.03 1.08
CA HIS E 57 4.07 2.15 0.01
C HIS E 57 3.07 2.02 -1.17
N GLY E 58 1.86 2.54 -1.02
CA GLY E 58 0.88 2.55 -2.09
C GLY E 58 0.17 1.24 -2.37
N VAL E 59 0.45 0.19 -1.60
CA VAL E 59 -0.21 -1.10 -1.78
C VAL E 59 -0.80 -1.59 -0.45
N ASN E 60 -1.79 -2.47 -0.52
CA ASN E 60 -2.45 -3.03 0.66
C ASN E 60 -1.51 -3.98 1.40
N LEU E 61 -1.64 -4.08 2.73
CA LEU E 61 -0.85 -4.99 3.52
C LEU E 61 -1.68 -6.22 3.86
N THR E 62 -1.43 -7.36 3.21
CA THR E 62 -2.16 -8.59 3.50
C THR E 62 -1.24 -9.51 4.38
N TYR E 63 -1.67 -10.76 4.65
CA TYR E 63 -0.83 -11.71 5.37
C TYR E 63 0.29 -12.27 4.49
N LEU E 64 0.07 -12.32 3.16
CA LEU E 64 1.02 -12.96 2.24
C LEU E 64 2.46 -12.42 2.37
N PRO E 65 2.76 -11.11 2.43
CA PRO E 65 4.17 -10.69 2.58
C PRO E 65 4.82 -11.21 3.87
N PHE E 66 4.03 -11.46 4.93
CA PHE E 66 4.58 -11.99 6.18
C PHE E 66 4.98 -13.44 5.98
N PHE E 67 4.11 -14.23 5.32
CA PHE E 67 4.45 -15.63 5.02
C PHE E 67 5.66 -15.68 4.10
N VAL E 68 5.68 -14.84 3.07
CA VAL E 68 6.79 -14.83 2.10
C VAL E 68 8.10 -14.47 2.79
N LYS E 69 8.15 -13.39 3.58
CA LYS E 69 9.38 -12.98 4.25
C LYS E 69 9.91 -14.11 5.18
N ALA E 70 9.02 -14.76 5.95
CA ALA E 70 9.43 -15.84 6.84
C ALA E 70 9.91 -17.07 6.05
N VAL E 71 9.22 -17.42 4.95
CA VAL E 71 9.59 -18.58 4.13
C VAL E 71 10.94 -18.34 3.45
N VAL E 72 11.13 -17.15 2.86
CA VAL E 72 12.37 -16.83 2.17
C VAL E 72 13.56 -16.83 3.15
N GLU E 73 13.40 -16.24 4.35
CA GLU E 73 14.47 -16.30 5.37
C GLU E 73 14.78 -17.74 5.75
N ALA E 74 13.76 -18.60 5.86
CA ALA E 74 13.96 -20.01 6.22
C ALA E 74 14.62 -20.77 5.08
N LEU E 75 14.38 -20.38 3.81
CA LEU E 75 15.06 -21.01 2.67
C LEU E 75 16.55 -20.61 2.65
N VAL E 76 16.90 -19.42 3.15
CA VAL E 76 18.29 -19.01 3.26
C VAL E 76 18.94 -19.77 4.42
N SER E 77 18.26 -19.89 5.57
CA SER E 77 18.75 -20.59 6.78
C SER E 77 18.79 -22.13 6.63
N HIS E 78 17.96 -22.67 5.74
CA HIS E 78 17.89 -24.11 5.45
C HIS E 78 18.18 -24.29 3.96
N PRO E 79 19.44 -24.10 3.54
CA PRO E 79 19.74 -24.19 2.10
C PRO E 79 19.45 -25.56 1.51
N ASN E 80 19.38 -26.61 2.34
CA ASN E 80 19.04 -27.97 1.94
C ASN E 80 17.60 -28.07 1.40
N VAL E 81 16.70 -27.11 1.76
CA VAL E 81 15.32 -27.09 1.25
C VAL E 81 15.25 -26.30 -0.09
N ASN E 82 16.10 -25.28 -0.25
CA ASN E 82 16.17 -24.49 -1.49
C ASN E 82 17.15 -25.21 -2.42
N ALA E 83 16.78 -26.42 -2.85
CA ALA E 83 17.70 -27.30 -3.54
C ALA E 83 17.00 -28.24 -4.54
N SER E 84 17.79 -28.89 -5.41
CA SER E 84 17.28 -29.84 -6.39
C SER E 84 18.15 -31.08 -6.41
N PHE E 85 17.55 -32.24 -6.64
CA PHE E 85 18.29 -33.50 -6.68
C PHE E 85 18.40 -34.05 -8.11
N ASN E 86 19.57 -34.52 -8.48
CA ASN E 86 19.77 -35.18 -9.76
C ASN E 86 19.88 -36.66 -9.46
N ALA E 87 18.81 -37.43 -9.73
CA ALA E 87 18.75 -38.85 -9.42
C ALA E 87 19.74 -39.70 -10.24
N LYS E 88 20.25 -39.19 -11.37
CA LYS E 88 21.20 -39.93 -12.17
C LYS E 88 22.62 -39.83 -11.57
N THR E 89 23.06 -38.61 -11.20
CA THR E 89 24.40 -38.43 -10.64
C THR E 89 24.45 -38.52 -9.10
N LYS E 90 23.28 -38.55 -8.44
CA LYS E 90 23.11 -38.55 -6.98
C LYS E 90 23.68 -37.26 -6.36
N GLU E 91 23.60 -36.14 -7.09
CA GLU E 91 24.12 -34.88 -6.60
C GLU E 91 23.00 -33.94 -6.24
N MET E 92 23.20 -33.20 -5.15
CA MET E 92 22.28 -32.17 -4.72
C MET E 92 22.82 -30.82 -5.13
N THR E 93 21.98 -29.96 -5.71
CA THR E 93 22.38 -28.60 -6.08
C THR E 93 21.68 -27.65 -5.15
N TYR E 94 22.43 -26.85 -4.40
CA TYR E 94 21.88 -25.92 -3.42
C TYR E 94 21.88 -24.53 -4.05
N HIS E 95 20.71 -24.04 -4.41
CA HIS E 95 20.59 -22.78 -5.14
C HIS E 95 20.93 -21.56 -4.28
N SER E 96 21.76 -20.66 -4.81
CA SER E 96 22.13 -19.44 -4.08
C SER E 96 20.97 -18.42 -4.12
N SER E 97 20.17 -18.42 -5.20
CA SER E 97 19.01 -17.56 -5.29
C SER E 97 17.77 -18.23 -4.73
N VAL E 98 16.92 -17.46 -4.06
CA VAL E 98 15.62 -17.95 -3.64
C VAL E 98 14.64 -17.36 -4.65
N ASN E 99 14.21 -18.17 -5.62
CA ASN E 99 13.29 -17.69 -6.65
C ASN E 99 11.92 -18.22 -6.26
N LEU E 100 11.13 -17.41 -5.59
CA LEU E 100 9.87 -17.85 -5.03
C LEU E 100 8.69 -17.81 -6.00
N SER E 101 8.17 -18.97 -6.38
CA SER E 101 6.96 -19.04 -7.20
C SER E 101 5.75 -18.83 -6.31
N ILE E 102 4.74 -18.13 -6.83
CA ILE E 102 3.52 -17.89 -6.08
C ILE E 102 2.34 -18.28 -6.95
N ALA E 103 1.41 -19.08 -6.42
CA ALA E 103 0.23 -19.47 -7.18
C ALA E 103 -0.71 -18.29 -7.34
N VAL E 104 -1.14 -18.03 -8.58
CA VAL E 104 -2.05 -16.93 -8.88
C VAL E 104 -3.23 -17.41 -9.73
N ASP E 105 -4.38 -16.80 -9.53
CA ASP E 105 -5.59 -17.12 -10.29
C ASP E 105 -5.69 -16.26 -11.53
N THR E 106 -6.05 -16.87 -12.65
CA THR E 106 -6.27 -16.17 -13.92
C THR E 106 -7.58 -16.70 -14.53
N PRO E 107 -8.21 -15.99 -15.51
CA PRO E 107 -9.42 -16.55 -16.15
C PRO E 107 -9.15 -17.91 -16.78
N ALA E 108 -7.94 -18.12 -17.34
CA ALA E 108 -7.59 -19.37 -18.02
C ALA E 108 -7.09 -20.48 -17.07
N GLY E 109 -6.93 -20.19 -15.79
CA GLY E 109 -6.45 -21.18 -14.84
C GLY E 109 -5.32 -20.67 -13.96
N LEU E 110 -4.81 -21.54 -13.08
CA LEU E 110 -3.76 -21.16 -12.15
C LEU E 110 -2.38 -21.14 -12.81
N LEU E 111 -1.60 -20.12 -12.48
CA LEU E 111 -0.23 -19.96 -12.94
C LEU E 111 0.70 -19.81 -11.73
N THR E 112 2.02 -20.02 -11.92
CA THR E 112 2.95 -19.86 -10.81
C THR E 112 4.09 -18.92 -11.21
N PRO E 113 3.80 -17.60 -11.31
CA PRO E 113 4.88 -16.66 -11.61
C PRO E 113 5.91 -16.62 -10.46
N VAL E 114 7.13 -16.17 -10.77
CA VAL E 114 8.26 -16.22 -9.85
C VAL E 114 8.81 -14.85 -9.42
N ILE E 115 9.07 -14.69 -8.13
CA ILE E 115 9.76 -13.53 -7.58
C ILE E 115 11.23 -13.91 -7.51
N HIS E 116 12.03 -13.49 -8.50
CA HIS E 116 13.45 -13.84 -8.53
C HIS E 116 14.24 -13.12 -7.47
N ASP E 117 15.22 -13.81 -6.87
CA ASP E 117 16.09 -13.26 -5.82
C ASP E 117 15.29 -12.62 -4.70
N ALA E 118 14.24 -13.33 -4.26
CA ALA E 118 13.36 -12.89 -3.19
C ALA E 118 14.12 -12.67 -1.87
N GLN E 119 15.31 -13.30 -1.69
CA GLN E 119 16.12 -13.15 -0.48
C GLN E 119 16.61 -11.70 -0.29
N ASP E 120 16.66 -10.89 -1.35
CA ASP E 120 17.08 -9.49 -1.23
C ASP E 120 15.92 -8.53 -0.97
N LEU E 121 14.68 -9.01 -0.91
CA LEU E 121 13.53 -8.12 -0.82
C LEU E 121 12.99 -7.88 0.57
N SER E 122 12.56 -6.64 0.80
CA SER E 122 11.89 -6.24 2.02
C SER E 122 10.39 -6.57 1.92
N ILE E 123 9.63 -6.45 3.03
CA ILE E 123 8.18 -6.69 3.01
C ILE E 123 7.50 -5.71 2.02
N PRO E 124 7.79 -4.38 2.01
CA PRO E 124 7.16 -3.52 1.00
C PRO E 124 7.46 -3.97 -0.44
N GLU E 125 8.71 -4.41 -0.73
CA GLU E 125 9.07 -4.88 -2.07
C GLU E 125 8.33 -6.18 -2.43
N ILE E 126 8.15 -7.06 -1.45
CA ILE E 126 7.41 -8.31 -1.66
C ILE E 126 5.95 -7.99 -1.98
N ALA E 127 5.33 -7.09 -1.19
CA ALA E 127 3.93 -6.71 -1.39
C ALA E 127 3.71 -6.14 -2.80
N LYS E 128 4.64 -5.30 -3.27
CA LYS E 128 4.55 -4.71 -4.60
C LYS E 128 4.77 -5.77 -5.68
N ALA E 129 5.71 -6.72 -5.48
CA ALA E 129 5.95 -7.76 -6.46
C ALA E 129 4.74 -8.69 -6.61
N ILE E 130 4.03 -9.01 -5.51
CA ILE E 130 2.84 -9.86 -5.60
C ILE E 130 1.73 -9.13 -6.36
N VAL E 131 1.56 -7.83 -6.11
CA VAL E 131 0.54 -7.03 -6.81
C VAL E 131 0.85 -7.03 -8.31
N ASP E 132 2.11 -6.77 -8.68
CA ASP E 132 2.54 -6.75 -10.07
C ASP E 132 2.31 -8.11 -10.76
N LEU E 133 2.76 -9.21 -10.14
CA LEU E 133 2.62 -10.53 -10.74
C LEU E 133 1.16 -10.96 -10.84
N ALA E 134 0.33 -10.69 -9.83
CA ALA E 134 -1.09 -11.07 -9.87
C ALA E 134 -1.81 -10.28 -10.97
N ASP E 135 -1.49 -8.99 -11.10
CA ASP E 135 -2.10 -8.11 -12.11
C ASP E 135 -1.71 -8.53 -13.51
N ARG E 136 -0.41 -8.74 -13.76
CA ARG E 136 0.04 -9.13 -15.09
C ARG E 136 -0.41 -10.57 -15.44
N SER E 137 -0.60 -11.44 -14.44
CA SER E 137 -1.07 -12.81 -14.72
C SER E 137 -2.53 -12.75 -15.21
N ARG E 138 -3.36 -11.93 -14.55
CA ARG E 138 -4.76 -11.80 -14.91
C ARG E 138 -4.97 -11.05 -16.21
N ASN E 139 -4.10 -10.08 -16.50
CA ASN E 139 -4.26 -9.26 -17.69
C ASN E 139 -3.34 -9.65 -18.85
N ASN E 140 -2.81 -10.89 -18.83
CA ASN E 140 -1.98 -11.45 -19.89
C ASN E 140 -0.76 -10.57 -20.24
N LYS E 141 -0.06 -10.08 -19.22
CA LYS E 141 1.13 -9.27 -19.42
C LYS E 141 2.40 -9.95 -18.86
N LEU E 142 2.38 -11.28 -18.66
CA LEU E 142 3.56 -11.98 -18.15
C LEU E 142 4.56 -12.22 -19.26
N LYS E 143 5.85 -12.18 -18.92
CA LYS E 143 6.93 -12.47 -19.84
C LYS E 143 7.50 -13.88 -19.53
N PRO E 144 8.19 -14.55 -20.48
CA PRO E 144 8.71 -15.90 -20.17
C PRO E 144 9.58 -15.96 -18.90
N ASN E 145 10.43 -14.94 -18.66
CA ASN E 145 11.27 -14.89 -17.46
C ASN E 145 10.42 -14.89 -16.17
N ASP E 146 9.18 -14.39 -16.23
CA ASP E 146 8.30 -14.39 -15.06
C ASP E 146 7.87 -15.78 -14.62
N LEU E 147 7.98 -16.80 -15.49
CA LEU E 147 7.51 -18.14 -15.13
C LEU E 147 8.62 -19.16 -14.92
N SER E 148 9.89 -18.80 -15.14
CA SER E 148 10.98 -19.78 -15.03
C SER E 148 11.92 -19.53 -13.83
N GLY E 149 12.72 -20.53 -13.49
CA GLY E 149 13.74 -20.46 -12.44
C GLY E 149 13.30 -20.66 -11.01
N GLY E 150 12.04 -21.03 -10.80
CA GLY E 150 11.53 -21.21 -9.45
C GLY E 150 12.27 -22.24 -8.62
N THR E 151 12.61 -21.91 -7.36
CA THR E 151 13.31 -22.85 -6.48
C THR E 151 12.42 -23.36 -5.33
N PHE E 152 11.27 -22.72 -5.09
CA PHE E 152 10.29 -23.08 -4.06
C PHE E 152 8.97 -22.39 -4.41
N THR E 153 7.84 -22.96 -3.97
CA THR E 153 6.54 -22.35 -4.27
C THR E 153 5.70 -22.15 -3.03
N ILE E 154 4.92 -21.07 -2.99
CA ILE E 154 3.90 -20.83 -1.97
C ILE E 154 2.54 -20.74 -2.68
N THR E 155 1.51 -21.43 -2.13
CA THR E 155 0.17 -21.40 -2.71
C THR E 155 -0.82 -21.06 -1.59
N ASN E 156 -1.64 -20.03 -1.80
CA ASN E 156 -2.59 -19.62 -0.77
C ASN E 156 -3.88 -20.43 -0.86
N ILE E 157 -3.83 -21.69 -0.43
CA ILE E 157 -5.01 -22.56 -0.49
C ILE E 157 -6.15 -22.08 0.42
N GLY E 158 -5.86 -21.23 1.39
CA GLY E 158 -6.90 -20.68 2.25
C GLY E 158 -7.79 -19.68 1.56
N SER E 159 -7.37 -19.14 0.40
CA SER E 159 -8.17 -18.14 -0.32
C SER E 159 -9.53 -18.67 -0.74
N GLU E 160 -9.68 -20.00 -0.90
CA GLU E 160 -10.98 -20.56 -1.24
C GLU E 160 -11.59 -21.38 -0.08
N GLY E 161 -11.15 -21.13 1.15
CA GLY E 161 -11.73 -21.71 2.36
C GLY E 161 -11.04 -22.90 3.00
N ALA E 162 -10.08 -23.53 2.30
CA ALA E 162 -9.43 -24.73 2.82
C ALA E 162 -8.60 -24.51 4.07
N LEU E 163 -8.68 -25.45 5.03
CA LEU E 163 -7.77 -25.44 6.16
C LEU E 163 -6.39 -25.92 5.73
N SER E 164 -6.36 -26.94 4.87
CA SER E 164 -5.12 -27.57 4.43
C SER E 164 -5.35 -28.34 3.10
N ASP E 165 -4.26 -28.82 2.51
CA ASP E 165 -4.26 -29.58 1.27
C ASP E 165 -2.91 -30.34 1.20
N THR E 166 -2.71 -31.16 0.17
CA THR E 166 -1.43 -31.83 -0.04
C THR E 166 -0.95 -31.35 -1.43
N PRO E 167 -0.56 -30.07 -1.54
CA PRO E 167 -0.25 -29.51 -2.87
C PRO E 167 0.82 -30.30 -3.61
N ILE E 168 0.69 -30.35 -4.94
CA ILE E 168 1.65 -31.11 -5.74
C ILE E 168 2.87 -30.25 -6.03
N LEU E 169 3.99 -30.78 -5.69
CA LEU E 169 5.30 -30.23 -5.92
C LEU E 169 5.72 -30.51 -7.37
N VAL E 170 6.40 -29.56 -8.01
CA VAL E 170 6.87 -29.77 -9.38
C VAL E 170 8.40 -29.77 -9.42
N PRO E 171 9.03 -30.95 -9.64
CA PRO E 171 10.51 -30.98 -9.78
C PRO E 171 10.95 -30.07 -10.94
N PRO E 172 12.12 -29.39 -10.83
CA PRO E 172 13.19 -29.61 -9.86
C PRO E 172 13.01 -29.01 -8.47
N GLN E 173 11.88 -28.35 -8.17
CA GLN E 173 11.66 -27.83 -6.82
C GLN E 173 11.53 -28.96 -5.82
N ALA E 174 11.87 -28.71 -4.56
CA ALA E 174 11.83 -29.73 -3.52
C ALA E 174 10.72 -29.49 -2.48
N GLY E 175 10.15 -28.28 -2.45
CA GLY E 175 9.07 -27.98 -1.52
C GLY E 175 8.03 -27.02 -2.05
N ILE E 176 6.79 -27.20 -1.61
CA ILE E 176 5.68 -26.28 -1.94
C ILE E 176 4.90 -26.11 -0.63
N LEU E 177 4.76 -24.85 -0.17
CA LEU E 177 4.07 -24.56 1.05
C LEU E 177 2.70 -23.99 0.79
N GLY E 178 1.69 -24.55 1.43
CA GLY E 178 0.35 -24.02 1.36
C GLY E 178 0.05 -23.17 2.59
N THR E 179 -0.64 -22.04 2.43
CA THR E 179 -1.06 -21.24 3.57
C THR E 179 -2.56 -21.45 3.70
N GLY E 180 -2.98 -22.20 4.71
CA GLY E 180 -4.39 -22.49 4.90
C GLY E 180 -5.18 -21.27 5.36
N ALA E 181 -6.49 -21.45 5.58
CA ALA E 181 -7.32 -20.36 6.07
C ALA E 181 -6.93 -20.02 7.50
N ILE E 182 -6.90 -18.72 7.82
CA ILE E 182 -6.60 -18.27 9.17
C ILE E 182 -7.92 -18.21 9.92
N VAL E 183 -8.04 -19.00 10.98
CA VAL E 183 -9.31 -19.14 11.70
C VAL E 183 -9.17 -18.84 13.19
N LYS E 184 -10.13 -18.10 13.76
CA LYS E 184 -10.14 -17.88 15.21
C LYS E 184 -10.49 -19.21 15.91
N ARG E 185 -9.68 -19.62 16.87
CA ARG E 185 -9.91 -20.88 17.58
C ARG E 185 -9.62 -20.72 19.07
N PRO E 186 -10.35 -21.46 19.92
CA PRO E 186 -9.99 -21.47 21.34
C PRO E 186 -8.75 -22.35 21.48
N VAL E 187 -7.67 -21.80 22.07
CA VAL E 187 -6.44 -22.55 22.25
C VAL E 187 -5.95 -22.44 23.71
N VAL E 188 -5.01 -23.31 24.11
CA VAL E 188 -4.45 -23.26 25.45
C VAL E 188 -3.24 -22.34 25.48
N ILE E 189 -3.20 -21.44 26.44
CA ILE E 189 -2.13 -20.49 26.71
C ILE E 189 -1.54 -20.81 28.09
N THR E 190 -0.20 -20.81 28.23
CA THR E 190 0.41 -21.08 29.54
C THR E 190 1.19 -19.86 30.03
N GLU E 191 0.84 -19.34 31.20
CA GLU E 191 1.50 -18.18 31.79
C GLU E 191 1.78 -18.44 33.28
N ASP E 192 3.07 -18.44 33.66
CA ASP E 192 3.53 -18.72 35.02
C ASP E 192 3.04 -20.10 35.49
N GLY E 193 3.11 -21.08 34.60
CA GLY E 193 2.69 -22.45 34.88
C GLY E 193 1.19 -22.67 34.93
N ILE E 194 0.39 -21.63 34.65
CA ILE E 194 -1.05 -21.74 34.68
C ILE E 194 -1.62 -21.81 33.26
N ASP E 195 -2.45 -22.81 32.99
CA ASP E 195 -3.07 -22.95 31.69
C ASP E 195 -4.40 -22.23 31.65
N SER E 196 -4.70 -21.59 30.53
CA SER E 196 -5.97 -20.90 30.34
C SER E 196 -6.39 -21.03 28.86
N ILE E 197 -7.65 -20.77 28.57
CA ILE E 197 -8.15 -20.86 27.21
C ILE E 197 -8.31 -19.45 26.66
N ALA E 198 -7.73 -19.20 25.48
CA ALA E 198 -7.85 -17.89 24.85
C ALA E 198 -8.18 -18.03 23.36
N ILE E 199 -8.76 -16.99 22.76
CA ILE E 199 -9.08 -17.01 21.33
C ILE E 199 -7.87 -16.52 20.57
N ARG E 200 -7.39 -17.30 19.61
CA ARG E 200 -6.24 -16.94 18.80
CA ARG E 200 -6.24 -16.93 18.80
C ARG E 200 -6.50 -17.21 17.31
N GLN E 201 -5.83 -16.47 16.44
CA GLN E 201 -5.98 -16.68 14.99
C GLN E 201 -4.96 -17.73 14.57
N MET E 202 -5.44 -18.92 14.22
CA MET E 202 -4.56 -20.04 13.91
C MET E 202 -4.58 -20.38 12.45
N VAL E 203 -3.44 -20.85 11.94
CA VAL E 203 -3.35 -21.26 10.55
C VAL E 203 -2.60 -22.58 10.44
N PHE E 204 -2.98 -23.41 9.47
CA PHE E 204 -2.23 -24.61 9.18
C PHE E 204 -1.30 -24.33 8.01
N LEU E 205 -0.06 -24.78 8.12
CA LEU E 205 0.90 -24.64 7.05
C LEU E 205 1.32 -26.03 6.57
N PRO E 206 0.61 -26.58 5.58
CA PRO E 206 1.05 -27.87 5.02
C PRO E 206 2.19 -27.66 4.04
N LEU E 207 3.28 -28.40 4.26
CA LEU E 207 4.42 -28.36 3.36
C LEU E 207 4.51 -29.67 2.62
N THR E 208 4.37 -29.65 1.29
CA THR E 208 4.66 -30.86 0.52
C THR E 208 6.13 -30.80 0.21
N TYR E 209 6.87 -31.86 0.53
CA TYR E 209 8.30 -31.89 0.27
C TYR E 209 8.67 -33.20 -0.43
N ASP E 210 9.81 -33.19 -1.13
CA ASP E 210 10.28 -34.34 -1.86
C ASP E 210 11.25 -35.07 -0.96
N HIS E 211 10.93 -36.32 -0.59
CA HIS E 211 11.79 -37.11 0.28
C HIS E 211 13.16 -37.42 -0.36
N GLN E 212 13.35 -37.17 -1.68
CA GLN E 212 14.68 -37.28 -2.27
C GLN E 212 15.61 -36.19 -1.72
N VAL E 213 15.05 -35.03 -1.36
CA VAL E 213 15.82 -33.85 -0.97
C VAL E 213 15.72 -33.54 0.53
N VAL E 214 14.54 -33.75 1.11
CA VAL E 214 14.20 -33.34 2.47
C VAL E 214 13.57 -34.50 3.22
N ASP E 215 14.04 -34.83 4.43
CA ASP E 215 13.38 -35.88 5.22
C ASP E 215 12.40 -35.20 6.24
N GLY E 216 11.64 -36.00 6.98
CA GLY E 216 10.66 -35.51 7.95
C GLY E 216 11.26 -34.60 9.01
N ALA E 217 12.49 -34.88 9.46
CA ALA E 217 13.14 -34.04 10.46
C ALA E 217 13.58 -32.71 9.83
N ASP E 218 14.13 -32.75 8.59
CA ASP E 218 14.52 -31.53 7.88
C ASP E 218 13.30 -30.64 7.65
N ALA E 219 12.15 -31.24 7.24
CA ALA E 219 10.94 -30.50 6.99
C ALA E 219 10.45 -29.83 8.30
N GLY E 220 10.48 -30.58 9.40
CA GLY E 220 10.07 -30.08 10.70
C GLY E 220 10.92 -28.91 11.18
N ARG E 221 12.25 -28.99 10.96
CA ARG E 221 13.15 -27.90 11.38
C ARG E 221 12.91 -26.66 10.53
N PHE E 222 12.69 -26.84 9.23
CA PHE E 222 12.40 -25.72 8.33
C PHE E 222 11.06 -25.05 8.71
N LEU E 223 10.01 -25.84 8.95
CA LEU E 223 8.70 -25.29 9.33
C LEU E 223 8.75 -24.66 10.72
N THR E 224 9.61 -25.16 11.63
CA THR E 224 9.75 -24.56 12.97
C THR E 224 10.39 -23.17 12.86
N THR E 225 11.37 -23.00 11.94
CA THR E 225 11.98 -21.68 11.73
C THR E 225 10.90 -20.68 11.25
N ILE E 226 10.05 -21.11 10.30
CA ILE E 226 8.95 -20.28 9.78
C ILE E 226 7.94 -19.94 10.89
N LYS E 227 7.49 -20.98 11.63
CA LYS E 227 6.54 -20.84 12.72
C LYS E 227 7.05 -19.85 13.80
N ASP E 228 8.29 -20.02 14.26
CA ASP E 228 8.85 -19.15 15.30
C ASP E 228 9.01 -17.71 14.81
N ARG E 229 9.34 -17.51 13.52
CA ARG E 229 9.46 -16.16 12.98
C ARG E 229 8.07 -15.46 12.97
N LEU E 230 7.04 -16.19 12.54
CA LEU E 230 5.69 -15.64 12.49
C LEU E 230 5.09 -15.44 13.89
N GLU E 231 5.30 -16.38 14.82
CA GLU E 231 4.75 -16.28 16.15
C GLU E 231 5.45 -15.18 16.96
N THR E 232 6.77 -14.96 16.77
CA THR E 232 7.47 -13.85 17.43
C THR E 232 6.93 -12.51 16.88
N ALA E 233 6.62 -12.48 15.56
CA ALA E 233 6.03 -11.37 14.81
C ALA E 233 6.81 -10.07 14.96
N ASN E 234 8.15 -10.15 14.99
CA ASN E 234 8.98 -8.96 15.08
C ASN E 234 9.14 -8.40 13.67
N PHE E 235 8.07 -7.81 13.12
CA PHE E 235 8.10 -7.30 11.76
C PHE E 235 7.92 -5.79 11.64
N GLU E 236 7.80 -5.04 12.75
CA GLU E 236 7.58 -3.58 12.67
C GLU E 236 8.69 -2.88 11.88
N GLY E 237 9.94 -3.20 12.17
CA GLY E 237 11.07 -2.62 11.44
C GLY E 237 11.05 -3.01 9.97
N ASP E 238 10.66 -4.27 9.70
CA ASP E 238 10.54 -4.81 8.35
C ASP E 238 9.48 -4.08 7.50
N LEU E 239 8.48 -3.45 8.13
CA LEU E 239 7.44 -2.73 7.39
C LEU E 239 7.93 -1.39 6.81
N GLN E 240 9.06 -0.85 7.32
CA GLN E 240 9.70 0.37 6.87
C GLN E 240 8.69 1.54 6.81
N LEU E 241 8.08 1.87 7.94
CA LEU E 241 7.08 2.94 7.99
C LEU E 241 7.72 4.29 8.40
N LEU F 3 26.79 -25.03 2.13
CA LEU F 3 26.06 -25.72 1.07
C LEU F 3 25.62 -24.77 -0.04
N ARG F 4 25.08 -23.59 0.33
CA ARG F 4 24.56 -22.56 -0.58
C ARG F 4 25.50 -22.24 -1.75
N GLY F 5 24.97 -22.33 -2.96
CA GLY F 5 25.73 -22.05 -4.17
C GLY F 5 26.66 -23.16 -4.60
N THR F 6 26.46 -24.40 -4.10
CA THR F 6 27.31 -25.53 -4.48
C THR F 6 26.50 -26.75 -4.96
N THR F 7 27.17 -27.69 -5.65
CA THR F 7 26.61 -28.97 -6.06
C THR F 7 27.47 -30.03 -5.37
N GLN F 8 26.85 -30.90 -4.57
CA GLN F 8 27.60 -31.92 -3.82
C GLN F 8 26.91 -33.29 -3.90
N LYS F 9 27.69 -34.36 -4.03
CA LYS F 9 27.12 -35.71 -4.05
C LYS F 9 26.57 -36.02 -2.64
N VAL F 10 25.37 -36.62 -2.56
CA VAL F 10 24.76 -36.92 -1.28
C VAL F 10 25.42 -38.16 -0.63
N ASN F 11 25.25 -38.30 0.70
CA ASN F 11 25.83 -39.45 1.40
C ASN F 11 25.02 -40.73 1.09
N ARG F 12 25.53 -41.89 1.50
CA ARG F 12 24.91 -43.18 1.23
C ARG F 12 23.47 -43.29 1.77
N ILE F 13 23.21 -42.81 2.99
CA ILE F 13 21.86 -42.87 3.57
C ILE F 13 20.87 -42.06 2.72
N ARG F 14 21.23 -40.84 2.33
CA ARG F 14 20.41 -39.97 1.51
C ARG F 14 20.18 -40.57 0.12
N GLU F 15 21.22 -41.18 -0.45
CA GLU F 15 21.11 -41.81 -1.75
C GLU F 15 20.10 -42.96 -1.72
N ILE F 16 20.22 -43.87 -0.75
CA ILE F 16 19.33 -45.02 -0.64
C ILE F 16 17.92 -44.55 -0.31
N THR F 17 17.80 -43.57 0.60
CA THR F 17 16.49 -43.03 0.96
C THR F 17 15.78 -42.42 -0.27
N ALA F 18 16.52 -41.68 -1.11
CA ALA F 18 15.92 -41.07 -2.30
C ALA F 18 15.39 -42.16 -3.24
N MET F 19 16.18 -43.21 -3.49
CA MET F 19 15.77 -44.29 -4.38
C MET F 19 14.59 -45.09 -3.81
N LYS F 20 14.67 -45.52 -2.54
CA LYS F 20 13.64 -46.35 -1.94
C LYS F 20 12.31 -45.63 -1.78
N THR F 21 12.31 -44.32 -1.44
CA THR F 21 11.03 -43.62 -1.22
C THR F 21 10.35 -43.36 -2.56
N VAL F 22 11.10 -43.04 -3.63
CA VAL F 22 10.48 -42.81 -4.94
C VAL F 22 9.83 -44.11 -5.42
N GLU F 23 10.57 -45.21 -5.32
CA GLU F 23 10.08 -46.51 -5.76
C GLU F 23 8.91 -47.01 -4.89
N ALA F 24 8.98 -46.82 -3.56
CA ALA F 24 7.96 -47.30 -2.62
C ALA F 24 6.55 -46.84 -3.00
N LEU F 25 6.40 -45.56 -3.36
CA LEU F 25 5.11 -45.00 -3.73
C LEU F 25 4.55 -45.61 -5.03
N GLN F 26 5.43 -46.15 -5.89
CA GLN F 26 4.99 -46.74 -7.16
C GLN F 26 4.73 -48.24 -7.09
N ILE F 27 5.08 -48.90 -5.97
CA ILE F 27 4.80 -50.33 -5.83
C ILE F 27 3.81 -50.59 -4.64
N SER F 28 3.06 -49.55 -4.27
CA SER F 28 2.05 -49.63 -3.23
C SER F 28 0.97 -48.56 -3.51
N ALA F 29 -0.12 -48.57 -2.73
CA ALA F 29 -1.18 -47.58 -2.89
C ALA F 29 -1.33 -46.88 -1.57
N GLN F 30 -0.48 -45.88 -1.32
CA GLN F 30 -0.45 -45.23 -0.02
C GLN F 30 -1.49 -44.13 0.16
N LEU F 31 -2.06 -44.11 1.34
CA LEU F 31 -2.98 -43.10 1.81
C LEU F 31 -2.84 -43.00 3.34
N THR F 32 -3.17 -41.82 3.89
CA THR F 32 -2.94 -41.60 5.32
C THR F 32 -4.20 -41.24 6.05
N GLN F 33 -4.62 -42.10 6.96
CA GLN F 33 -5.81 -41.88 7.76
C GLN F 33 -5.41 -41.25 9.11
N LEU F 34 -6.17 -40.28 9.59
CA LEU F 34 -5.81 -39.58 10.80
C LEU F 34 -6.86 -39.68 11.90
N HIS F 35 -6.42 -40.04 13.09
CA HIS F 35 -7.25 -40.08 14.29
C HIS F 35 -6.64 -39.17 15.37
N GLU F 36 -7.48 -38.69 16.32
CA GLU F 36 -6.97 -37.90 17.44
C GLU F 36 -7.09 -38.74 18.70
N VAL F 37 -6.09 -38.67 19.58
CA VAL F 37 -6.04 -39.49 20.79
C VAL F 37 -5.77 -38.59 21.99
N ASP F 38 -6.51 -38.80 23.08
CA ASP F 38 -6.34 -38.07 24.32
C ASP F 38 -5.25 -38.77 25.14
N MET F 39 -4.07 -38.13 25.23
CA MET F 39 -2.91 -38.65 25.95
C MET F 39 -2.81 -38.18 27.40
N THR F 40 -3.83 -37.49 27.93
CA THR F 40 -3.75 -36.93 29.28
C THR F 40 -3.52 -37.98 30.36
N ARG F 41 -4.25 -39.11 30.31
CA ARG F 41 -4.08 -40.15 31.34
C ARG F 41 -2.69 -40.80 31.25
N VAL F 42 -2.14 -40.98 30.04
CA VAL F 42 -0.78 -41.50 29.89
C VAL F 42 0.21 -40.46 30.45
N ALA F 43 -0.01 -39.17 30.15
CA ALA F 43 0.87 -38.11 30.66
C ALA F 43 0.88 -38.10 32.21
N GLU F 44 -0.29 -38.27 32.83
CA GLU F 44 -0.37 -38.28 34.30
C GLU F 44 0.31 -39.53 34.87
N LEU F 45 0.12 -40.67 34.20
CA LEU F 45 0.73 -41.94 34.65
C LEU F 45 2.24 -41.88 34.54
N ARG F 46 2.73 -41.29 33.46
CA ARG F 46 4.14 -41.12 33.20
C ARG F 46 4.76 -40.17 34.22
N LYS F 47 4.09 -39.06 34.52
CA LYS F 47 4.59 -38.09 35.51
C LYS F 47 4.66 -38.70 36.92
N LYS F 48 3.65 -39.49 37.28
CA LYS F 48 3.58 -40.12 38.58
C LYS F 48 4.63 -41.22 38.76
N ASN F 49 4.86 -42.04 37.72
CA ASN F 49 5.74 -43.19 37.85
C ASN F 49 7.14 -43.03 37.29
N LYS F 50 7.45 -41.91 36.65
CA LYS F 50 8.78 -41.68 36.08
C LYS F 50 9.93 -41.89 37.09
N PRO F 51 9.93 -41.28 38.31
CA PRO F 51 11.06 -41.53 39.23
C PRO F 51 11.25 -43.01 39.59
N ALA F 52 10.18 -43.74 39.92
CA ALA F 52 10.30 -45.16 40.26
C ALA F 52 10.72 -46.01 39.06
N PHE F 53 10.32 -45.60 37.84
CA PHE F 53 10.66 -46.33 36.62
C PHE F 53 12.16 -46.23 36.37
N ILE F 54 12.72 -45.01 36.44
CA ILE F 54 14.14 -44.75 36.24
C ILE F 54 14.97 -45.50 37.32
N GLU F 55 14.50 -45.49 38.56
CA GLU F 55 15.19 -46.13 39.66
C GLU F 55 15.26 -47.65 39.47
N LYS F 56 14.16 -48.27 39.02
CA LYS F 56 14.14 -49.73 38.87
C LYS F 56 14.75 -50.22 37.55
N HIS F 57 14.41 -49.58 36.43
CA HIS F 57 14.82 -50.07 35.12
C HIS F 57 16.05 -49.35 34.52
N GLY F 58 16.50 -48.27 35.14
CA GLY F 58 17.70 -47.58 34.69
C GLY F 58 17.60 -46.75 33.42
N VAL F 59 16.39 -46.61 32.86
CA VAL F 59 16.18 -45.78 31.68
C VAL F 59 15.03 -44.79 31.94
N ASN F 60 15.03 -43.68 31.22
CA ASN F 60 13.98 -42.68 31.35
C ASN F 60 12.67 -43.18 30.74
N LEU F 61 11.53 -42.77 31.30
CA LEU F 61 10.23 -43.17 30.78
C LEU F 61 9.66 -42.05 29.92
N THR F 62 9.65 -42.20 28.60
CA THR F 62 9.10 -41.20 27.69
C THR F 62 7.71 -41.70 27.21
N TYR F 63 7.08 -41.01 26.23
CA TYR F 63 5.81 -41.47 25.66
C TYR F 63 6.00 -42.64 24.71
N LEU F 64 7.18 -42.74 24.07
CA LEU F 64 7.42 -43.73 23.03
C LEU F 64 7.11 -45.19 23.47
N PRO F 65 7.52 -45.71 24.65
CA PRO F 65 7.15 -47.11 24.98
C PRO F 65 5.64 -47.31 25.07
N PHE F 66 4.86 -46.26 25.39
CA PHE F 66 3.39 -46.39 25.45
C PHE F 66 2.83 -46.54 24.04
N PHE F 67 3.34 -45.71 23.10
CA PHE F 67 2.91 -45.83 21.70
C PHE F 67 3.30 -47.19 21.15
N VAL F 68 4.55 -47.62 21.41
CA VAL F 68 5.04 -48.90 20.92
C VAL F 68 4.20 -50.06 21.47
N LYS F 69 3.97 -50.12 22.79
CA LYS F 69 3.17 -51.20 23.38
C LYS F 69 1.77 -51.26 22.77
N ALA F 70 1.11 -50.10 22.61
CA ALA F 70 -0.25 -50.08 22.05
C ALA F 70 -0.24 -50.52 20.58
N VAL F 71 0.74 -50.04 19.78
CA VAL F 71 0.81 -50.39 18.37
C VAL F 71 1.12 -51.89 18.19
N VAL F 72 2.06 -52.41 18.96
CA VAL F 72 2.44 -53.83 18.85
C VAL F 72 1.25 -54.72 19.24
N GLU F 73 0.52 -54.36 20.33
CA GLU F 73 -0.67 -55.15 20.70
C GLU F 73 -1.71 -55.12 19.59
N ALA F 74 -1.90 -53.96 18.96
CA ALA F 74 -2.85 -53.82 17.86
C ALA F 74 -2.40 -54.60 16.63
N LEU F 75 -1.08 -54.71 16.37
CA LEU F 75 -0.58 -55.52 15.25
C LEU F 75 -0.82 -57.03 15.51
N VAL F 76 -0.81 -57.45 16.77
CA VAL F 76 -1.13 -58.84 17.12
C VAL F 76 -2.65 -59.04 16.95
N SER F 77 -3.45 -58.06 17.43
CA SER F 77 -4.91 -58.16 17.35
C SER F 77 -5.44 -58.03 15.93
N HIS F 78 -4.72 -57.29 15.06
CA HIS F 78 -5.11 -57.06 13.67
C HIS F 78 -4.02 -57.68 12.77
N PRO F 79 -3.94 -59.03 12.70
CA PRO F 79 -2.86 -59.66 11.93
C PRO F 79 -2.86 -59.27 10.45
N ASN F 80 -4.01 -58.83 9.92
CA ASN F 80 -4.18 -58.36 8.55
C ASN F 80 -3.35 -57.08 8.27
N VAL F 81 -2.98 -56.32 9.33
CA VAL F 81 -2.14 -55.10 9.18
C VAL F 81 -0.65 -55.49 9.23
N ASN F 82 -0.30 -56.54 9.98
CA ASN F 82 1.09 -57.01 10.07
C ASN F 82 1.31 -58.02 8.98
N ALA F 83 1.22 -57.55 7.74
CA ALA F 83 1.16 -58.43 6.60
C ALA F 83 1.81 -57.82 5.33
N SER F 84 2.04 -58.64 4.30
CA SER F 84 2.62 -58.20 3.04
C SER F 84 1.84 -58.79 1.87
N PHE F 85 1.66 -58.02 0.79
CA PHE F 85 0.98 -58.52 -0.40
C PHE F 85 1.95 -58.79 -1.54
N ASN F 86 1.79 -59.93 -2.19
CA ASN F 86 2.59 -60.28 -3.35
C ASN F 86 1.70 -60.09 -4.55
N ALA F 87 1.90 -59.03 -5.32
CA ALA F 87 1.05 -58.72 -6.47
C ALA F 87 1.17 -59.72 -7.62
N LYS F 88 2.27 -60.49 -7.69
CA LYS F 88 2.44 -61.47 -8.76
C LYS F 88 1.63 -62.75 -8.46
N THR F 89 1.68 -63.25 -7.21
CA THR F 89 0.95 -64.46 -6.87
C THR F 89 -0.46 -64.19 -6.32
N LYS F 90 -0.81 -62.90 -6.05
CA LYS F 90 -2.06 -62.43 -5.44
C LYS F 90 -2.24 -63.05 -4.06
N GLU F 91 -1.15 -63.28 -3.32
CA GLU F 91 -1.23 -63.87 -2.01
C GLU F 91 -0.85 -62.88 -0.94
N MET F 92 -1.51 -62.97 0.20
CA MET F 92 -1.19 -62.17 1.35
C MET F 92 -0.42 -63.04 2.34
N THR F 93 0.67 -62.52 2.91
CA THR F 93 1.44 -63.25 3.91
C THR F 93 1.25 -62.53 5.22
N TYR F 94 0.73 -63.24 6.25
CA TYR F 94 0.47 -62.64 7.56
C TYR F 94 1.60 -63.03 8.50
N HIS F 95 2.43 -62.06 8.88
CA HIS F 95 3.65 -62.31 9.66
C HIS F 95 3.32 -62.61 11.14
N SER F 96 3.81 -63.74 11.67
CA SER F 96 3.56 -64.08 13.08
C SER F 96 4.42 -63.20 14.01
N SER F 97 5.59 -62.74 13.54
CA SER F 97 6.41 -61.83 14.31
C SER F 97 6.02 -60.39 14.05
N VAL F 98 6.04 -59.56 15.09
CA VAL F 98 5.88 -58.14 14.93
C VAL F 98 7.28 -57.57 15.00
N ASN F 99 7.86 -57.23 13.85
CA ASN F 99 9.23 -56.71 13.82
C ASN F 99 9.10 -55.22 13.61
N LEU F 100 9.13 -54.47 14.68
CA LEU F 100 8.84 -53.04 14.62
C LEU F 100 10.02 -52.16 14.31
N SER F 101 9.97 -51.52 13.15
CA SER F 101 10.99 -50.54 12.79
C SER F 101 10.67 -49.22 13.48
N ILE F 102 11.71 -48.54 13.96
CA ILE F 102 11.53 -47.26 14.63
C ILE F 102 12.43 -46.23 13.97
N ALA F 103 11.88 -45.07 13.58
CA ALA F 103 12.71 -44.04 12.96
C ALA F 103 13.66 -43.42 13.98
N VAL F 104 14.95 -43.37 13.64
CA VAL F 104 15.96 -42.81 14.53
C VAL F 104 16.81 -41.79 13.81
N ASP F 105 17.21 -40.74 14.52
CA ASP F 105 18.07 -39.72 13.95
C ASP F 105 19.54 -40.07 14.14
N THR F 106 20.35 -39.85 13.10
CA THR F 106 21.80 -40.01 13.16
C THR F 106 22.44 -38.75 12.54
N PRO F 107 23.73 -38.48 12.77
CA PRO F 107 24.36 -37.33 12.10
C PRO F 107 24.28 -37.43 10.57
N ALA F 108 24.26 -38.66 10.02
CA ALA F 108 24.24 -38.89 8.57
C ALA F 108 22.84 -38.96 7.97
N GLY F 109 21.78 -38.94 8.78
CA GLY F 109 20.42 -39.06 8.26
C GLY F 109 19.55 -40.00 9.09
N LEU F 110 18.30 -40.15 8.67
CA LEU F 110 17.36 -40.99 9.40
C LEU F 110 17.50 -42.46 9.01
N LEU F 111 17.45 -43.33 9.99
CA LEU F 111 17.48 -44.77 9.78
C LEU F 111 16.24 -45.39 10.39
N THR F 112 15.89 -46.63 10.00
CA THR F 112 14.74 -47.30 10.60
C THR F 112 15.18 -48.68 11.13
N PRO F 113 15.99 -48.73 12.22
CA PRO F 113 16.36 -50.04 12.78
C PRO F 113 15.12 -50.79 13.30
N VAL F 114 15.23 -52.11 13.40
CA VAL F 114 14.13 -53.00 13.72
C VAL F 114 14.25 -53.67 15.08
N ILE F 115 13.15 -53.68 15.84
CA ILE F 115 13.04 -54.41 17.08
C ILE F 115 12.35 -55.72 16.75
N HIS F 116 13.10 -56.82 16.67
CA HIS F 116 12.50 -58.10 16.30
C HIS F 116 11.65 -58.66 17.40
N ASP F 117 10.54 -59.31 17.02
CA ASP F 117 9.64 -59.97 17.96
C ASP F 117 9.24 -59.06 19.10
N ALA F 118 8.86 -57.83 18.75
CA ALA F 118 8.43 -56.81 19.69
C ALA F 118 7.20 -57.26 20.49
N GLN F 119 6.40 -58.24 19.97
CA GLN F 119 5.21 -58.74 20.67
C GLN F 119 5.56 -59.45 21.99
N ASP F 120 6.83 -59.89 22.16
CA ASP F 120 7.23 -60.53 23.41
C ASP F 120 7.77 -59.55 24.45
N LEU F 121 7.83 -58.26 24.16
CA LEU F 121 8.46 -57.28 25.04
C LEU F 121 7.51 -56.53 25.97
N SER F 122 8.00 -56.26 27.18
CA SER F 122 7.27 -55.45 28.15
C SER F 122 7.61 -53.96 27.91
N ILE F 123 6.94 -53.03 28.60
CA ILE F 123 7.28 -51.61 28.48
C ILE F 123 8.75 -51.36 28.95
N PRO F 124 9.24 -51.91 30.08
CA PRO F 124 10.65 -51.72 30.44
C PRO F 124 11.61 -52.26 29.36
N GLU F 125 11.28 -53.43 28.77
CA GLU F 125 12.11 -54.01 27.71
C GLU F 125 12.11 -53.14 26.46
N ILE F 126 10.96 -52.56 26.12
CA ILE F 126 10.84 -51.67 24.96
C ILE F 126 11.68 -50.42 25.19
N ALA F 127 11.57 -49.81 26.39
CA ALA F 127 12.32 -48.60 26.72
C ALA F 127 13.84 -48.83 26.57
N LYS F 128 14.32 -49.97 27.05
CA LYS F 128 15.73 -50.31 26.95
C LYS F 128 16.14 -50.60 25.51
N ALA F 129 15.29 -51.29 24.73
CA ALA F 129 15.60 -51.60 23.34
C ALA F 129 15.71 -50.35 22.51
N ILE F 130 14.84 -49.35 22.76
CA ILE F 130 14.87 -48.08 22.03
C ILE F 130 16.19 -47.34 22.32
N VAL F 131 16.62 -47.30 23.59
CA VAL F 131 17.87 -46.65 23.99
C VAL F 131 19.06 -47.32 23.29
N ASP F 132 19.10 -48.66 23.31
CA ASP F 132 20.15 -49.44 22.67
C ASP F 132 20.17 -49.21 21.15
N LEU F 133 19.03 -49.27 20.47
CA LEU F 133 18.97 -49.08 19.02
C LEU F 133 19.36 -47.69 18.60
N ALA F 134 18.88 -46.67 19.34
CA ALA F 134 19.21 -45.29 19.00
C ALA F 134 20.71 -45.05 19.18
N ASP F 135 21.30 -45.62 20.23
CA ASP F 135 22.74 -45.47 20.49
C ASP F 135 23.56 -46.12 19.39
N ARG F 136 23.25 -47.37 19.05
CA ARG F 136 23.99 -48.08 18.03
C ARG F 136 23.73 -47.51 16.64
N SER F 137 22.56 -46.87 16.39
CA SER F 137 22.33 -46.22 15.09
C SER F 137 23.21 -44.97 14.97
N ARG F 138 23.28 -44.15 16.02
CA ARG F 138 24.11 -42.94 16.00
C ARG F 138 25.60 -43.25 15.94
N ASN F 139 26.03 -44.35 16.56
CA ASN F 139 27.44 -44.70 16.62
C ASN F 139 27.86 -45.78 15.61
N ASN F 140 27.01 -46.06 14.60
CA ASN F 140 27.30 -47.02 13.52
C ASN F 140 27.68 -48.42 14.02
N LYS F 141 26.96 -48.93 15.02
CA LYS F 141 27.21 -50.26 15.54
C LYS F 141 26.00 -51.19 15.33
N LEU F 142 25.19 -50.97 14.26
CA LEU F 142 24.09 -51.87 13.98
C LEU F 142 24.59 -53.19 13.41
N LYS F 143 23.80 -54.26 13.58
CA LYS F 143 24.09 -55.58 13.01
C LYS F 143 22.99 -55.96 11.99
N PRO F 144 23.19 -57.00 11.13
CA PRO F 144 22.17 -57.31 10.11
C PRO F 144 20.78 -57.55 10.67
N ASN F 145 20.68 -58.10 11.88
CA ASN F 145 19.38 -58.37 12.47
C ASN F 145 18.65 -57.06 12.77
N ASP F 146 19.37 -56.00 13.18
CA ASP F 146 18.74 -54.70 13.43
C ASP F 146 18.24 -54.03 12.18
N LEU F 147 18.58 -54.52 10.98
CA LEU F 147 18.19 -53.84 9.74
C LEU F 147 17.21 -54.60 8.88
N SER F 148 16.92 -55.85 9.21
CA SER F 148 16.11 -56.70 8.35
C SER F 148 14.80 -57.12 8.97
N GLY F 149 13.86 -57.50 8.11
CA GLY F 149 12.60 -58.13 8.47
C GLY F 149 11.53 -57.26 9.10
N GLY F 150 11.62 -55.94 8.97
CA GLY F 150 10.59 -55.04 9.51
C GLY F 150 9.19 -55.35 8.95
N THR F 151 8.18 -55.41 9.82
CA THR F 151 6.80 -55.70 9.39
C THR F 151 5.88 -54.47 9.54
N PHE F 152 6.31 -53.44 10.27
CA PHE F 152 5.59 -52.19 10.50
C PHE F 152 6.58 -51.14 11.01
N THR F 153 6.29 -49.86 10.83
CA THR F 153 7.19 -48.81 11.30
C THR F 153 6.47 -47.74 12.13
N ILE F 154 7.16 -47.19 13.15
CA ILE F 154 6.67 -46.04 13.90
C ILE F 154 7.67 -44.91 13.71
N THR F 155 7.18 -43.67 13.44
CA THR F 155 8.08 -42.54 13.27
C THR F 155 7.56 -41.39 14.13
N ASN F 156 8.43 -40.83 14.99
CA ASN F 156 7.99 -39.74 15.86
C ASN F 156 8.10 -38.39 15.14
N ILE F 157 7.17 -38.13 14.24
CA ILE F 157 7.19 -36.87 13.49
C ILE F 157 7.01 -35.64 14.40
N GLY F 158 6.39 -35.81 15.56
CA GLY F 158 6.22 -34.73 16.51
C GLY F 158 7.50 -34.24 17.15
N SER F 159 8.61 -35.00 17.04
CA SER F 159 9.89 -34.58 17.63
C SER F 159 10.41 -33.27 17.04
N GLU F 160 10.02 -32.94 15.80
CA GLU F 160 10.44 -31.67 15.21
C GLU F 160 9.26 -30.67 15.04
N GLY F 161 8.19 -30.86 15.83
CA GLY F 161 7.07 -29.93 15.89
C GLY F 161 5.81 -30.23 15.10
N ALA F 162 5.84 -31.21 14.20
CA ALA F 162 4.69 -31.48 13.33
C ALA F 162 3.46 -31.99 14.06
N LEU F 163 2.28 -31.53 13.66
CA LEU F 163 1.04 -32.12 14.16
C LEU F 163 0.79 -33.45 13.46
N SER F 164 1.09 -33.50 12.15
CA SER F 164 0.83 -34.66 11.32
C SER F 164 1.68 -34.62 10.05
N ASP F 165 1.68 -35.72 9.30
CA ASP F 165 2.43 -35.85 8.04
C ASP F 165 1.77 -37.01 7.27
N THR F 166 2.24 -37.32 6.05
CA THR F 166 1.76 -38.50 5.30
C THR F 166 3.01 -39.36 5.07
N PRO F 167 3.57 -39.96 6.15
CA PRO F 167 4.86 -40.66 6.03
C PRO F 167 4.85 -41.73 4.96
N ILE F 168 5.99 -41.93 4.31
CA ILE F 168 6.07 -42.90 3.25
C ILE F 168 6.37 -44.29 3.83
N LEU F 169 5.48 -45.28 3.55
CA LEU F 169 5.76 -46.63 3.99
C LEU F 169 6.68 -47.28 2.96
N VAL F 170 7.43 -48.27 3.41
CA VAL F 170 8.36 -48.97 2.53
C VAL F 170 7.97 -50.44 2.41
N PRO F 171 7.44 -50.84 1.25
CA PRO F 171 7.11 -52.28 1.04
C PRO F 171 8.34 -53.16 1.27
N PRO F 172 8.16 -54.38 1.83
CA PRO F 172 6.90 -55.13 1.96
C PRO F 172 6.02 -54.77 3.17
N GLN F 173 6.36 -53.73 3.95
CA GLN F 173 5.50 -53.30 5.05
C GLN F 173 4.19 -52.73 4.52
N ALA F 174 3.13 -52.83 5.31
CA ALA F 174 1.82 -52.33 4.89
C ALA F 174 1.38 -51.08 5.64
N GLY F 175 2.12 -50.66 6.67
CA GLY F 175 1.74 -49.48 7.43
C GLY F 175 2.91 -48.80 8.10
N ILE F 176 2.79 -47.48 8.28
CA ILE F 176 3.75 -46.67 9.02
C ILE F 176 2.94 -45.65 9.82
N LEU F 177 3.10 -45.67 11.13
CA LEU F 177 2.39 -44.78 12.01
C LEU F 177 3.25 -43.62 12.46
N GLY F 178 2.74 -42.41 12.31
CA GLY F 178 3.43 -41.23 12.81
C GLY F 178 2.83 -40.82 14.14
N THR F 179 3.66 -40.39 15.10
CA THR F 179 3.14 -39.87 16.35
C THR F 179 3.37 -38.36 16.29
N GLY F 180 2.31 -37.60 16.09
CA GLY F 180 2.42 -36.15 16.01
C GLY F 180 2.78 -35.52 17.34
N ALA F 181 2.91 -34.19 17.36
CA ALA F 181 3.22 -33.48 18.59
C ALA F 181 2.02 -33.60 19.55
N ILE F 182 2.31 -33.79 20.84
CA ILE F 182 1.27 -33.85 21.88
C ILE F 182 1.03 -32.42 22.32
N VAL F 183 -0.18 -31.91 22.12
CA VAL F 183 -0.47 -30.50 22.40
C VAL F 183 -1.65 -30.32 23.34
N LYS F 184 -1.56 -29.41 24.32
CA LYS F 184 -2.70 -29.10 25.18
C LYS F 184 -3.74 -28.36 24.36
N ARG F 185 -4.99 -28.84 24.39
CA ARG F 185 -6.08 -28.24 23.63
C ARG F 185 -7.35 -28.19 24.44
N PRO F 186 -8.20 -27.18 24.21
CA PRO F 186 -9.52 -27.20 24.85
C PRO F 186 -10.38 -28.19 24.07
N VAL F 187 -10.95 -29.18 24.74
CA VAL F 187 -11.77 -30.19 24.09
C VAL F 187 -13.11 -30.36 24.83
N VAL F 188 -14.09 -31.00 24.18
CA VAL F 188 -15.37 -31.28 24.82
C VAL F 188 -15.30 -32.64 25.51
N ILE F 189 -15.69 -32.68 26.76
CA ILE F 189 -15.75 -33.87 27.60
C ILE F 189 -17.22 -34.15 27.92
N THR F 190 -17.66 -35.40 27.74
CA THR F 190 -19.04 -35.76 28.04
C THR F 190 -19.08 -36.67 29.27
N GLU F 191 -19.42 -36.11 30.43
CA GLU F 191 -19.50 -36.89 31.66
C GLU F 191 -20.94 -36.96 32.13
N ASP F 192 -21.53 -38.18 32.13
CA ASP F 192 -22.90 -38.45 32.55
C ASP F 192 -23.92 -37.70 31.68
N GLY F 193 -23.66 -37.65 30.38
CA GLY F 193 -24.54 -36.94 29.44
C GLY F 193 -24.41 -35.42 29.47
N ILE F 194 -23.51 -34.88 30.30
CA ILE F 194 -23.32 -33.43 30.39
C ILE F 194 -22.02 -33.04 29.69
N ASP F 195 -22.09 -32.07 28.77
CA ASP F 195 -20.89 -31.63 28.05
C ASP F 195 -20.19 -30.50 28.79
N SER F 196 -18.87 -30.52 28.79
CA SER F 196 -18.08 -29.45 29.39
C SER F 196 -16.78 -29.28 28.59
N ILE F 197 -16.08 -28.16 28.78
CA ILE F 197 -14.83 -27.90 28.07
C ILE F 197 -13.69 -28.11 29.04
N ALA F 198 -12.70 -28.93 28.66
CA ALA F 198 -11.56 -29.18 29.52
C ALA F 198 -10.26 -29.11 28.71
N ILE F 199 -9.13 -28.87 29.39
CA ILE F 199 -7.84 -28.85 28.73
C ILE F 199 -7.29 -30.28 28.75
N ARG F 200 -6.98 -30.82 27.58
CA ARG F 200 -6.44 -32.18 27.48
C ARG F 200 -5.22 -32.21 26.57
N GLN F 201 -4.31 -33.17 26.78
CA GLN F 201 -3.14 -33.31 25.92
C GLN F 201 -3.52 -34.18 24.76
N MET F 202 -3.67 -33.60 23.58
CA MET F 202 -4.15 -34.31 22.40
C MET F 202 -3.04 -34.58 21.41
N VAL F 203 -3.11 -35.72 20.73
CA VAL F 203 -2.14 -36.08 19.72
C VAL F 203 -2.85 -36.59 18.45
N PHE F 204 -2.29 -36.29 17.29
CA PHE F 204 -2.76 -36.86 16.04
C PHE F 204 -1.92 -38.06 15.71
N LEU F 205 -2.56 -39.15 15.30
CA LEU F 205 -1.86 -40.34 14.88
C LEU F 205 -2.16 -40.60 13.40
N PRO F 206 -1.37 -40.03 12.49
CA PRO F 206 -1.57 -40.36 11.08
C PRO F 206 -0.99 -41.74 10.76
N LEU F 207 -1.78 -42.58 10.15
CA LEU F 207 -1.32 -43.89 9.70
C LEU F 207 -1.28 -43.91 8.20
N THR F 208 -0.08 -44.07 7.60
CA THR F 208 -0.03 -44.33 6.17
C THR F 208 -0.16 -45.82 6.00
N TYR F 209 -1.09 -46.26 5.17
CA TYR F 209 -1.30 -47.67 4.94
C TYR F 209 -1.34 -47.95 3.45
N ASP F 210 -1.05 -49.20 3.08
CA ASP F 210 -1.07 -49.62 1.69
C ASP F 210 -2.43 -50.22 1.40
N HIS F 211 -3.19 -49.60 0.48
CA HIS F 211 -4.52 -50.09 0.13
C HIS F 211 -4.49 -51.49 -0.53
N GLN F 212 -3.29 -51.99 -0.93
CA GLN F 212 -3.23 -53.39 -1.40
C GLN F 212 -3.52 -54.37 -0.24
N VAL F 213 -3.19 -53.96 0.99
CA VAL F 213 -3.26 -54.83 2.17
C VAL F 213 -4.36 -54.45 3.15
N VAL F 214 -4.58 -53.14 3.34
CA VAL F 214 -5.48 -52.58 4.34
C VAL F 214 -6.44 -51.60 3.70
N ASP F 215 -7.77 -51.74 3.93
CA ASP F 215 -8.69 -50.73 3.41
C ASP F 215 -8.97 -49.69 4.52
N GLY F 216 -9.74 -48.64 4.20
CA GLY F 216 -9.99 -47.57 5.15
C GLY F 216 -10.67 -48.03 6.43
N ALA F 217 -11.60 -49.01 6.33
CA ALA F 217 -12.28 -49.52 7.54
C ALA F 217 -11.32 -50.37 8.38
N ASP F 218 -10.46 -51.18 7.74
CA ASP F 218 -9.41 -51.95 8.46
C ASP F 218 -8.45 -50.98 9.19
N ALA F 219 -8.08 -49.88 8.52
CA ALA F 219 -7.19 -48.90 9.13
C ALA F 219 -7.86 -48.26 10.35
N GLY F 220 -9.15 -47.94 10.21
CA GLY F 220 -9.93 -47.33 11.29
C GLY F 220 -10.09 -48.22 12.50
N ARG F 221 -10.33 -49.51 12.27
CA ARG F 221 -10.45 -50.48 13.38
C ARG F 221 -9.11 -50.67 14.09
N PHE F 222 -8.03 -50.71 13.33
CA PHE F 222 -6.67 -50.84 13.90
C PHE F 222 -6.32 -49.60 14.75
N LEU F 223 -6.59 -48.40 14.22
CA LEU F 223 -6.31 -47.17 14.96
C LEU F 223 -7.25 -47.02 16.17
N THR F 224 -8.49 -47.55 16.10
CA THR F 224 -9.41 -47.47 17.25
C THR F 224 -8.89 -48.35 18.40
N THR F 225 -8.33 -49.52 18.09
CA THR F 225 -7.73 -50.39 19.11
C THR F 225 -6.58 -49.63 19.84
N ILE F 226 -5.72 -48.97 19.06
CA ILE F 226 -4.61 -48.18 19.59
C ILE F 226 -5.11 -47.02 20.46
N LYS F 227 -6.06 -46.23 19.91
CA LYS F 227 -6.63 -45.08 20.58
C LYS F 227 -7.28 -45.48 21.92
N ASP F 228 -8.09 -46.53 21.93
CA ASP F 228 -8.78 -46.97 23.15
C ASP F 228 -7.79 -47.47 24.21
N ARG F 229 -6.71 -48.15 23.78
CA ARG F 229 -5.69 -48.62 24.71
C ARG F 229 -4.98 -47.42 25.38
N LEU F 230 -4.60 -46.42 24.57
CA LEU F 230 -3.92 -45.24 25.09
C LEU F 230 -4.83 -44.36 25.95
N GLU F 231 -6.09 -44.17 25.53
CA GLU F 231 -7.01 -43.31 26.30
C GLU F 231 -7.41 -43.97 27.61
N THR F 232 -7.58 -45.30 27.65
CA THR F 232 -7.88 -45.98 28.92
C THR F 232 -6.65 -45.87 29.86
N ALA F 233 -5.44 -45.94 29.28
CA ALA F 233 -4.13 -45.80 29.94
C ALA F 233 -3.96 -46.74 31.12
N ASN F 234 -4.43 -47.98 30.99
CA ASN F 234 -4.25 -48.97 32.05
C ASN F 234 -2.85 -49.59 31.88
N PHE F 235 -1.81 -48.84 32.21
CA PHE F 235 -0.43 -49.29 32.02
C PHE F 235 0.37 -49.44 33.31
N GLU F 236 -0.21 -49.21 34.51
CA GLU F 236 0.56 -49.30 35.76
C GLU F 236 1.19 -50.68 35.94
N GLY F 237 0.41 -51.75 35.74
CA GLY F 237 0.94 -53.10 35.85
C GLY F 237 2.02 -53.37 34.81
N ASP F 238 1.84 -52.82 33.59
CA ASP F 238 2.78 -52.95 32.48
C ASP F 238 4.15 -52.28 32.80
N LEU F 239 4.18 -51.29 33.70
CA LEU F 239 5.45 -50.62 34.05
C LEU F 239 6.36 -51.47 34.94
N GLN F 240 5.81 -52.55 35.56
CA GLN F 240 6.53 -53.49 36.41
C GLN F 240 7.38 -52.78 37.47
N LEU F 241 6.74 -51.96 38.31
CA LEU F 241 7.45 -51.21 39.35
C LEU F 241 7.50 -51.96 40.68
#